data_6E3M
# 
_entry.id   6E3M 
# 
_audit_conform.dict_name       mmcif_pdbx.dic 
_audit_conform.dict_version    5.387 
_audit_conform.dict_location   http://mmcif.pdb.org/dictionaries/ascii/mmcif_pdbx.dic 
# 
loop_
_database_2.database_id 
_database_2.database_code 
_database_2.pdbx_database_accession 
_database_2.pdbx_DOI 
PDB   6E3M         pdb_00006e3m 10.2210/pdb6e3m/pdb 
WWPDB D_1000235659 ?            ?                   
# 
loop_
_pdbx_audit_revision_history.ordinal 
_pdbx_audit_revision_history.data_content_type 
_pdbx_audit_revision_history.major_revision 
_pdbx_audit_revision_history.minor_revision 
_pdbx_audit_revision_history.revision_date 
1 'Structure model' 1 0 2019-07-17 
2 'Structure model' 1 1 2020-01-01 
3 'Structure model' 1 2 2020-01-29 
4 'Structure model' 1 3 2024-03-13 
# 
_pdbx_audit_revision_details.ordinal             1 
_pdbx_audit_revision_details.revision_ordinal    1 
_pdbx_audit_revision_details.data_content_type   'Structure model' 
_pdbx_audit_revision_details.provider            repository 
_pdbx_audit_revision_details.type                'Initial release' 
_pdbx_audit_revision_details.description         ? 
_pdbx_audit_revision_details.details             ? 
# 
loop_
_pdbx_audit_revision_group.ordinal 
_pdbx_audit_revision_group.revision_ordinal 
_pdbx_audit_revision_group.data_content_type 
_pdbx_audit_revision_group.group 
1 2 'Structure model' 'Author supporting evidence' 
2 3 'Structure model' 'Database references'        
3 4 'Structure model' 'Data collection'            
4 4 'Structure model' 'Database references'        
5 4 'Structure model' 'Derived calculations'       
# 
loop_
_pdbx_audit_revision_category.ordinal 
_pdbx_audit_revision_category.revision_ordinal 
_pdbx_audit_revision_category.data_content_type 
_pdbx_audit_revision_category.category 
1 2 'Structure model' pdbx_audit_support     
2 3 'Structure model' citation               
3 3 'Structure model' citation_author        
4 4 'Structure model' chem_comp_atom         
5 4 'Structure model' chem_comp_bond         
6 4 'Structure model' database_2             
7 4 'Structure model' pdbx_struct_conn_angle 
8 4 'Structure model' struct_conn            
# 
loop_
_pdbx_audit_revision_item.ordinal 
_pdbx_audit_revision_item.revision_ordinal 
_pdbx_audit_revision_item.data_content_type 
_pdbx_audit_revision_item.item 
1  2 'Structure model' '_pdbx_audit_support.funding_organization'    
2  3 'Structure model' '_citation.country'                           
3  3 'Structure model' '_citation.journal_abbrev'                    
4  3 'Structure model' '_citation.journal_id_ASTM'                   
5  3 'Structure model' '_citation.journal_id_CSD'                    
6  3 'Structure model' '_citation.journal_id_ISSN'                   
7  3 'Structure model' '_citation.journal_volume'                    
8  3 'Structure model' '_citation.page_first'                        
9  3 'Structure model' '_citation.page_last'                         
10 3 'Structure model' '_citation.pdbx_database_id_DOI'              
11 3 'Structure model' '_citation.pdbx_database_id_PubMed'           
12 3 'Structure model' '_citation.title'                             
13 3 'Structure model' '_citation.year'                              
14 4 'Structure model' '_database_2.pdbx_DOI'                        
15 4 'Structure model' '_database_2.pdbx_database_accession'         
16 4 'Structure model' '_pdbx_struct_conn_angle.ptnr1_auth_comp_id'  
17 4 'Structure model' '_pdbx_struct_conn_angle.ptnr1_auth_seq_id'   
18 4 'Structure model' '_pdbx_struct_conn_angle.ptnr1_label_asym_id' 
19 4 'Structure model' '_pdbx_struct_conn_angle.ptnr1_label_atom_id' 
20 4 'Structure model' '_pdbx_struct_conn_angle.ptnr1_label_comp_id' 
21 4 'Structure model' '_pdbx_struct_conn_angle.ptnr3_auth_comp_id'  
22 4 'Structure model' '_pdbx_struct_conn_angle.ptnr3_auth_seq_id'   
23 4 'Structure model' '_pdbx_struct_conn_angle.ptnr3_label_asym_id' 
24 4 'Structure model' '_pdbx_struct_conn_angle.ptnr3_label_atom_id' 
25 4 'Structure model' '_pdbx_struct_conn_angle.ptnr3_label_comp_id' 
26 4 'Structure model' '_pdbx_struct_conn_angle.value'               
27 4 'Structure model' '_struct_conn.pdbx_dist_value'                
28 4 'Structure model' '_struct_conn.ptnr1_label_atom_id'            
29 4 'Structure model' '_struct_conn.ptnr2_auth_comp_id'             
30 4 'Structure model' '_struct_conn.ptnr2_auth_seq_id'              
31 4 'Structure model' '_struct_conn.ptnr2_label_asym_id'            
32 4 'Structure model' '_struct_conn.ptnr2_label_atom_id'            
33 4 'Structure model' '_struct_conn.ptnr2_label_comp_id'            
# 
_pdbx_database_status.status_code                     REL 
_pdbx_database_status.status_code_sf                  REL 
_pdbx_database_status.status_code_mr                  ? 
_pdbx_database_status.entry_id                        6E3M 
_pdbx_database_status.recvd_initial_deposition_date   2018-07-14 
_pdbx_database_status.SG_entry                        N 
_pdbx_database_status.deposit_site                    RCSB 
_pdbx_database_status.process_site                    RCSB 
_pdbx_database_status.status_code_cs                  ? 
_pdbx_database_status.methods_development_category    ? 
_pdbx_database_status.pdb_format_compatible           Y 
_pdbx_database_status.status_code_nmr_data            ? 
# 
loop_
_audit_author.name 
_audit_author.pdbx_ordinal 
_audit_author.identifier_ORCID 
'Morrison, C.N.' 1 0000-0002-4180-8407 
'Dick, B.L.'     2 ?                   
'Credille, C.V.' 3 ?                   
'Cohen, S.M.'    4 0000-0002-5233-2280 
# 
_citation.abstract                  ? 
_citation.abstract_id_CAS           ? 
_citation.book_id_ISBN              ? 
_citation.book_publisher            ? 
_citation.book_publisher_city       ? 
_citation.book_title                ? 
_citation.coordinate_linkage        ? 
_citation.country                   US 
_citation.database_id_Medline       ? 
_citation.details                   ? 
_citation.id                        primary 
_citation.journal_abbrev            J.Med.Chem. 
_citation.journal_id_ASTM           JMCMAR 
_citation.journal_id_CSD            0151 
_citation.journal_id_ISSN           0022-2623 
_citation.journal_full              ? 
_citation.journal_issue             ? 
_citation.journal_volume            62 
_citation.language                  ? 
_citation.page_first                9438 
_citation.page_last                 9449 
_citation.title                     'SAR Exploration of Tight-Binding Inhibitors of Influenza Virus PA Endonuclease.' 
_citation.year                      2019 
_citation.database_id_CSD           ? 
_citation.pdbx_database_id_DOI      10.1021/acs.jmedchem.9b00747 
_citation.pdbx_database_id_PubMed   31536340 
_citation.unpublished_flag          ? 
# 
loop_
_citation_author.citation_id 
_citation_author.name 
_citation_author.ordinal 
_citation_author.identifier_ORCID 
primary 'Credille, C.V.' 1 ?                   
primary 'Morrison, C.N.' 2 0000-0002-4180-8407 
primary 'Stokes, R.W.'   3 ?                   
primary 'Dick, B.L.'     4 ?                   
primary 'Feng, Y.'       5 ?                   
primary 'Sun, J.'        6 ?                   
primary 'Chen, Y.'       7 0000-0002-3465-7380 
primary 'Cohen, S.M.'    8 0000-0002-5233-2280 
# 
loop_
_entity.id 
_entity.type 
_entity.src_method 
_entity.pdbx_description 
_entity.formula_weight 
_entity.pdbx_number_of_molecules 
_entity.pdbx_ec 
_entity.pdbx_mutation 
_entity.pdbx_fragment 
_entity.details 
1 polymer     man 'Polymerase acidic protein'                                                 22468.666 1  3.1.-.- ? 
'N-terminal domain (UNP residues 1-198)' ? 
2 non-polymer syn 'MANGANESE (II) ION'                                                        54.938    2  ?       ? ? ? 
3 non-polymer syn 1,2-ETHANEDIOL                                                              62.068    1  ?       ? ? ? 
4 non-polymer syn '6-(3-carboxyphenyl)-3-hydroxy-4-oxo-1,4-dihydropyridine-2-carboxylic acid' 275.214   1  ?       ? ? ? 
5 water       nat water                                                                       18.015    25 ?       ? ? ? 
# 
_entity_name_com.entity_id   1 
_entity_name_com.name        'RNA-directed RNA polymerase subunit P2' 
# 
_entity_poly.entity_id                      1 
_entity_poly.type                           'polypeptide(L)' 
_entity_poly.nstd_linkage                   no 
_entity_poly.nstd_monomer                   no 
_entity_poly.pdbx_seq_one_letter_code       
;MGSGMAMEDFVRQCFNPMIVELAEKAMKEYGEDPKIETNKFAAICTHLEVCFMYSDFGSGDPNALLKHRFEIIEGRDRIM
AWTVVNSICNTTGVEKPKFLPDLYDYKENRFIEIGVTRREVHIYYLEKANKIKSEKTHIHIFSFTGEEMATKADYTLDEE
SRARIKTRLFTIRQEMASRSLWDSFRQSERGE
;
_entity_poly.pdbx_seq_one_letter_code_can   
;MGSGMAMEDFVRQCFNPMIVELAEKAMKEYGEDPKIETNKFAAICTHLEVCFMYSDFGSGDPNALLKHRFEIIEGRDRIM
AWTVVNSICNTTGVEKPKFLPDLYDYKENRFIEIGVTRREVHIYYLEKANKIKSEKTHIHIFSFTGEEMATKADYTLDEE
SRARIKTRLFTIRQEMASRSLWDSFRQSERGE
;
_entity_poly.pdbx_strand_id                 A 
_entity_poly.pdbx_target_identifier         ? 
# 
loop_
_pdbx_entity_nonpoly.entity_id 
_pdbx_entity_nonpoly.name 
_pdbx_entity_nonpoly.comp_id 
2 'MANGANESE (II) ION'                                                        MN  
3 1,2-ETHANEDIOL                                                              EDO 
4 '6-(3-carboxyphenyl)-3-hydroxy-4-oxo-1,4-dihydropyridine-2-carboxylic acid' HOG 
5 water                                                                       HOH 
# 
loop_
_entity_poly_seq.entity_id 
_entity_poly_seq.num 
_entity_poly_seq.mon_id 
_entity_poly_seq.hetero 
1 1   MET n 
1 2   GLY n 
1 3   SER n 
1 4   GLY n 
1 5   MET n 
1 6   ALA n 
1 7   MET n 
1 8   GLU n 
1 9   ASP n 
1 10  PHE n 
1 11  VAL n 
1 12  ARG n 
1 13  GLN n 
1 14  CYS n 
1 15  PHE n 
1 16  ASN n 
1 17  PRO n 
1 18  MET n 
1 19  ILE n 
1 20  VAL n 
1 21  GLU n 
1 22  LEU n 
1 23  ALA n 
1 24  GLU n 
1 25  LYS n 
1 26  ALA n 
1 27  MET n 
1 28  LYS n 
1 29  GLU n 
1 30  TYR n 
1 31  GLY n 
1 32  GLU n 
1 33  ASP n 
1 34  PRO n 
1 35  LYS n 
1 36  ILE n 
1 37  GLU n 
1 38  THR n 
1 39  ASN n 
1 40  LYS n 
1 41  PHE n 
1 42  ALA n 
1 43  ALA n 
1 44  ILE n 
1 45  CYS n 
1 46  THR n 
1 47  HIS n 
1 48  LEU n 
1 49  GLU n 
1 50  VAL n 
1 51  CYS n 
1 52  PHE n 
1 53  MET n 
1 54  TYR n 
1 55  SER n 
1 56  ASP n 
1 57  PHE n 
1 58  GLY n 
1 59  SER n 
1 60  GLY n 
1 61  ASP n 
1 62  PRO n 
1 63  ASN n 
1 64  ALA n 
1 65  LEU n 
1 66  LEU n 
1 67  LYS n 
1 68  HIS n 
1 69  ARG n 
1 70  PHE n 
1 71  GLU n 
1 72  ILE n 
1 73  ILE n 
1 74  GLU n 
1 75  GLY n 
1 76  ARG n 
1 77  ASP n 
1 78  ARG n 
1 79  ILE n 
1 80  MET n 
1 81  ALA n 
1 82  TRP n 
1 83  THR n 
1 84  VAL n 
1 85  VAL n 
1 86  ASN n 
1 87  SER n 
1 88  ILE n 
1 89  CYS n 
1 90  ASN n 
1 91  THR n 
1 92  THR n 
1 93  GLY n 
1 94  VAL n 
1 95  GLU n 
1 96  LYS n 
1 97  PRO n 
1 98  LYS n 
1 99  PHE n 
1 100 LEU n 
1 101 PRO n 
1 102 ASP n 
1 103 LEU n 
1 104 TYR n 
1 105 ASP n 
1 106 TYR n 
1 107 LYS n 
1 108 GLU n 
1 109 ASN n 
1 110 ARG n 
1 111 PHE n 
1 112 ILE n 
1 113 GLU n 
1 114 ILE n 
1 115 GLY n 
1 116 VAL n 
1 117 THR n 
1 118 ARG n 
1 119 ARG n 
1 120 GLU n 
1 121 VAL n 
1 122 HIS n 
1 123 ILE n 
1 124 TYR n 
1 125 TYR n 
1 126 LEU n 
1 127 GLU n 
1 128 LYS n 
1 129 ALA n 
1 130 ASN n 
1 131 LYS n 
1 132 ILE n 
1 133 LYS n 
1 134 SER n 
1 135 GLU n 
1 136 LYS n 
1 137 THR n 
1 138 HIS n 
1 139 ILE n 
1 140 HIS n 
1 141 ILE n 
1 142 PHE n 
1 143 SER n 
1 144 PHE n 
1 145 THR n 
1 146 GLY n 
1 147 GLU n 
1 148 GLU n 
1 149 MET n 
1 150 ALA n 
1 151 THR n 
1 152 LYS n 
1 153 ALA n 
1 154 ASP n 
1 155 TYR n 
1 156 THR n 
1 157 LEU n 
1 158 ASP n 
1 159 GLU n 
1 160 GLU n 
1 161 SER n 
1 162 ARG n 
1 163 ALA n 
1 164 ARG n 
1 165 ILE n 
1 166 LYS n 
1 167 THR n 
1 168 ARG n 
1 169 LEU n 
1 170 PHE n 
1 171 THR n 
1 172 ILE n 
1 173 ARG n 
1 174 GLN n 
1 175 GLU n 
1 176 MET n 
1 177 ALA n 
1 178 SER n 
1 179 ARG n 
1 180 SER n 
1 181 LEU n 
1 182 TRP n 
1 183 ASP n 
1 184 SER n 
1 185 PHE n 
1 186 ARG n 
1 187 GLN n 
1 188 SER n 
1 189 GLU n 
1 190 ARG n 
1 191 GLY n 
1 192 GLU n 
# 
_entity_src_gen.entity_id                          1 
_entity_src_gen.pdbx_src_id                        1 
_entity_src_gen.pdbx_alt_source_flag               sample 
_entity_src_gen.pdbx_seq_type                      'Biological sequence' 
_entity_src_gen.pdbx_beg_seq_num                   1 
_entity_src_gen.pdbx_end_seq_num                   192 
_entity_src_gen.gene_src_common_name               ? 
_entity_src_gen.gene_src_genus                     ? 
_entity_src_gen.pdbx_gene_src_gene                 PA 
_entity_src_gen.gene_src_species                   ? 
_entity_src_gen.gene_src_strain                    'swl A/California/04/2009 H1N1' 
_entity_src_gen.gene_src_tissue                    ? 
_entity_src_gen.gene_src_tissue_fraction           ? 
_entity_src_gen.gene_src_details                   ? 
_entity_src_gen.pdbx_gene_src_fragment             ? 
_entity_src_gen.pdbx_gene_src_scientific_name      'Influenza A virus' 
_entity_src_gen.pdbx_gene_src_ncbi_taxonomy_id     641501 
_entity_src_gen.pdbx_gene_src_variant              ? 
_entity_src_gen.pdbx_gene_src_cell_line            ? 
_entity_src_gen.pdbx_gene_src_atcc                 ? 
_entity_src_gen.pdbx_gene_src_organ                ? 
_entity_src_gen.pdbx_gene_src_organelle            ? 
_entity_src_gen.pdbx_gene_src_cell                 ? 
_entity_src_gen.pdbx_gene_src_cellular_location    ? 
_entity_src_gen.host_org_common_name               ? 
_entity_src_gen.pdbx_host_org_scientific_name      'Escherichia coli BL21' 
_entity_src_gen.pdbx_host_org_ncbi_taxonomy_id     511693 
_entity_src_gen.host_org_genus                     ? 
_entity_src_gen.pdbx_host_org_gene                 ? 
_entity_src_gen.pdbx_host_org_organ                ? 
_entity_src_gen.host_org_species                   ? 
_entity_src_gen.pdbx_host_org_tissue               ? 
_entity_src_gen.pdbx_host_org_tissue_fraction      ? 
_entity_src_gen.pdbx_host_org_strain               ? 
_entity_src_gen.pdbx_host_org_variant              ? 
_entity_src_gen.pdbx_host_org_cell_line            ? 
_entity_src_gen.pdbx_host_org_atcc                 ? 
_entity_src_gen.pdbx_host_org_culture_collection   ? 
_entity_src_gen.pdbx_host_org_cell                 ? 
_entity_src_gen.pdbx_host_org_organelle            ? 
_entity_src_gen.pdbx_host_org_cellular_location    ? 
_entity_src_gen.pdbx_host_org_vector_type          ? 
_entity_src_gen.pdbx_host_org_vector               ? 
_entity_src_gen.host_org_details                   ? 
_entity_src_gen.expression_system_id               ? 
_entity_src_gen.plasmid_name                       ? 
_entity_src_gen.plasmid_details                    ? 
_entity_src_gen.pdbx_description                   ? 
# 
loop_
_chem_comp.id 
_chem_comp.type 
_chem_comp.mon_nstd_flag 
_chem_comp.name 
_chem_comp.pdbx_synonyms 
_chem_comp.formula 
_chem_comp.formula_weight 
ALA 'L-peptide linking' y ALANINE                                                                     ?                 
'C3 H7 N O2'     89.093  
ARG 'L-peptide linking' y ARGININE                                                                    ?                 
'C6 H15 N4 O2 1' 175.209 
ASN 'L-peptide linking' y ASPARAGINE                                                                  ?                 
'C4 H8 N2 O3'    132.118 
ASP 'L-peptide linking' y 'ASPARTIC ACID'                                                             ?                 
'C4 H7 N O4'     133.103 
CYS 'L-peptide linking' y CYSTEINE                                                                    ?                 
'C3 H7 N O2 S'   121.158 
EDO non-polymer         . 1,2-ETHANEDIOL                                                              'ETHYLENE GLYCOL' 'C2 H6 O2' 
62.068  
GLN 'L-peptide linking' y GLUTAMINE                                                                   ?                 
'C5 H10 N2 O3'   146.144 
GLU 'L-peptide linking' y 'GLUTAMIC ACID'                                                             ?                 
'C5 H9 N O4'     147.129 
GLY 'peptide linking'   y GLYCINE                                                                     ?                 
'C2 H5 N O2'     75.067  
HIS 'L-peptide linking' y HISTIDINE                                                                   ?                 
'C6 H10 N3 O2 1' 156.162 
HOG non-polymer         . '6-(3-carboxyphenyl)-3-hydroxy-4-oxo-1,4-dihydropyridine-2-carboxylic acid' ?                 
'C13 H9 N O6'    275.214 
HOH non-polymer         . WATER                                                                       ?                 'H2 O' 
18.015  
ILE 'L-peptide linking' y ISOLEUCINE                                                                  ?                 
'C6 H13 N O2'    131.173 
LEU 'L-peptide linking' y LEUCINE                                                                     ?                 
'C6 H13 N O2'    131.173 
LYS 'L-peptide linking' y LYSINE                                                                      ?                 
'C6 H15 N2 O2 1' 147.195 
MET 'L-peptide linking' y METHIONINE                                                                  ?                 
'C5 H11 N O2 S'  149.211 
MN  non-polymer         . 'MANGANESE (II) ION'                                                        ?                 'Mn 2' 
54.938  
PHE 'L-peptide linking' y PHENYLALANINE                                                               ?                 
'C9 H11 N O2'    165.189 
PRO 'L-peptide linking' y PROLINE                                                                     ?                 
'C5 H9 N O2'     115.130 
SER 'L-peptide linking' y SERINE                                                                      ?                 
'C3 H7 N O3'     105.093 
THR 'L-peptide linking' y THREONINE                                                                   ?                 
'C4 H9 N O3'     119.119 
TRP 'L-peptide linking' y TRYPTOPHAN                                                                  ?                 
'C11 H12 N2 O2'  204.225 
TYR 'L-peptide linking' y TYROSINE                                                                    ?                 
'C9 H11 N O3'    181.189 
VAL 'L-peptide linking' y VALINE                                                                      ?                 
'C5 H11 N O2'    117.146 
# 
loop_
_pdbx_poly_seq_scheme.asym_id 
_pdbx_poly_seq_scheme.entity_id 
_pdbx_poly_seq_scheme.seq_id 
_pdbx_poly_seq_scheme.mon_id 
_pdbx_poly_seq_scheme.ndb_seq_num 
_pdbx_poly_seq_scheme.pdb_seq_num 
_pdbx_poly_seq_scheme.auth_seq_num 
_pdbx_poly_seq_scheme.pdb_mon_id 
_pdbx_poly_seq_scheme.auth_mon_id 
_pdbx_poly_seq_scheme.pdb_strand_id 
_pdbx_poly_seq_scheme.pdb_ins_code 
_pdbx_poly_seq_scheme.hetero 
A 1 1   MET 1   -5  ?   ?   ?   A . n 
A 1 2   GLY 2   -4  ?   ?   ?   A . n 
A 1 3   SER 3   -3  ?   ?   ?   A . n 
A 1 4   GLY 4   -2  ?   ?   ?   A . n 
A 1 5   MET 5   -1  -1  MET MET A . n 
A 1 6   ALA 6   0   0   ALA ALA A . n 
A 1 7   MET 7   1   1   MET MET A . n 
A 1 8   GLU 8   2   2   GLU GLU A . n 
A 1 9   ASP 9   3   3   ASP ASP A . n 
A 1 10  PHE 10  4   4   PHE PHE A . n 
A 1 11  VAL 11  5   5   VAL VAL A . n 
A 1 12  ARG 12  6   6   ARG ARG A . n 
A 1 13  GLN 13  7   7   GLN GLN A . n 
A 1 14  CYS 14  8   8   CYS CYS A . n 
A 1 15  PHE 15  9   9   PHE PHE A . n 
A 1 16  ASN 16  10  10  ASN ASN A . n 
A 1 17  PRO 17  11  11  PRO PRO A . n 
A 1 18  MET 18  12  12  MET MET A . n 
A 1 19  ILE 19  13  13  ILE ILE A . n 
A 1 20  VAL 20  14  14  VAL VAL A . n 
A 1 21  GLU 21  15  15  GLU GLU A . n 
A 1 22  LEU 22  16  16  LEU LEU A . n 
A 1 23  ALA 23  17  17  ALA ALA A . n 
A 1 24  GLU 24  18  18  GLU GLU A . n 
A 1 25  LYS 25  19  19  LYS LYS A . n 
A 1 26  ALA 26  20  20  ALA ALA A . n 
A 1 27  MET 27  21  21  MET MET A . n 
A 1 28  LYS 28  22  22  LYS LYS A . n 
A 1 29  GLU 29  23  23  GLU GLU A . n 
A 1 30  TYR 30  24  24  TYR TYR A . n 
A 1 31  GLY 31  25  25  GLY GLY A . n 
A 1 32  GLU 32  26  26  GLU GLU A . n 
A 1 33  ASP 33  27  27  ASP ASP A . n 
A 1 34  PRO 34  28  28  PRO PRO A . n 
A 1 35  LYS 35  29  29  LYS LYS A . n 
A 1 36  ILE 36  30  30  ILE ILE A . n 
A 1 37  GLU 37  31  31  GLU GLU A . n 
A 1 38  THR 38  32  32  THR THR A . n 
A 1 39  ASN 39  33  33  ASN ASN A . n 
A 1 40  LYS 40  34  34  LYS LYS A . n 
A 1 41  PHE 41  35  35  PHE PHE A . n 
A 1 42  ALA 42  36  36  ALA ALA A . n 
A 1 43  ALA 43  37  37  ALA ALA A . n 
A 1 44  ILE 44  38  38  ILE ILE A . n 
A 1 45  CYS 45  39  39  CYS CYS A . n 
A 1 46  THR 46  40  40  THR THR A . n 
A 1 47  HIS 47  41  41  HIS HIS A . n 
A 1 48  LEU 48  42  42  LEU LEU A . n 
A 1 49  GLU 49  43  43  GLU GLU A . n 
A 1 50  VAL 50  44  44  VAL VAL A . n 
A 1 51  CYS 51  45  45  CYS CYS A . n 
A 1 52  PHE 52  46  46  PHE PHE A . n 
A 1 53  MET 53  47  47  MET MET A . n 
A 1 54  TYR 54  48  48  TYR TYR A . n 
A 1 55  SER 55  49  49  SER SER A . n 
A 1 56  ASP 56  50  50  ASP ASP A . n 
A 1 57  PHE 57  51  51  PHE PHE A . n 
A 1 58  GLY 58  52  52  GLY GLY A . n 
A 1 59  SER 59  65  ?   ?   ?   A . n 
A 1 60  GLY 60  66  ?   ?   ?   A . n 
A 1 61  ASP 61  67  ?   ?   ?   A . n 
A 1 62  PRO 62  68  ?   ?   ?   A . n 
A 1 63  ASN 63  69  ?   ?   ?   A . n 
A 1 64  ALA 64  70  ?   ?   ?   A . n 
A 1 65  LEU 65  71  ?   ?   ?   A . n 
A 1 66  LEU 66  72  72  LEU LEU A . n 
A 1 67  LYS 67  73  73  LYS LYS A . n 
A 1 68  HIS 68  74  74  HIS HIS A . n 
A 1 69  ARG 69  75  75  ARG ARG A . n 
A 1 70  PHE 70  76  76  PHE PHE A . n 
A 1 71  GLU 71  77  77  GLU GLU A . n 
A 1 72  ILE 72  78  78  ILE ILE A . n 
A 1 73  ILE 73  79  79  ILE ILE A . n 
A 1 74  GLU 74  80  80  GLU GLU A . n 
A 1 75  GLY 75  81  81  GLY GLY A . n 
A 1 76  ARG 76  82  82  ARG ARG A . n 
A 1 77  ASP 77  83  83  ASP ASP A . n 
A 1 78  ARG 78  84  84  ARG ARG A . n 
A 1 79  ILE 79  85  85  ILE ILE A . n 
A 1 80  MET 80  86  86  MET MET A . n 
A 1 81  ALA 81  87  87  ALA ALA A . n 
A 1 82  TRP 82  88  88  TRP TRP A . n 
A 1 83  THR 83  89  89  THR THR A . n 
A 1 84  VAL 84  90  90  VAL VAL A . n 
A 1 85  VAL 85  91  91  VAL VAL A . n 
A 1 86  ASN 86  92  92  ASN ASN A . n 
A 1 87  SER 87  93  93  SER SER A . n 
A 1 88  ILE 88  94  94  ILE ILE A . n 
A 1 89  CYS 89  95  95  CYS CYS A . n 
A 1 90  ASN 90  96  96  ASN ASN A . n 
A 1 91  THR 91  97  97  THR THR A . n 
A 1 92  THR 92  98  98  THR THR A . n 
A 1 93  GLY 93  99  99  GLY GLY A . n 
A 1 94  VAL 94  100 100 VAL VAL A . n 
A 1 95  GLU 95  101 101 GLU GLU A . n 
A 1 96  LYS 96  102 102 LYS LYS A . n 
A 1 97  PRO 97  103 103 PRO PRO A . n 
A 1 98  LYS 98  104 104 LYS LYS A . n 
A 1 99  PHE 99  105 105 PHE PHE A . n 
A 1 100 LEU 100 106 106 LEU LEU A . n 
A 1 101 PRO 101 107 107 PRO PRO A . n 
A 1 102 ASP 102 108 108 ASP ASP A . n 
A 1 103 LEU 103 109 109 LEU LEU A . n 
A 1 104 TYR 104 110 110 TYR TYR A . n 
A 1 105 ASP 105 111 111 ASP ASP A . n 
A 1 106 TYR 106 112 112 TYR TYR A . n 
A 1 107 LYS 107 113 113 LYS LYS A . n 
A 1 108 GLU 108 114 114 GLU GLU A . n 
A 1 109 ASN 109 115 115 ASN ASN A . n 
A 1 110 ARG 110 116 116 ARG ARG A . n 
A 1 111 PHE 111 117 117 PHE PHE A . n 
A 1 112 ILE 112 118 118 ILE ILE A . n 
A 1 113 GLU 113 119 119 GLU GLU A . n 
A 1 114 ILE 114 120 120 ILE ILE A . n 
A 1 115 GLY 115 121 121 GLY GLY A . n 
A 1 116 VAL 116 122 122 VAL VAL A . n 
A 1 117 THR 117 123 123 THR THR A . n 
A 1 118 ARG 118 124 124 ARG ARG A . n 
A 1 119 ARG 119 125 125 ARG ARG A . n 
A 1 120 GLU 120 126 126 GLU GLU A . n 
A 1 121 VAL 121 127 127 VAL VAL A . n 
A 1 122 HIS 122 128 128 HIS HIS A . n 
A 1 123 ILE 123 129 129 ILE ILE A . n 
A 1 124 TYR 124 130 130 TYR TYR A . n 
A 1 125 TYR 125 131 131 TYR TYR A . n 
A 1 126 LEU 126 132 132 LEU LEU A . n 
A 1 127 GLU 127 133 133 GLU GLU A . n 
A 1 128 LYS 128 134 134 LYS LYS A . n 
A 1 129 ALA 129 135 135 ALA ALA A . n 
A 1 130 ASN 130 136 136 ASN ASN A . n 
A 1 131 LYS 131 137 137 LYS LYS A . n 
A 1 132 ILE 132 138 138 ILE ILE A . n 
A 1 133 LYS 133 139 ?   ?   ?   A . n 
A 1 134 SER 134 140 ?   ?   ?   A . n 
A 1 135 GLU 135 141 141 GLU GLU A . n 
A 1 136 LYS 136 142 142 LYS LYS A . n 
A 1 137 THR 137 143 143 THR THR A . n 
A 1 138 HIS 138 144 144 HIS HIS A . n 
A 1 139 ILE 139 145 145 ILE ILE A . n 
A 1 140 HIS 140 146 146 HIS HIS A . n 
A 1 141 ILE 141 147 147 ILE ILE A . n 
A 1 142 PHE 142 148 148 PHE PHE A . n 
A 1 143 SER 143 149 149 SER SER A . n 
A 1 144 PHE 144 150 150 PHE PHE A . n 
A 1 145 THR 145 151 151 THR THR A . n 
A 1 146 GLY 146 152 152 GLY GLY A . n 
A 1 147 GLU 147 153 153 GLU GLU A . n 
A 1 148 GLU 148 154 154 GLU GLU A . n 
A 1 149 MET 149 155 155 MET MET A . n 
A 1 150 ALA 150 156 156 ALA ALA A . n 
A 1 151 THR 151 157 157 THR THR A . n 
A 1 152 LYS 152 158 158 LYS LYS A . n 
A 1 153 ALA 153 159 159 ALA ALA A . n 
A 1 154 ASP 154 160 160 ASP ASP A . n 
A 1 155 TYR 155 161 161 TYR TYR A . n 
A 1 156 THR 156 162 162 THR THR A . n 
A 1 157 LEU 157 163 163 LEU LEU A . n 
A 1 158 ASP 158 164 164 ASP ASP A . n 
A 1 159 GLU 159 165 165 GLU GLU A . n 
A 1 160 GLU 160 166 166 GLU GLU A . n 
A 1 161 SER 161 167 167 SER SER A . n 
A 1 162 ARG 162 168 168 ARG ARG A . n 
A 1 163 ALA 163 169 169 ALA ALA A . n 
A 1 164 ARG 164 170 170 ARG ARG A . n 
A 1 165 ILE 165 171 171 ILE ILE A . n 
A 1 166 LYS 166 172 172 LYS LYS A . n 
A 1 167 THR 167 173 173 THR THR A . n 
A 1 168 ARG 168 174 174 ARG ARG A . n 
A 1 169 LEU 169 175 175 LEU LEU A . n 
A 1 170 PHE 170 176 176 PHE PHE A . n 
A 1 171 THR 171 177 177 THR THR A . n 
A 1 172 ILE 172 178 178 ILE ILE A . n 
A 1 173 ARG 173 179 179 ARG ARG A . n 
A 1 174 GLN 174 180 180 GLN GLN A . n 
A 1 175 GLU 175 181 181 GLU GLU A . n 
A 1 176 MET 176 182 182 MET MET A . n 
A 1 177 ALA 177 183 183 ALA ALA A . n 
A 1 178 SER 178 184 184 SER SER A . n 
A 1 179 ARG 179 185 185 ARG ARG A . n 
A 1 180 SER 180 186 186 SER SER A . n 
A 1 181 LEU 181 187 187 LEU LEU A . n 
A 1 182 TRP 182 188 188 TRP TRP A . n 
A 1 183 ASP 183 189 189 ASP ASP A . n 
A 1 184 SER 184 190 190 SER SER A . n 
A 1 185 PHE 185 191 191 PHE PHE A . n 
A 1 186 ARG 186 192 192 ARG ARG A . n 
A 1 187 GLN 187 193 193 GLN GLN A . n 
A 1 188 SER 188 194 194 SER SER A . n 
A 1 189 GLU 189 195 195 GLU GLU A . n 
A 1 190 ARG 190 196 196 ARG ARG A . n 
A 1 191 GLY 191 197 ?   ?   ?   A . n 
A 1 192 GLU 192 198 ?   ?   ?   A . n 
# 
loop_
_pdbx_nonpoly_scheme.asym_id 
_pdbx_nonpoly_scheme.entity_id 
_pdbx_nonpoly_scheme.mon_id 
_pdbx_nonpoly_scheme.ndb_seq_num 
_pdbx_nonpoly_scheme.pdb_seq_num 
_pdbx_nonpoly_scheme.auth_seq_num 
_pdbx_nonpoly_scheme.pdb_mon_id 
_pdbx_nonpoly_scheme.auth_mon_id 
_pdbx_nonpoly_scheme.pdb_strand_id 
_pdbx_nonpoly_scheme.pdb_ins_code 
B 2 MN  1  901  901 MN  MN  A . 
C 2 MN  1  902  902 MN  MN  A . 
D 3 EDO 1  903  1   EDO EDO A . 
E 4 HOG 1  904  1   HOG DRG A . 
F 5 HOH 1  1001 2   HOH HOH A . 
F 5 HOH 2  1002 30  HOH HOH A . 
F 5 HOH 3  1003 19  HOH HOH A . 
F 5 HOH 4  1004 1   HOH HOH A . 
F 5 HOH 5  1005 5   HOH HOH A . 
F 5 HOH 6  1006 4   HOH HOH A . 
F 5 HOH 7  1007 18  HOH HOH A . 
F 5 HOH 8  1008 22  HOH HOH A . 
F 5 HOH 9  1009 16  HOH HOH A . 
F 5 HOH 10 1010 21  HOH HOH A . 
F 5 HOH 11 1011 11  HOH HOH A . 
F 5 HOH 12 1012 23  HOH HOH A . 
F 5 HOH 13 1013 28  HOH HOH A . 
F 5 HOH 14 1014 27  HOH HOH A . 
F 5 HOH 15 1015 9   HOH HOH A . 
F 5 HOH 16 1016 7   HOH HOH A . 
F 5 HOH 17 1017 17  HOH HOH A . 
F 5 HOH 18 1018 3   HOH HOH A . 
F 5 HOH 19 1019 10  HOH HOH A . 
F 5 HOH 20 1020 12  HOH HOH A . 
F 5 HOH 21 1021 29  HOH HOH A . 
F 5 HOH 22 1022 26  HOH HOH A . 
F 5 HOH 23 1023 8   HOH HOH A . 
F 5 HOH 24 1024 25  HOH HOH A . 
F 5 HOH 25 1025 24  HOH HOH A . 
# 
loop_
_software.citation_id 
_software.classification 
_software.compiler_name 
_software.compiler_version 
_software.contact_author 
_software.contact_author_email 
_software.date 
_software.description 
_software.dependencies 
_software.hardware 
_software.language 
_software.location 
_software.mods 
_software.name 
_software.os 
_software.os_version 
_software.type 
_software.version 
_software.pdbx_ordinal 
? refinement       ? ? ? ? ? ? ? ? ? ? ? REFMAC  ? ? ? 5.8.0230 1 
? 'data reduction' ? ? ? ? ? ? ? ? ? ? ? XDS     ? ? ? .        2 
? 'data scaling'   ? ? ? ? ? ? ? ? ? ? ? Aimless ? ? ? .        3 
? phasing          ? ? ? ? ? ? ? ? ? ? ? PHASER  ? ? ? .        4 
# 
_cell.angle_alpha                  90.00 
_cell.angle_alpha_esd              ? 
_cell.angle_beta                   90.00 
_cell.angle_beta_esd               ? 
_cell.angle_gamma                  120.00 
_cell.angle_gamma_esd              ? 
_cell.entry_id                     6E3M 
_cell.details                      ? 
_cell.formula_units_Z              ? 
_cell.length_a                     75.459 
_cell.length_a_esd                 ? 
_cell.length_b                     75.459 
_cell.length_b_esd                 ? 
_cell.length_c                     120.567 
_cell.length_c_esd                 ? 
_cell.volume                       ? 
_cell.volume_esd                   ? 
_cell.Z_PDB                        12 
_cell.reciprocal_angle_alpha       ? 
_cell.reciprocal_angle_beta        ? 
_cell.reciprocal_angle_gamma       ? 
_cell.reciprocal_angle_alpha_esd   ? 
_cell.reciprocal_angle_beta_esd    ? 
_cell.reciprocal_angle_gamma_esd   ? 
_cell.reciprocal_length_a          ? 
_cell.reciprocal_length_b          ? 
_cell.reciprocal_length_c          ? 
_cell.reciprocal_length_a_esd      ? 
_cell.reciprocal_length_b_esd      ? 
_cell.reciprocal_length_c_esd      ? 
_cell.pdbx_unique_axis             ? 
# 
_symmetry.entry_id                         6E3M 
_symmetry.cell_setting                     ? 
_symmetry.Int_Tables_number                180 
_symmetry.space_group_name_Hall            ? 
_symmetry.space_group_name_H-M             'P 62 2 2' 
_symmetry.pdbx_full_space_group_name_H-M   ? 
# 
_exptl.absorpt_coefficient_mu     ? 
_exptl.absorpt_correction_T_max   ? 
_exptl.absorpt_correction_T_min   ? 
_exptl.absorpt_correction_type    ? 
_exptl.absorpt_process_details    ? 
_exptl.entry_id                   6E3M 
_exptl.crystals_number            1 
_exptl.details                    ? 
_exptl.method                     'X-RAY DIFFRACTION' 
_exptl.method_details             ? 
# 
_exptl_crystal.colour                      ? 
_exptl_crystal.density_diffrn              ? 
_exptl_crystal.density_Matthews            2.21 
_exptl_crystal.density_method              ? 
_exptl_crystal.density_percent_sol         44.22 
_exptl_crystal.description                 ? 
_exptl_crystal.F_000                       ? 
_exptl_crystal.id                          1 
_exptl_crystal.preparation                 ? 
_exptl_crystal.size_max                    ? 
_exptl_crystal.size_mid                    ? 
_exptl_crystal.size_min                    ? 
_exptl_crystal.size_rad                    ? 
_exptl_crystal.colour_lustre               ? 
_exptl_crystal.colour_modifier             ? 
_exptl_crystal.colour_primary              ? 
_exptl_crystal.density_meas                ? 
_exptl_crystal.density_meas_esd            ? 
_exptl_crystal.density_meas_gt             ? 
_exptl_crystal.density_meas_lt             ? 
_exptl_crystal.density_meas_temp           ? 
_exptl_crystal.density_meas_temp_esd       ? 
_exptl_crystal.density_meas_temp_gt        ? 
_exptl_crystal.density_meas_temp_lt        ? 
_exptl_crystal.pdbx_crystal_image_url      ? 
_exptl_crystal.pdbx_crystal_image_format   ? 
_exptl_crystal.pdbx_mosaicity              ? 
_exptl_crystal.pdbx_mosaicity_esd          ? 
# 
_exptl_crystal_grow.apparatus       ? 
_exptl_crystal_grow.atmosphere      ? 
_exptl_crystal_grow.crystal_id      1 
_exptl_crystal_grow.details         ? 
_exptl_crystal_grow.method          'VAPOR DIFFUSION, HANGING DROP' 
_exptl_crystal_grow.method_ref      ? 
_exptl_crystal_grow.pH              7.8 
_exptl_crystal_grow.pressure        ? 
_exptl_crystal_grow.pressure_esd    ? 
_exptl_crystal_grow.seeding         ? 
_exptl_crystal_grow.seeding_ref     ? 
_exptl_crystal_grow.temp            306 
_exptl_crystal_grow.temp_details    ? 
_exptl_crystal_grow.temp_esd        ? 
_exptl_crystal_grow.time            ? 
_exptl_crystal_grow.pdbx_details    '30% PEG4000, 100 mM Tris, pH 8.35, 200-220 mM sodium acetate' 
_exptl_crystal_grow.pdbx_pH_range   ? 
# 
_diffrn.ambient_environment    ? 
_diffrn.ambient_temp           100 
_diffrn.ambient_temp_details   ? 
_diffrn.ambient_temp_esd       ? 
_diffrn.crystal_id             1 
_diffrn.crystal_support        ? 
_diffrn.crystal_treatment      ? 
_diffrn.details                ? 
_diffrn.id                     1 
_diffrn.ambient_pressure       ? 
_diffrn.ambient_pressure_esd   ? 
_diffrn.ambient_pressure_gt    ? 
_diffrn.ambient_pressure_lt    ? 
_diffrn.ambient_temp_gt        ? 
_diffrn.ambient_temp_lt        ? 
# 
_diffrn_detector.details                      ? 
_diffrn_detector.detector                     PIXEL 
_diffrn_detector.diffrn_id                    1 
_diffrn_detector.type                         'DECTRIS PILATUS3 6M' 
_diffrn_detector.area_resol_mean              ? 
_diffrn_detector.dtime                        ? 
_diffrn_detector.pdbx_frames_total            ? 
_diffrn_detector.pdbx_collection_time_total   ? 
_diffrn_detector.pdbx_collection_date         2018-06-15 
# 
_diffrn_radiation.collimation                      ? 
_diffrn_radiation.diffrn_id                        1 
_diffrn_radiation.filter_edge                      ? 
_diffrn_radiation.inhomogeneity                    ? 
_diffrn_radiation.monochromator                    ? 
_diffrn_radiation.polarisn_norm                    ? 
_diffrn_radiation.polarisn_ratio                   ? 
_diffrn_radiation.probe                            ? 
_diffrn_radiation.type                             ? 
_diffrn_radiation.xray_symbol                      ? 
_diffrn_radiation.wavelength_id                    1 
_diffrn_radiation.pdbx_monochromatic_or_laue_m_l   M 
_diffrn_radiation.pdbx_wavelength_list             ? 
_diffrn_radiation.pdbx_wavelength                  ? 
_diffrn_radiation.pdbx_diffrn_protocol             'SINGLE WAVELENGTH' 
_diffrn_radiation.pdbx_analyzer                    ? 
_diffrn_radiation.pdbx_scattering_type             x-ray 
# 
_diffrn_radiation_wavelength.id           1 
_diffrn_radiation_wavelength.wavelength   0.97 
_diffrn_radiation_wavelength.wt           1.0 
# 
_diffrn_source.current                     ? 
_diffrn_source.details                     ? 
_diffrn_source.diffrn_id                   1 
_diffrn_source.power                       ? 
_diffrn_source.size                        ? 
_diffrn_source.source                      SYNCHROTRON 
_diffrn_source.target                      ? 
_diffrn_source.type                        'ALS BEAMLINE 5.0.1' 
_diffrn_source.voltage                     ? 
_diffrn_source.take-off_angle              ? 
_diffrn_source.pdbx_wavelength_list        0.97 
_diffrn_source.pdbx_wavelength             ? 
_diffrn_source.pdbx_synchrotron_beamline   5.0.1 
_diffrn_source.pdbx_synchrotron_site       ALS 
# 
_reflns.B_iso_Wilson_estimate            ? 
_reflns.entry_id                         6E3M 
_reflns.data_reduction_details           ? 
_reflns.data_reduction_method            ? 
_reflns.d_resolution_high                2.65 
_reflns.d_resolution_low                 44.35 
_reflns.details                          ? 
_reflns.limit_h_max                      ? 
_reflns.limit_h_min                      ? 
_reflns.limit_k_max                      ? 
_reflns.limit_k_min                      ? 
_reflns.limit_l_max                      ? 
_reflns.limit_l_min                      ? 
_reflns.number_all                       ? 
_reflns.number_obs                       6352 
_reflns.observed_criterion               ? 
_reflns.observed_criterion_F_max         ? 
_reflns.observed_criterion_F_min         ? 
_reflns.observed_criterion_I_max         ? 
_reflns.observed_criterion_I_min         ? 
_reflns.observed_criterion_sigma_F       ? 
_reflns.observed_criterion_sigma_I       ? 
_reflns.percent_possible_obs             99.8 
_reflns.R_free_details                   ? 
_reflns.Rmerge_F_all                     ? 
_reflns.Rmerge_F_obs                     ? 
_reflns.Friedel_coverage                 ? 
_reflns.number_gt                        ? 
_reflns.threshold_expression             ? 
_reflns.pdbx_redundancy                  20.4 
_reflns.pdbx_Rmerge_I_obs                0.058 
_reflns.pdbx_Rmerge_I_all                ? 
_reflns.pdbx_Rsym_value                  ? 
_reflns.pdbx_netI_over_av_sigmaI         ? 
_reflns.pdbx_netI_over_sigmaI            40.0 
_reflns.pdbx_res_netI_over_av_sigmaI_2   ? 
_reflns.pdbx_res_netI_over_sigmaI_2      ? 
_reflns.pdbx_chi_squared                 ? 
_reflns.pdbx_scaling_rejects             ? 
_reflns.pdbx_d_res_high_opt              ? 
_reflns.pdbx_d_res_low_opt               ? 
_reflns.pdbx_d_res_opt_method            ? 
_reflns.phase_calculation_details        ? 
_reflns.pdbx_Rrim_I_all                  0.060 
_reflns.pdbx_Rpim_I_all                  0.018 
_reflns.pdbx_d_opt                       ? 
_reflns.pdbx_number_measured_all         ? 
_reflns.pdbx_diffrn_id                   1 
_reflns.pdbx_ordinal                     1 
_reflns.pdbx_CC_half                     ? 
_reflns.pdbx_R_split                     ? 
# 
_reflns_shell.d_res_high                  2.65 
_reflns_shell.d_res_low                   2.78 
_reflns_shell.meanI_over_sigI_all         ? 
_reflns_shell.meanI_over_sigI_obs         4.9 
_reflns_shell.number_measured_all         ? 
_reflns_shell.number_measured_obs         ? 
_reflns_shell.number_possible             ? 
_reflns_shell.number_unique_all           ? 
_reflns_shell.number_unique_obs           803 
_reflns_shell.percent_possible_all        98.9 
_reflns_shell.percent_possible_obs        ? 
_reflns_shell.Rmerge_F_all                ? 
_reflns_shell.Rmerge_F_obs                ? 
_reflns_shell.Rmerge_I_all                ? 
_reflns_shell.Rmerge_I_obs                0.665 
_reflns_shell.meanI_over_sigI_gt          ? 
_reflns_shell.meanI_over_uI_all           ? 
_reflns_shell.meanI_over_uI_gt            ? 
_reflns_shell.number_measured_gt          ? 
_reflns_shell.number_unique_gt            ? 
_reflns_shell.percent_possible_gt         ? 
_reflns_shell.Rmerge_F_gt                 ? 
_reflns_shell.Rmerge_I_gt                 ? 
_reflns_shell.pdbx_redundancy             20.3 
_reflns_shell.pdbx_Rsym_value             ? 
_reflns_shell.pdbx_chi_squared            ? 
_reflns_shell.pdbx_netI_over_sigmaI_all   ? 
_reflns_shell.pdbx_netI_over_sigmaI_obs   ? 
_reflns_shell.pdbx_Rrim_I_all             0.696 
_reflns_shell.pdbx_Rpim_I_all             0.205 
_reflns_shell.pdbx_rejects                ? 
_reflns_shell.pdbx_ordinal                1 
_reflns_shell.pdbx_diffrn_id              1 
_reflns_shell.pdbx_CC_half                ? 
_reflns_shell.pdbx_R_split                ? 
# 
_refine.aniso_B[1][1]                            -0.28 
_refine.aniso_B[1][2]                            -0.14 
_refine.aniso_B[1][3]                            -0.00 
_refine.aniso_B[2][2]                            -0.28 
_refine.aniso_B[2][3]                            0.00 
_refine.aniso_B[3][3]                            0.91 
_refine.B_iso_max                                ? 
_refine.B_iso_mean                               60.327 
_refine.B_iso_min                                ? 
_refine.correlation_coeff_Fo_to_Fc               0.953 
_refine.correlation_coeff_Fo_to_Fc_free          0.917 
_refine.details                                  'HYDROGENS HAVE BEEN ADDED IN THE RIDING POSITIONS' 
_refine.diff_density_max                         ? 
_refine.diff_density_max_esd                     ? 
_refine.diff_density_min                         ? 
_refine.diff_density_min_esd                     ? 
_refine.diff_density_rms                         ? 
_refine.diff_density_rms_esd                     ? 
_refine.entry_id                                 6E3M 
_refine.pdbx_refine_id                           'X-RAY DIFFRACTION' 
_refine.ls_abs_structure_details                 ? 
_refine.ls_abs_structure_Flack                   ? 
_refine.ls_abs_structure_Flack_esd               ? 
_refine.ls_abs_structure_Rogers                  ? 
_refine.ls_abs_structure_Rogers_esd              ? 
_refine.ls_d_res_high                            2.65 
_refine.ls_d_res_low                             44.35 
_refine.ls_extinction_coef                       ? 
_refine.ls_extinction_coef_esd                   ? 
_refine.ls_extinction_expression                 ? 
_refine.ls_extinction_method                     ? 
_refine.ls_goodness_of_fit_all                   ? 
_refine.ls_goodness_of_fit_all_esd               ? 
_refine.ls_goodness_of_fit_obs                   ? 
_refine.ls_goodness_of_fit_obs_esd               ? 
_refine.ls_hydrogen_treatment                    ? 
_refine.ls_matrix_type                           ? 
_refine.ls_number_constraints                    ? 
_refine.ls_number_parameters                     ? 
_refine.ls_number_reflns_all                     ? 
_refine.ls_number_reflns_obs                     5800 
_refine.ls_number_reflns_R_free                  523 
_refine.ls_number_reflns_R_work                  ? 
_refine.ls_number_restraints                     ? 
_refine.ls_percent_reflns_obs                    99.86 
_refine.ls_percent_reflns_R_free                 8.3 
_refine.ls_R_factor_all                          ? 
_refine.ls_R_factor_obs                          0.19831 
_refine.ls_R_factor_R_free                       0.26436 
_refine.ls_R_factor_R_free_error                 ? 
_refine.ls_R_factor_R_free_error_details         ? 
_refine.ls_R_factor_R_work                       0.19226 
_refine.ls_R_Fsqd_factor_obs                     ? 
_refine.ls_R_I_factor_obs                        ? 
_refine.ls_redundancy_reflns_all                 ? 
_refine.ls_redundancy_reflns_obs                 ? 
_refine.ls_restrained_S_all                      ? 
_refine.ls_restrained_S_obs                      ? 
_refine.ls_shift_over_esd_max                    ? 
_refine.ls_shift_over_esd_mean                   ? 
_refine.ls_structure_factor_coef                 ? 
_refine.ls_weighting_details                     ? 
_refine.ls_weighting_scheme                      ? 
_refine.ls_wR_factor_all                         ? 
_refine.ls_wR_factor_obs                         ? 
_refine.ls_wR_factor_R_free                      ? 
_refine.ls_wR_factor_R_work                      ? 
_refine.occupancy_max                            ? 
_refine.occupancy_min                            ? 
_refine.solvent_model_details                    MASK 
_refine.solvent_model_param_bsol                 ? 
_refine.solvent_model_param_ksol                 ? 
_refine.ls_R_factor_gt                           ? 
_refine.ls_goodness_of_fit_gt                    ? 
_refine.ls_goodness_of_fit_ref                   ? 
_refine.ls_shift_over_su_max                     ? 
_refine.ls_shift_over_su_max_lt                  ? 
_refine.ls_shift_over_su_mean                    ? 
_refine.ls_shift_over_su_mean_lt                 ? 
_refine.pdbx_ls_sigma_I                          ? 
_refine.pdbx_ls_sigma_F                          ? 
_refine.pdbx_ls_sigma_Fsqd                       ? 
_refine.pdbx_data_cutoff_high_absF               ? 
_refine.pdbx_data_cutoff_high_rms_absF           ? 
_refine.pdbx_data_cutoff_low_absF                ? 
_refine.pdbx_isotropic_thermal_model             ? 
_refine.pdbx_ls_cross_valid_method               THROUGHOUT 
_refine.pdbx_method_to_determine_struct          ? 
_refine.pdbx_starting_model                      ? 
_refine.pdbx_stereochemistry_target_values       'MAXIMUM LIKELIHOOD' 
_refine.pdbx_R_Free_selection_details            RANDOM 
_refine.pdbx_stereochem_target_val_spec_case     ? 
_refine.pdbx_overall_ESU_R                       ? 
_refine.pdbx_overall_ESU_R_Free                  0.371 
_refine.pdbx_solvent_vdw_probe_radii             1.20 
_refine.pdbx_solvent_ion_probe_radii             0.80 
_refine.pdbx_solvent_shrinkage_radii             0.80 
_refine.pdbx_real_space_R                        ? 
_refine.pdbx_density_correlation                 ? 
_refine.pdbx_pd_number_of_powder_patterns        ? 
_refine.pdbx_pd_number_of_points                 ? 
_refine.pdbx_pd_meas_number_of_points            ? 
_refine.pdbx_pd_proc_ls_prof_R_factor            ? 
_refine.pdbx_pd_proc_ls_prof_wR_factor           ? 
_refine.pdbx_pd_Marquardt_correlation_coeff      ? 
_refine.pdbx_pd_Fsqrd_R_factor                   ? 
_refine.pdbx_pd_ls_matrix_band_width             ? 
_refine.pdbx_overall_phase_error                 ? 
_refine.pdbx_overall_SU_R_free_Cruickshank_DPI   ? 
_refine.pdbx_overall_SU_R_free_Blow_DPI          ? 
_refine.pdbx_overall_SU_R_Blow_DPI               ? 
_refine.pdbx_TLS_residual_ADP_flag               ? 
_refine.pdbx_diffrn_id                           1 
_refine.overall_SU_B                             13.067 
_refine.overall_SU_ML                            0.264 
_refine.overall_SU_R_Cruickshank_DPI             ? 
_refine.overall_SU_R_free                        ? 
_refine.overall_FOM_free_R_set                   ? 
_refine.overall_FOM_work_R_set                   ? 
_refine.pdbx_average_fsc_overall                 ? 
_refine.pdbx_average_fsc_work                    ? 
_refine.pdbx_average_fsc_free                    ? 
# 
_refine_hist.pdbx_refine_id                   'X-RAY DIFFRACTION' 
_refine_hist.cycle_id                         1 
_refine_hist.pdbx_number_atoms_protein        1476 
_refine_hist.pdbx_number_atoms_nucleic_acid   0 
_refine_hist.pdbx_number_atoms_ligand         26 
_refine_hist.number_atoms_solvent             25 
_refine_hist.number_atoms_total               1527 
_refine_hist.d_res_high                       2.65 
_refine_hist.d_res_low                        44.35 
# 
loop_
_refine_ls_restr.pdbx_refine_id 
_refine_ls_restr.criterion 
_refine_ls_restr.dev_ideal 
_refine_ls_restr.dev_ideal_target 
_refine_ls_restr.number 
_refine_ls_restr.rejects 
_refine_ls_restr.type 
_refine_ls_restr.weight 
_refine_ls_restr.pdbx_restraint_function 
'X-RAY DIFFRACTION' ? 0.010  0.014  1529 ? r_bond_refined_d             ? ? 
'X-RAY DIFFRACTION' ? 0.001  0.017  1354 ? r_bond_other_d               ? ? 
'X-RAY DIFFRACTION' ? 1.416  1.684  2049 ? r_angle_refined_deg          ? ? 
'X-RAY DIFFRACTION' ? 0.936  1.644  3175 ? r_angle_other_deg            ? ? 
'X-RAY DIFFRACTION' ? 6.290  5.000  174  ? r_dihedral_angle_1_deg       ? ? 
'X-RAY DIFFRACTION' ? 33.499 21.183 93   ? r_dihedral_angle_2_deg       ? ? 
'X-RAY DIFFRACTION' ? 18.894 15.000 287  ? r_dihedral_angle_3_deg       ? ? 
'X-RAY DIFFRACTION' ? 23.517 15.000 14   ? r_dihedral_angle_4_deg       ? ? 
'X-RAY DIFFRACTION' ? 0.069  0.200  198  ? r_chiral_restr               ? ? 
'X-RAY DIFFRACTION' ? 0.007  0.020  1692 ? r_gen_planes_refined         ? ? 
'X-RAY DIFFRACTION' ? 0.002  0.020  299  ? r_gen_planes_other           ? ? 
'X-RAY DIFFRACTION' ? ?      ?      ?    ? r_nbd_refined                ? ? 
'X-RAY DIFFRACTION' ? ?      ?      ?    ? r_nbd_other                  ? ? 
'X-RAY DIFFRACTION' ? ?      ?      ?    ? r_nbtor_refined              ? ? 
'X-RAY DIFFRACTION' ? ?      ?      ?    ? r_nbtor_other                ? ? 
'X-RAY DIFFRACTION' ? ?      ?      ?    ? r_xyhbond_nbd_refined        ? ? 
'X-RAY DIFFRACTION' ? ?      ?      ?    ? r_xyhbond_nbd_other          ? ? 
'X-RAY DIFFRACTION' ? ?      ?      ?    ? r_metal_ion_refined          ? ? 
'X-RAY DIFFRACTION' ? ?      ?      ?    ? r_metal_ion_other            ? ? 
'X-RAY DIFFRACTION' ? ?      ?      ?    ? r_symmetry_vdw_refined       ? ? 
'X-RAY DIFFRACTION' ? ?      ?      ?    ? r_symmetry_vdw_other         ? ? 
'X-RAY DIFFRACTION' ? ?      ?      ?    ? r_symmetry_hbond_refined     ? ? 
'X-RAY DIFFRACTION' ? ?      ?      ?    ? r_symmetry_hbond_other       ? ? 
'X-RAY DIFFRACTION' ? ?      ?      ?    ? r_symmetry_metal_ion_refined ? ? 
'X-RAY DIFFRACTION' ? ?      ?      ?    ? r_symmetry_metal_ion_other   ? ? 
'X-RAY DIFFRACTION' ? 4.516  5.831  705  ? r_mcbond_it                  ? ? 
'X-RAY DIFFRACTION' ? 4.505  5.827  704  ? r_mcbond_other               ? ? 
'X-RAY DIFFRACTION' ? 6.272  8.725  876  ? r_mcangle_it                 ? ? 
'X-RAY DIFFRACTION' ? 6.270  8.731  877  ? r_mcangle_other              ? ? 
'X-RAY DIFFRACTION' ? 5.721  6.545  824  ? r_scbond_it                  ? ? 
'X-RAY DIFFRACTION' ? 5.687  6.528  816  ? r_scbond_other               ? ? 
'X-RAY DIFFRACTION' ? ?      ?      ?    ? r_scangle_it                 ? ? 
'X-RAY DIFFRACTION' ? 8.659  9.553  1164 ? r_scangle_other              ? ? 
'X-RAY DIFFRACTION' ? 10.550 66.867 1766 ? r_long_range_B_refined       ? ? 
'X-RAY DIFFRACTION' ? 10.485 66.766 1752 ? r_long_range_B_other         ? ? 
'X-RAY DIFFRACTION' ? ?      ?      ?    ? r_rigid_bond_restr           ? ? 
'X-RAY DIFFRACTION' ? ?      ?      ?    ? r_sphericity_free            ? ? 
'X-RAY DIFFRACTION' ? ?      ?      ?    ? r_sphericity_bonded          ? ? 
# 
_refine_ls_shell.pdbx_refine_id                   'X-RAY DIFFRACTION' 
_refine_ls_shell.d_res_high                       2.654 
_refine_ls_shell.d_res_low                        2.723 
_refine_ls_shell.number_reflns_all                ? 
_refine_ls_shell.number_reflns_obs                ? 
_refine_ls_shell.number_reflns_R_free             37 
_refine_ls_shell.number_reflns_R_work             408 
_refine_ls_shell.percent_reflns_obs               98.45 
_refine_ls_shell.percent_reflns_R_free            ? 
_refine_ls_shell.R_factor_all                     ? 
_refine_ls_shell.R_factor_obs                     ? 
_refine_ls_shell.R_factor_R_free                  0.282 
_refine_ls_shell.R_factor_R_free_error            ? 
_refine_ls_shell.R_factor_R_work                  0.254 
_refine_ls_shell.redundancy_reflns_all            ? 
_refine_ls_shell.redundancy_reflns_obs            ? 
_refine_ls_shell.wR_factor_all                    ? 
_refine_ls_shell.wR_factor_obs                    ? 
_refine_ls_shell.wR_factor_R_free                 ? 
_refine_ls_shell.wR_factor_R_work                 ? 
_refine_ls_shell.pdbx_total_number_of_bins_used   20 
_refine_ls_shell.pdbx_phase_error                 ? 
_refine_ls_shell.pdbx_fsc_work                    ? 
_refine_ls_shell.pdbx_fsc_free                    ? 
# 
_struct.entry_id                     6E3M 
_struct.title                        
;The N-terminal domain of PA endonuclease from the influenza H1N1 virus in complex with 6-(3-carboxyphenyl)-3-hydroxy-4-oxo-1,4-dihydropyridine-2-carboxylic acid
;
_struct.pdbx_model_details           ? 
_struct.pdbx_formula_weight          ? 
_struct.pdbx_formula_weight_method   ? 
_struct.pdbx_model_type_details      ? 
_struct.pdbx_CASP_flag               N 
# 
_struct_keywords.entry_id        6E3M 
_struct_keywords.text            'PA endonuclease, inhibitor, influenza, H1N1, HYDROLASE-HYDROLASE INHIBITOR complex' 
_struct_keywords.pdbx_keywords   'HYDROLASE/HYDROLASE INHIBITOR' 
# 
loop_
_struct_asym.id 
_struct_asym.pdbx_blank_PDB_chainid_flag 
_struct_asym.pdbx_modified 
_struct_asym.entity_id 
_struct_asym.details 
A N N 1 ? 
B N N 2 ? 
C N N 2 ? 
D N N 3 ? 
E N N 4 ? 
F N N 5 ? 
# 
_struct_ref.id                         1 
_struct_ref.db_name                    UNP 
_struct_ref.db_code                    C3W5S0_I09A0 
_struct_ref.pdbx_db_accession          C3W5S0 
_struct_ref.pdbx_db_isoform            ? 
_struct_ref.entity_id                  1 
_struct_ref.pdbx_seq_one_letter_code   
;MEDFVRQCFNPMIVELAEKAMKEYGEDPKIETNKFAAICTHLEVCFMYSDFHFIDERGESIIVESGDPNALLKHRFEIIE
GRDRIMAWTVVNSICNTTGVEKPKFLPDLYDYKENRFIEIGVTRREVHIYYLEKANKIKSEKTHIHIFSFTGEEMATKAD
YTLDEESRARIKTRLFTIRQEMASRSLWDSFRQSERGE
;
_struct_ref.pdbx_align_begin           1 
# 
_struct_ref_seq.align_id                      1 
_struct_ref_seq.ref_id                        1 
_struct_ref_seq.pdbx_PDB_id_code              6E3M 
_struct_ref_seq.pdbx_strand_id                A 
_struct_ref_seq.seq_align_beg                 7 
_struct_ref_seq.pdbx_seq_align_beg_ins_code   ? 
_struct_ref_seq.seq_align_end                 192 
_struct_ref_seq.pdbx_seq_align_end_ins_code   ? 
_struct_ref_seq.pdbx_db_accession             C3W5S0 
_struct_ref_seq.db_align_beg                  1 
_struct_ref_seq.pdbx_db_align_beg_ins_code    ? 
_struct_ref_seq.db_align_end                  198 
_struct_ref_seq.pdbx_db_align_end_ins_code    ? 
_struct_ref_seq.pdbx_auth_seq_align_beg       1 
_struct_ref_seq.pdbx_auth_seq_align_end       198 
# 
loop_
_struct_ref_seq_dif.align_id 
_struct_ref_seq_dif.pdbx_pdb_id_code 
_struct_ref_seq_dif.mon_id 
_struct_ref_seq_dif.pdbx_pdb_strand_id 
_struct_ref_seq_dif.seq_num 
_struct_ref_seq_dif.pdbx_pdb_ins_code 
_struct_ref_seq_dif.pdbx_seq_db_name 
_struct_ref_seq_dif.pdbx_seq_db_accession_code 
_struct_ref_seq_dif.db_mon_id 
_struct_ref_seq_dif.pdbx_seq_db_seq_num 
_struct_ref_seq_dif.details 
_struct_ref_seq_dif.pdbx_auth_seq_num 
_struct_ref_seq_dif.pdbx_ordinal 
1 6E3M MET A 1  ? UNP C3W5S0 ?   ?  'expression tag' -5 1  
1 6E3M GLY A 2  ? UNP C3W5S0 ?   ?  'expression tag' -4 2  
1 6E3M SER A 3  ? UNP C3W5S0 ?   ?  'expression tag' -3 3  
1 6E3M GLY A 4  ? UNP C3W5S0 ?   ?  'expression tag' -2 4  
1 6E3M MET A 5  ? UNP C3W5S0 ?   ?  'expression tag' -1 5  
1 6E3M ALA A 6  ? UNP C3W5S0 ?   ?  'expression tag' 0  6  
1 6E3M GLY A 58 ? UNP C3W5S0 HIS 52 conflict         52 7  
1 6E3M ?   A ?  ? UNP C3W5S0 PHE 53 deletion         ?  8  
1 6E3M ?   A ?  ? UNP C3W5S0 ILE 54 deletion         ?  9  
1 6E3M ?   A ?  ? UNP C3W5S0 ASP 55 deletion         ?  10 
1 6E3M ?   A ?  ? UNP C3W5S0 GLU 56 deletion         ?  11 
1 6E3M ?   A ?  ? UNP C3W5S0 ARG 57 deletion         ?  12 
1 6E3M ?   A ?  ? UNP C3W5S0 GLY 58 deletion         ?  13 
1 6E3M ?   A ?  ? UNP C3W5S0 GLU 59 deletion         ?  14 
1 6E3M ?   A ?  ? UNP C3W5S0 SER 60 deletion         ?  15 
1 6E3M ?   A ?  ? UNP C3W5S0 ILE 61 deletion         ?  16 
1 6E3M ?   A ?  ? UNP C3W5S0 ILE 62 deletion         ?  17 
1 6E3M ?   A ?  ? UNP C3W5S0 VAL 63 deletion         ?  18 
1 6E3M ?   A ?  ? UNP C3W5S0 GLU 64 deletion         ?  19 
# 
_pdbx_struct_assembly.id                   1 
_pdbx_struct_assembly.details              author_and_software_defined_assembly 
_pdbx_struct_assembly.method_details       PISA 
_pdbx_struct_assembly.oligomeric_details   monomeric 
_pdbx_struct_assembly.oligomeric_count     1 
# 
loop_
_pdbx_struct_assembly_prop.biol_id 
_pdbx_struct_assembly_prop.type 
_pdbx_struct_assembly_prop.value 
_pdbx_struct_assembly_prop.details 
1 'ABSA (A^2)' 270  ? 
1 MORE         -5   ? 
1 'SSA (A^2)'  9660 ? 
# 
_pdbx_struct_assembly_gen.assembly_id       1 
_pdbx_struct_assembly_gen.oper_expression   1 
_pdbx_struct_assembly_gen.asym_id_list      A,B,C,D,E,F 
# 
_pdbx_struct_assembly_auth_evidence.id                     1 
_pdbx_struct_assembly_auth_evidence.assembly_id            1 
_pdbx_struct_assembly_auth_evidence.experimental_support   'gel filtration' 
_pdbx_struct_assembly_auth_evidence.details                ? 
# 
_pdbx_struct_oper_list.id                   1 
_pdbx_struct_oper_list.type                 'identity operation' 
_pdbx_struct_oper_list.name                 1_555 
_pdbx_struct_oper_list.symmetry_operation   x,y,z 
_pdbx_struct_oper_list.matrix[1][1]         1.0000000000 
_pdbx_struct_oper_list.matrix[1][2]         0.0000000000 
_pdbx_struct_oper_list.matrix[1][3]         0.0000000000 
_pdbx_struct_oper_list.vector[1]            0.0000000000 
_pdbx_struct_oper_list.matrix[2][1]         0.0000000000 
_pdbx_struct_oper_list.matrix[2][2]         1.0000000000 
_pdbx_struct_oper_list.matrix[2][3]         0.0000000000 
_pdbx_struct_oper_list.vector[2]            0.0000000000 
_pdbx_struct_oper_list.matrix[3][1]         0.0000000000 
_pdbx_struct_oper_list.matrix[3][2]         0.0000000000 
_pdbx_struct_oper_list.matrix[3][3]         1.0000000000 
_pdbx_struct_oper_list.vector[3]            0.0000000000 
# 
loop_
_struct_conf.conf_type_id 
_struct_conf.id 
_struct_conf.pdbx_PDB_helix_id 
_struct_conf.beg_label_comp_id 
_struct_conf.beg_label_asym_id 
_struct_conf.beg_label_seq_id 
_struct_conf.pdbx_beg_PDB_ins_code 
_struct_conf.end_label_comp_id 
_struct_conf.end_label_asym_id 
_struct_conf.end_label_seq_id 
_struct_conf.pdbx_end_PDB_ins_code 
_struct_conf.beg_auth_comp_id 
_struct_conf.beg_auth_asym_id 
_struct_conf.beg_auth_seq_id 
_struct_conf.end_auth_comp_id 
_struct_conf.end_auth_asym_id 
_struct_conf.end_auth_seq_id 
_struct_conf.pdbx_PDB_helix_class 
_struct_conf.details 
_struct_conf.pdbx_PDB_helix_length 
HELX_P HELX_P1 AA1 MET A 5   ? PHE A 15  ? MET A -1  PHE A 9   1 ? 11 
HELX_P HELX_P2 AA2 ASN A 16  ? TYR A 30  ? ASN A 10  TYR A 24  1 ? 15 
HELX_P HELX_P3 AA3 GLU A 37  ? PHE A 57  ? GLU A 31  PHE A 51  1 ? 21 
HELX_P HELX_P4 AA4 ASP A 77  ? GLY A 93  ? ASP A 83  GLY A 99  1 ? 17 
HELX_P HELX_P5 AA5 GLU A 120 ? ILE A 132 ? GLU A 126 ILE A 138 1 ? 13 
HELX_P HELX_P6 AA6 LYS A 152 ? ASP A 154 ? LYS A 158 ASP A 160 5 ? 3  
HELX_P HELX_P7 AA7 ASP A 158 ? ARG A 179 ? ASP A 164 ARG A 185 1 ? 22 
HELX_P HELX_P8 AA8 LEU A 181 ? GLN A 187 ? LEU A 187 GLN A 193 1 ? 7  
# 
_struct_conf_type.id          HELX_P 
_struct_conf_type.criteria    ? 
_struct_conf_type.reference   ? 
# 
loop_
_struct_conn.id 
_struct_conn.conn_type_id 
_struct_conn.pdbx_leaving_atom_flag 
_struct_conn.pdbx_PDB_id 
_struct_conn.ptnr1_label_asym_id 
_struct_conn.ptnr1_label_comp_id 
_struct_conn.ptnr1_label_seq_id 
_struct_conn.ptnr1_label_atom_id 
_struct_conn.pdbx_ptnr1_label_alt_id 
_struct_conn.pdbx_ptnr1_PDB_ins_code 
_struct_conn.pdbx_ptnr1_standard_comp_id 
_struct_conn.ptnr1_symmetry 
_struct_conn.ptnr2_label_asym_id 
_struct_conn.ptnr2_label_comp_id 
_struct_conn.ptnr2_label_seq_id 
_struct_conn.ptnr2_label_atom_id 
_struct_conn.pdbx_ptnr2_label_alt_id 
_struct_conn.pdbx_ptnr2_PDB_ins_code 
_struct_conn.ptnr1_auth_asym_id 
_struct_conn.ptnr1_auth_comp_id 
_struct_conn.ptnr1_auth_seq_id 
_struct_conn.ptnr2_auth_asym_id 
_struct_conn.ptnr2_auth_comp_id 
_struct_conn.ptnr2_auth_seq_id 
_struct_conn.ptnr2_symmetry 
_struct_conn.pdbx_ptnr3_label_atom_id 
_struct_conn.pdbx_ptnr3_label_seq_id 
_struct_conn.pdbx_ptnr3_label_comp_id 
_struct_conn.pdbx_ptnr3_label_asym_id 
_struct_conn.pdbx_ptnr3_label_alt_id 
_struct_conn.pdbx_ptnr3_PDB_ins_code 
_struct_conn.details 
_struct_conn.pdbx_dist_value 
_struct_conn.pdbx_value_order 
_struct_conn.pdbx_role 
metalc1  metalc ? ? A HIS 47  NE2 ? ? ? 1_555 B MN  . MN  ? ? A HIS 41  A MN  901  1_555 ? ? ? ? ? ? ? 2.212 ? ? 
metalc2  metalc ? ? A GLU 74  OE2 ? ? ? 1_555 C MN  . MN  ? ? A GLU 80  A MN  902  1_555 ? ? ? ? ? ? ? 1.943 ? ? 
metalc3  metalc ? ? A ASP 102 OD2 ? ? ? 1_555 B MN  . MN  ? ? A ASP 108 A MN  901  1_555 ? ? ? ? ? ? ? 2.271 ? ? 
metalc4  metalc ? ? A ASP 102 OD1 ? ? ? 1_555 C MN  . MN  ? ? A ASP 108 A MN  902  1_555 ? ? ? ? ? ? ? 2.233 ? ? 
metalc5  metalc ? ? A GLU 113 OE2 ? ? ? 1_555 B MN  . MN  ? ? A GLU 119 A MN  901  1_555 ? ? ? ? ? ? ? 2.048 ? ? 
metalc6  metalc ? ? A ILE 114 O   ? ? ? 1_555 B MN  . MN  ? ? A ILE 120 A MN  901  1_555 ? ? ? ? ? ? ? 2.156 ? ? 
metalc7  metalc ? ? B MN  .   MN  ? ? ? 1_555 E HOG . OAF ? ? A MN  901 A HOG 904  1_555 ? ? ? ? ? ? ? 2.214 ? ? 
metalc8  metalc ? ? B MN  .   MN  ? ? ? 1_555 E HOG . OAE ? ? A MN  901 A HOG 904  1_555 ? ? ? ? ? ? ? 1.924 ? ? 
metalc9  metalc ? ? C MN  .   MN  ? ? ? 1_555 E HOG . OAB ? ? A MN  902 A HOG 904  1_555 ? ? ? ? ? ? ? 1.775 ? ? 
metalc10 metalc ? ? C MN  .   MN  ? ? ? 1_555 E HOG . OAF ? ? A MN  902 A HOG 904  1_555 ? ? ? ? ? ? ? 1.930 ? ? 
metalc11 metalc ? ? C MN  .   MN  ? ? ? 1_555 F HOH . O   ? ? A MN  902 A HOH 1001 1_555 ? ? ? ? ? ? ? 2.449 ? ? 
metalc12 metalc ? ? C MN  .   MN  ? ? ? 1_555 F HOH . O   ? ? A MN  902 A HOH 1004 1_555 ? ? ? ? ? ? ? 2.436 ? ? 
# 
_struct_conn_type.id          metalc 
_struct_conn_type.criteria    ? 
_struct_conn_type.reference   ? 
# 
loop_
_pdbx_struct_conn_angle.id 
_pdbx_struct_conn_angle.ptnr1_label_atom_id 
_pdbx_struct_conn_angle.ptnr1_label_alt_id 
_pdbx_struct_conn_angle.ptnr1_label_asym_id 
_pdbx_struct_conn_angle.ptnr1_label_comp_id 
_pdbx_struct_conn_angle.ptnr1_label_seq_id 
_pdbx_struct_conn_angle.ptnr1_auth_atom_id 
_pdbx_struct_conn_angle.ptnr1_auth_asym_id 
_pdbx_struct_conn_angle.ptnr1_auth_comp_id 
_pdbx_struct_conn_angle.ptnr1_auth_seq_id 
_pdbx_struct_conn_angle.ptnr1_PDB_ins_code 
_pdbx_struct_conn_angle.ptnr1_symmetry 
_pdbx_struct_conn_angle.ptnr2_label_atom_id 
_pdbx_struct_conn_angle.ptnr2_label_alt_id 
_pdbx_struct_conn_angle.ptnr2_label_asym_id 
_pdbx_struct_conn_angle.ptnr2_label_comp_id 
_pdbx_struct_conn_angle.ptnr2_label_seq_id 
_pdbx_struct_conn_angle.ptnr2_auth_atom_id 
_pdbx_struct_conn_angle.ptnr2_auth_asym_id 
_pdbx_struct_conn_angle.ptnr2_auth_comp_id 
_pdbx_struct_conn_angle.ptnr2_auth_seq_id 
_pdbx_struct_conn_angle.ptnr2_PDB_ins_code 
_pdbx_struct_conn_angle.ptnr2_symmetry 
_pdbx_struct_conn_angle.ptnr3_label_atom_id 
_pdbx_struct_conn_angle.ptnr3_label_alt_id 
_pdbx_struct_conn_angle.ptnr3_label_asym_id 
_pdbx_struct_conn_angle.ptnr3_label_comp_id 
_pdbx_struct_conn_angle.ptnr3_label_seq_id 
_pdbx_struct_conn_angle.ptnr3_auth_atom_id 
_pdbx_struct_conn_angle.ptnr3_auth_asym_id 
_pdbx_struct_conn_angle.ptnr3_auth_comp_id 
_pdbx_struct_conn_angle.ptnr3_auth_seq_id 
_pdbx_struct_conn_angle.ptnr3_PDB_ins_code 
_pdbx_struct_conn_angle.ptnr3_symmetry 
_pdbx_struct_conn_angle.value 
_pdbx_struct_conn_angle.value_esd 
1  NE2 ? A HIS 47  ? A HIS 41   ? 1_555 MN ? B MN . ? A MN 901 ? 1_555 OD2 ? A ASP 102 ? A ASP 108  ? 1_555 99.4  ? 
2  NE2 ? A HIS 47  ? A HIS 41   ? 1_555 MN ? B MN . ? A MN 901 ? 1_555 OE2 ? A GLU 113 ? A GLU 119  ? 1_555 176.9 ? 
3  OD2 ? A ASP 102 ? A ASP 108  ? 1_555 MN ? B MN . ? A MN 901 ? 1_555 OE2 ? A GLU 113 ? A GLU 119  ? 1_555 78.3  ? 
4  NE2 ? A HIS 47  ? A HIS 41   ? 1_555 MN ? B MN . ? A MN 901 ? 1_555 O   ? A ILE 114 ? A ILE 120  ? 1_555 83.1  ? 
5  OD2 ? A ASP 102 ? A ASP 108  ? 1_555 MN ? B MN . ? A MN 901 ? 1_555 O   ? A ILE 114 ? A ILE 120  ? 1_555 86.4  ? 
6  OE2 ? A GLU 113 ? A GLU 119  ? 1_555 MN ? B MN . ? A MN 901 ? 1_555 O   ? A ILE 114 ? A ILE 120  ? 1_555 94.6  ? 
7  NE2 ? A HIS 47  ? A HIS 41   ? 1_555 MN ? B MN . ? A MN 901 ? 1_555 OAF ? E HOG .   ? A HOG 904  ? 1_555 90.9  ? 
8  OD2 ? A ASP 102 ? A ASP 108  ? 1_555 MN ? B MN . ? A MN 901 ? 1_555 OAF ? E HOG .   ? A HOG 904  ? 1_555 97.8  ? 
9  OE2 ? A GLU 113 ? A GLU 119  ? 1_555 MN ? B MN . ? A MN 901 ? 1_555 OAF ? E HOG .   ? A HOG 904  ? 1_555 91.5  ? 
10 O   ? A ILE 114 ? A ILE 120  ? 1_555 MN ? B MN . ? A MN 901 ? 1_555 OAF ? E HOG .   ? A HOG 904  ? 1_555 173.2 ? 
11 NE2 ? A HIS 47  ? A HIS 41   ? 1_555 MN ? B MN . ? A MN 901 ? 1_555 OAE ? E HOG .   ? A HOG 904  ? 1_555 81.2  ? 
12 OD2 ? A ASP 102 ? A ASP 108  ? 1_555 MN ? B MN . ? A MN 901 ? 1_555 OAE ? E HOG .   ? A HOG 904  ? 1_555 178.7 ? 
13 OE2 ? A GLU 113 ? A GLU 119  ? 1_555 MN ? B MN . ? A MN 901 ? 1_555 OAE ? E HOG .   ? A HOG 904  ? 1_555 101.2 ? 
14 O   ? A ILE 114 ? A ILE 120  ? 1_555 MN ? B MN . ? A MN 901 ? 1_555 OAE ? E HOG .   ? A HOG 904  ? 1_555 94.8  ? 
15 OAF ? E HOG .   ? A HOG 904  ? 1_555 MN ? B MN . ? A MN 901 ? 1_555 OAE ? E HOG .   ? A HOG 904  ? 1_555 81.0  ? 
16 OE2 ? A GLU 74  ? A GLU 80   ? 1_555 MN ? C MN . ? A MN 902 ? 1_555 OD1 ? A ASP 102 ? A ASP 108  ? 1_555 85.8  ? 
17 OE2 ? A GLU 74  ? A GLU 80   ? 1_555 MN ? C MN . ? A MN 902 ? 1_555 OAB ? E HOG .   ? A HOG 904  ? 1_555 94.8  ? 
18 OD1 ? A ASP 102 ? A ASP 108  ? 1_555 MN ? C MN . ? A MN 902 ? 1_555 OAB ? E HOG .   ? A HOG 904  ? 1_555 178.5 ? 
19 OE2 ? A GLU 74  ? A GLU 80   ? 1_555 MN ? C MN . ? A MN 902 ? 1_555 OAF ? E HOG .   ? A HOG 904  ? 1_555 98.8  ? 
20 OD1 ? A ASP 102 ? A ASP 108  ? 1_555 MN ? C MN . ? A MN 902 ? 1_555 OAF ? E HOG .   ? A HOG 904  ? 1_555 81.8  ? 
21 OAB ? E HOG .   ? A HOG 904  ? 1_555 MN ? C MN . ? A MN 902 ? 1_555 OAF ? E HOG .   ? A HOG 904  ? 1_555 99.4  ? 
22 OE2 ? A GLU 74  ? A GLU 80   ? 1_555 MN ? C MN . ? A MN 902 ? 1_555 O   ? F HOH .   ? A HOH 1001 ? 1_555 175.6 ? 
23 OD1 ? A ASP 102 ? A ASP 108  ? 1_555 MN ? C MN . ? A MN 902 ? 1_555 O   ? F HOH .   ? A HOH 1001 ? 1_555 94.0  ? 
24 OAB ? E HOG .   ? A HOG 904  ? 1_555 MN ? C MN . ? A MN 902 ? 1_555 O   ? F HOH .   ? A HOH 1001 ? 1_555 85.3  ? 
25 OAF ? E HOG .   ? A HOG 904  ? 1_555 MN ? C MN . ? A MN 902 ? 1_555 O   ? F HOH .   ? A HOH 1001 ? 1_555 85.5  ? 
26 OE2 ? A GLU 74  ? A GLU 80   ? 1_555 MN ? C MN . ? A MN 902 ? 1_555 O   ? F HOH .   ? A HOH 1004 ? 1_555 82.7  ? 
27 OD1 ? A ASP 102 ? A ASP 108  ? 1_555 MN ? C MN . ? A MN 902 ? 1_555 O   ? F HOH .   ? A HOH 1004 ? 1_555 99.7  ? 
28 OAB ? E HOG .   ? A HOG 904  ? 1_555 MN ? C MN . ? A MN 902 ? 1_555 O   ? F HOH .   ? A HOH 1004 ? 1_555 79.1  ? 
29 OAF ? E HOG .   ? A HOG 904  ? 1_555 MN ? C MN . ? A MN 902 ? 1_555 O   ? F HOH .   ? A HOH 1004 ? 1_555 178.0 ? 
30 O   ? F HOH .   ? A HOH 1001 ? 1_555 MN ? C MN . ? A MN 902 ? 1_555 O   ? F HOH .   ? A HOH 1004 ? 1_555 93.1  ? 
# 
_struct_sheet.id               AA1 
_struct_sheet.type             ? 
_struct_sheet.number_strands   5 
_struct_sheet.details          ? 
# 
loop_
_struct_sheet_order.sheet_id 
_struct_sheet_order.range_id_1 
_struct_sheet_order.range_id_2 
_struct_sheet_order.offset 
_struct_sheet_order.sense 
AA1 1 2 ? anti-parallel 
AA1 2 3 ? anti-parallel 
AA1 3 4 ? parallel      
AA1 4 5 ? anti-parallel 
# 
loop_
_struct_sheet_range.sheet_id 
_struct_sheet_range.id 
_struct_sheet_range.beg_label_comp_id 
_struct_sheet_range.beg_label_asym_id 
_struct_sheet_range.beg_label_seq_id 
_struct_sheet_range.pdbx_beg_PDB_ins_code 
_struct_sheet_range.end_label_comp_id 
_struct_sheet_range.end_label_asym_id 
_struct_sheet_range.end_label_seq_id 
_struct_sheet_range.pdbx_end_PDB_ins_code 
_struct_sheet_range.beg_auth_comp_id 
_struct_sheet_range.beg_auth_asym_id 
_struct_sheet_range.beg_auth_seq_id 
_struct_sheet_range.end_auth_comp_id 
_struct_sheet_range.end_auth_asym_id 
_struct_sheet_range.end_auth_seq_id 
AA1 1 PHE A 70  ? ILE A 72  ? PHE A 76  ILE A 78  
AA1 2 LEU A 103 ? ASP A 105 ? LEU A 109 ASP A 111 
AA1 3 ARG A 110 ? THR A 117 ? ARG A 116 THR A 123 
AA1 4 HIS A 138 ? SER A 143 ? HIS A 144 SER A 149 
AA1 5 GLU A 148 ? ALA A 150 ? GLU A 154 ALA A 156 
# 
loop_
_pdbx_struct_sheet_hbond.sheet_id 
_pdbx_struct_sheet_hbond.range_id_1 
_pdbx_struct_sheet_hbond.range_id_2 
_pdbx_struct_sheet_hbond.range_1_label_atom_id 
_pdbx_struct_sheet_hbond.range_1_label_comp_id 
_pdbx_struct_sheet_hbond.range_1_label_asym_id 
_pdbx_struct_sheet_hbond.range_1_label_seq_id 
_pdbx_struct_sheet_hbond.range_1_PDB_ins_code 
_pdbx_struct_sheet_hbond.range_1_auth_atom_id 
_pdbx_struct_sheet_hbond.range_1_auth_comp_id 
_pdbx_struct_sheet_hbond.range_1_auth_asym_id 
_pdbx_struct_sheet_hbond.range_1_auth_seq_id 
_pdbx_struct_sheet_hbond.range_2_label_atom_id 
_pdbx_struct_sheet_hbond.range_2_label_comp_id 
_pdbx_struct_sheet_hbond.range_2_label_asym_id 
_pdbx_struct_sheet_hbond.range_2_label_seq_id 
_pdbx_struct_sheet_hbond.range_2_PDB_ins_code 
_pdbx_struct_sheet_hbond.range_2_auth_atom_id 
_pdbx_struct_sheet_hbond.range_2_auth_comp_id 
_pdbx_struct_sheet_hbond.range_2_auth_asym_id 
_pdbx_struct_sheet_hbond.range_2_auth_seq_id 
AA1 1 2 N GLU A 71  ? N GLU A 77  O TYR A 104 ? O TYR A 110 
AA1 2 3 N LEU A 103 ? N LEU A 109 O ILE A 112 ? O ILE A 118 
AA1 3 4 N GLU A 113 ? N GLU A 119 O HIS A 138 ? O HIS A 144 
AA1 4 5 N ILE A 141 ? N ILE A 147 O MET A 149 ? O MET A 155 
# 
loop_
_struct_site.id 
_struct_site.pdbx_evidence_code 
_struct_site.pdbx_auth_asym_id 
_struct_site.pdbx_auth_comp_id 
_struct_site.pdbx_auth_seq_id 
_struct_site.pdbx_auth_ins_code 
_struct_site.pdbx_num_residues 
_struct_site.details 
AC1 Software A MN  901 ? 5  'binding site for residue MN A 901'  
AC2 Software A MN  902 ? 5  'binding site for residue MN A 902'  
AC3 Software A EDO 903 ? 5  'binding site for residue EDO A 903' 
AC4 Software A HOG 904 ? 17 'binding site for residue HOG A 904' 
# 
loop_
_struct_site_gen.id 
_struct_site_gen.site_id 
_struct_site_gen.pdbx_num_res 
_struct_site_gen.label_comp_id 
_struct_site_gen.label_asym_id 
_struct_site_gen.label_seq_id 
_struct_site_gen.pdbx_auth_ins_code 
_struct_site_gen.auth_comp_id 
_struct_site_gen.auth_asym_id 
_struct_site_gen.auth_seq_id 
_struct_site_gen.label_atom_id 
_struct_site_gen.label_alt_id 
_struct_site_gen.symmetry 
_struct_site_gen.details 
1  AC1 5  HIS A 47  ? HIS A 41   . ? 1_555 ? 
2  AC1 5  ASP A 102 ? ASP A 108  . ? 1_555 ? 
3  AC1 5  GLU A 113 ? GLU A 119  . ? 1_555 ? 
4  AC1 5  ILE A 114 ? ILE A 120  . ? 1_555 ? 
5  AC1 5  HOG E .   ? HOG A 904  . ? 1_555 ? 
6  AC2 5  GLU A 74  ? GLU A 80   . ? 1_555 ? 
7  AC2 5  ASP A 102 ? ASP A 108  . ? 1_555 ? 
8  AC2 5  HOG E .   ? HOG A 904  . ? 1_555 ? 
9  AC2 5  HOH F .   ? HOH A 1001 . ? 1_555 ? 
10 AC2 5  HOH F .   ? HOH A 1004 . ? 1_555 ? 
11 AC3 5  ARG A 78  ? ARG A 84   . ? 1_555 ? 
12 AC3 5  TRP A 82  ? TRP A 88   . ? 9_555 ? 
13 AC3 5  TRP A 82  ? TRP A 88   . ? 1_555 ? 
14 AC3 5  LEU A 100 ? LEU A 106  . ? 9_555 ? 
15 AC3 5  LEU A 100 ? LEU A 106  . ? 1_555 ? 
16 AC4 17 HIS A 47  ? HIS A 41   . ? 1_555 ? 
17 AC4 17 GLU A 74  ? GLU A 80   . ? 1_555 ? 
18 AC4 17 LEU A 100 ? LEU A 106  . ? 1_555 ? 
19 AC4 17 ASP A 102 ? ASP A 108  . ? 1_555 ? 
20 AC4 17 GLU A 113 ? GLU A 119  . ? 1_555 ? 
21 AC4 17 ILE A 114 ? ILE A 120  . ? 1_555 ? 
22 AC4 17 LYS A 128 ? LYS A 134  . ? 1_555 ? 
23 AC4 17 LYS A 131 ? LYS A 137  . ? 1_555 ? 
24 AC4 17 ARG A 190 ? ARG A 196  . ? 1_555 ? 
25 AC4 17 MN  B .   ? MN  A 901  . ? 1_555 ? 
26 AC4 17 MN  C .   ? MN  A 902  . ? 1_555 ? 
27 AC4 17 HOH F .   ? HOH A 1001 . ? 1_555 ? 
28 AC4 17 HOH F .   ? HOH A 1002 . ? 1_555 ? 
29 AC4 17 HOH F .   ? HOH A 1004 . ? 1_555 ? 
30 AC4 17 HOH F .   ? HOH A 1005 . ? 1_555 ? 
31 AC4 17 HOH F .   ? HOH A 1006 . ? 1_555 ? 
32 AC4 17 HOH F .   ? HOH A 1010 . ? 1_555 ? 
# 
loop_
_pdbx_validate_torsion.id 
_pdbx_validate_torsion.PDB_model_num 
_pdbx_validate_torsion.auth_comp_id 
_pdbx_validate_torsion.auth_asym_id 
_pdbx_validate_torsion.auth_seq_id 
_pdbx_validate_torsion.PDB_ins_code 
_pdbx_validate_torsion.label_alt_id 
_pdbx_validate_torsion.phi 
_pdbx_validate_torsion.psi 
1 1 ILE A 30  ? ? -107.38 -60.24 
2 1 LYS A 142 ? ? -105.28 49.40  
3 1 LYS A 158 ? ? 43.51   23.50  
4 1 ALA A 159 ? ? 59.09   18.68  
5 1 THR A 162 ? ? 67.45   -53.77 
# 
loop_
_pdbx_validate_planes.id 
_pdbx_validate_planes.PDB_model_num 
_pdbx_validate_planes.auth_comp_id 
_pdbx_validate_planes.auth_asym_id 
_pdbx_validate_planes.auth_seq_id 
_pdbx_validate_planes.PDB_ins_code 
_pdbx_validate_planes.label_alt_id 
_pdbx_validate_planes.rmsd 
_pdbx_validate_planes.type 
1 1 ARG A 6   ? ? 0.086 'SIDE CHAIN' 
2 1 ARG A 82  ? ? 0.085 'SIDE CHAIN' 
3 1 ARG A 84  ? ? 0.078 'SIDE CHAIN' 
4 1 ARG A 174 ? ? 0.107 'SIDE CHAIN' 
5 1 ARG A 196 ? ? 0.200 'SIDE CHAIN' 
# 
_pdbx_struct_special_symmetry.id              1 
_pdbx_struct_special_symmetry.PDB_model_num   1 
_pdbx_struct_special_symmetry.auth_asym_id    A 
_pdbx_struct_special_symmetry.auth_comp_id    EDO 
_pdbx_struct_special_symmetry.auth_seq_id     903 
_pdbx_struct_special_symmetry.PDB_ins_code    ? 
_pdbx_struct_special_symmetry.label_asym_id   D 
_pdbx_struct_special_symmetry.label_comp_id   EDO 
_pdbx_struct_special_symmetry.label_seq_id    . 
# 
loop_
_pdbx_unobs_or_zero_occ_residues.id 
_pdbx_unobs_or_zero_occ_residues.PDB_model_num 
_pdbx_unobs_or_zero_occ_residues.polymer_flag 
_pdbx_unobs_or_zero_occ_residues.occupancy_flag 
_pdbx_unobs_or_zero_occ_residues.auth_asym_id 
_pdbx_unobs_or_zero_occ_residues.auth_comp_id 
_pdbx_unobs_or_zero_occ_residues.auth_seq_id 
_pdbx_unobs_or_zero_occ_residues.PDB_ins_code 
_pdbx_unobs_or_zero_occ_residues.label_asym_id 
_pdbx_unobs_or_zero_occ_residues.label_comp_id 
_pdbx_unobs_or_zero_occ_residues.label_seq_id 
1  1 Y 1 A MET -5  ? A MET 1   
2  1 Y 1 A GLY -4  ? A GLY 2   
3  1 Y 1 A SER -3  ? A SER 3   
4  1 Y 1 A GLY -2  ? A GLY 4   
5  1 Y 1 A SER 65  ? A SER 59  
6  1 Y 1 A GLY 66  ? A GLY 60  
7  1 Y 1 A ASP 67  ? A ASP 61  
8  1 Y 1 A PRO 68  ? A PRO 62  
9  1 Y 1 A ASN 69  ? A ASN 63  
10 1 Y 1 A ALA 70  ? A ALA 64  
11 1 Y 1 A LEU 71  ? A LEU 65  
12 1 Y 1 A LYS 139 ? A LYS 133 
13 1 Y 1 A SER 140 ? A SER 134 
14 1 Y 1 A GLY 197 ? A GLY 191 
15 1 Y 1 A GLU 198 ? A GLU 192 
# 
loop_
_chem_comp_atom.comp_id 
_chem_comp_atom.atom_id 
_chem_comp_atom.type_symbol 
_chem_comp_atom.pdbx_aromatic_flag 
_chem_comp_atom.pdbx_stereo_config 
_chem_comp_atom.pdbx_ordinal 
ALA N    N  N N 1   
ALA CA   C  N S 2   
ALA C    C  N N 3   
ALA O    O  N N 4   
ALA CB   C  N N 5   
ALA OXT  O  N N 6   
ALA H    H  N N 7   
ALA H2   H  N N 8   
ALA HA   H  N N 9   
ALA HB1  H  N N 10  
ALA HB2  H  N N 11  
ALA HB3  H  N N 12  
ALA HXT  H  N N 13  
ARG N    N  N N 14  
ARG CA   C  N S 15  
ARG C    C  N N 16  
ARG O    O  N N 17  
ARG CB   C  N N 18  
ARG CG   C  N N 19  
ARG CD   C  N N 20  
ARG NE   N  N N 21  
ARG CZ   C  N N 22  
ARG NH1  N  N N 23  
ARG NH2  N  N N 24  
ARG OXT  O  N N 25  
ARG H    H  N N 26  
ARG H2   H  N N 27  
ARG HA   H  N N 28  
ARG HB2  H  N N 29  
ARG HB3  H  N N 30  
ARG HG2  H  N N 31  
ARG HG3  H  N N 32  
ARG HD2  H  N N 33  
ARG HD3  H  N N 34  
ARG HE   H  N N 35  
ARG HH11 H  N N 36  
ARG HH12 H  N N 37  
ARG HH21 H  N N 38  
ARG HH22 H  N N 39  
ARG HXT  H  N N 40  
ASN N    N  N N 41  
ASN CA   C  N S 42  
ASN C    C  N N 43  
ASN O    O  N N 44  
ASN CB   C  N N 45  
ASN CG   C  N N 46  
ASN OD1  O  N N 47  
ASN ND2  N  N N 48  
ASN OXT  O  N N 49  
ASN H    H  N N 50  
ASN H2   H  N N 51  
ASN HA   H  N N 52  
ASN HB2  H  N N 53  
ASN HB3  H  N N 54  
ASN HD21 H  N N 55  
ASN HD22 H  N N 56  
ASN HXT  H  N N 57  
ASP N    N  N N 58  
ASP CA   C  N S 59  
ASP C    C  N N 60  
ASP O    O  N N 61  
ASP CB   C  N N 62  
ASP CG   C  N N 63  
ASP OD1  O  N N 64  
ASP OD2  O  N N 65  
ASP OXT  O  N N 66  
ASP H    H  N N 67  
ASP H2   H  N N 68  
ASP HA   H  N N 69  
ASP HB2  H  N N 70  
ASP HB3  H  N N 71  
ASP HD2  H  N N 72  
ASP HXT  H  N N 73  
CYS N    N  N N 74  
CYS CA   C  N R 75  
CYS C    C  N N 76  
CYS O    O  N N 77  
CYS CB   C  N N 78  
CYS SG   S  N N 79  
CYS OXT  O  N N 80  
CYS H    H  N N 81  
CYS H2   H  N N 82  
CYS HA   H  N N 83  
CYS HB2  H  N N 84  
CYS HB3  H  N N 85  
CYS HG   H  N N 86  
CYS HXT  H  N N 87  
EDO C1   C  N N 88  
EDO O1   O  N N 89  
EDO C2   C  N N 90  
EDO O2   O  N N 91  
EDO H11  H  N N 92  
EDO H12  H  N N 93  
EDO HO1  H  N N 94  
EDO H21  H  N N 95  
EDO H22  H  N N 96  
EDO HO2  H  N N 97  
GLN N    N  N N 98  
GLN CA   C  N S 99  
GLN C    C  N N 100 
GLN O    O  N N 101 
GLN CB   C  N N 102 
GLN CG   C  N N 103 
GLN CD   C  N N 104 
GLN OE1  O  N N 105 
GLN NE2  N  N N 106 
GLN OXT  O  N N 107 
GLN H    H  N N 108 
GLN H2   H  N N 109 
GLN HA   H  N N 110 
GLN HB2  H  N N 111 
GLN HB3  H  N N 112 
GLN HG2  H  N N 113 
GLN HG3  H  N N 114 
GLN HE21 H  N N 115 
GLN HE22 H  N N 116 
GLN HXT  H  N N 117 
GLU N    N  N N 118 
GLU CA   C  N S 119 
GLU C    C  N N 120 
GLU O    O  N N 121 
GLU CB   C  N N 122 
GLU CG   C  N N 123 
GLU CD   C  N N 124 
GLU OE1  O  N N 125 
GLU OE2  O  N N 126 
GLU OXT  O  N N 127 
GLU H    H  N N 128 
GLU H2   H  N N 129 
GLU HA   H  N N 130 
GLU HB2  H  N N 131 
GLU HB3  H  N N 132 
GLU HG2  H  N N 133 
GLU HG3  H  N N 134 
GLU HE2  H  N N 135 
GLU HXT  H  N N 136 
GLY N    N  N N 137 
GLY CA   C  N N 138 
GLY C    C  N N 139 
GLY O    O  N N 140 
GLY OXT  O  N N 141 
GLY H    H  N N 142 
GLY H2   H  N N 143 
GLY HA2  H  N N 144 
GLY HA3  H  N N 145 
GLY HXT  H  N N 146 
HIS N    N  N N 147 
HIS CA   C  N S 148 
HIS C    C  N N 149 
HIS O    O  N N 150 
HIS CB   C  N N 151 
HIS CG   C  Y N 152 
HIS ND1  N  Y N 153 
HIS CD2  C  Y N 154 
HIS CE1  C  Y N 155 
HIS NE2  N  Y N 156 
HIS OXT  O  N N 157 
HIS H    H  N N 158 
HIS H2   H  N N 159 
HIS HA   H  N N 160 
HIS HB2  H  N N 161 
HIS HB3  H  N N 162 
HIS HD1  H  N N 163 
HIS HD2  H  N N 164 
HIS HE1  H  N N 165 
HIS HE2  H  N N 166 
HIS HXT  H  N N 167 
HOG OAA  O  N N 168 
HOG CAM  C  N N 169 
HOG OAC  O  N N 170 
HOG CAP  C  Y N 171 
HOG CAK  C  Y N 172 
HOG CAH  C  Y N 173 
HOG CAG  C  Y N 174 
HOG CAI  C  Y N 175 
HOG CAQ  C  Y N 176 
HOG CAR  C  N N 177 
HOG CAJ  C  N N 178 
HOG NAL  N  N N 179 
HOG CAT  C  N N 180 
HOG CAN  C  N N 181 
HOG OAD  O  N N 182 
HOG OAB  O  N N 183 
HOG CAS  C  N N 184 
HOG OAF  O  N N 185 
HOG CAO  C  N N 186 
HOG OAE  O  N N 187 
HOG H1   H  N N 188 
HOG H2   H  N N 189 
HOG H3   H  N N 190 
HOG H4   H  N N 191 
HOG H5   H  N N 192 
HOG H6   H  N N 193 
HOG H7   H  N N 194 
HOG H8   H  N N 195 
HOG H10  H  N N 196 
HOH O    O  N N 197 
HOH H1   H  N N 198 
HOH H2   H  N N 199 
ILE N    N  N N 200 
ILE CA   C  N S 201 
ILE C    C  N N 202 
ILE O    O  N N 203 
ILE CB   C  N S 204 
ILE CG1  C  N N 205 
ILE CG2  C  N N 206 
ILE CD1  C  N N 207 
ILE OXT  O  N N 208 
ILE H    H  N N 209 
ILE H2   H  N N 210 
ILE HA   H  N N 211 
ILE HB   H  N N 212 
ILE HG12 H  N N 213 
ILE HG13 H  N N 214 
ILE HG21 H  N N 215 
ILE HG22 H  N N 216 
ILE HG23 H  N N 217 
ILE HD11 H  N N 218 
ILE HD12 H  N N 219 
ILE HD13 H  N N 220 
ILE HXT  H  N N 221 
LEU N    N  N N 222 
LEU CA   C  N S 223 
LEU C    C  N N 224 
LEU O    O  N N 225 
LEU CB   C  N N 226 
LEU CG   C  N N 227 
LEU CD1  C  N N 228 
LEU CD2  C  N N 229 
LEU OXT  O  N N 230 
LEU H    H  N N 231 
LEU H2   H  N N 232 
LEU HA   H  N N 233 
LEU HB2  H  N N 234 
LEU HB3  H  N N 235 
LEU HG   H  N N 236 
LEU HD11 H  N N 237 
LEU HD12 H  N N 238 
LEU HD13 H  N N 239 
LEU HD21 H  N N 240 
LEU HD22 H  N N 241 
LEU HD23 H  N N 242 
LEU HXT  H  N N 243 
LYS N    N  N N 244 
LYS CA   C  N S 245 
LYS C    C  N N 246 
LYS O    O  N N 247 
LYS CB   C  N N 248 
LYS CG   C  N N 249 
LYS CD   C  N N 250 
LYS CE   C  N N 251 
LYS NZ   N  N N 252 
LYS OXT  O  N N 253 
LYS H    H  N N 254 
LYS H2   H  N N 255 
LYS HA   H  N N 256 
LYS HB2  H  N N 257 
LYS HB3  H  N N 258 
LYS HG2  H  N N 259 
LYS HG3  H  N N 260 
LYS HD2  H  N N 261 
LYS HD3  H  N N 262 
LYS HE2  H  N N 263 
LYS HE3  H  N N 264 
LYS HZ1  H  N N 265 
LYS HZ2  H  N N 266 
LYS HZ3  H  N N 267 
LYS HXT  H  N N 268 
MET N    N  N N 269 
MET CA   C  N S 270 
MET C    C  N N 271 
MET O    O  N N 272 
MET CB   C  N N 273 
MET CG   C  N N 274 
MET SD   S  N N 275 
MET CE   C  N N 276 
MET OXT  O  N N 277 
MET H    H  N N 278 
MET H2   H  N N 279 
MET HA   H  N N 280 
MET HB2  H  N N 281 
MET HB3  H  N N 282 
MET HG2  H  N N 283 
MET HG3  H  N N 284 
MET HE1  H  N N 285 
MET HE2  H  N N 286 
MET HE3  H  N N 287 
MET HXT  H  N N 288 
MN  MN   MN N N 289 
PHE N    N  N N 290 
PHE CA   C  N S 291 
PHE C    C  N N 292 
PHE O    O  N N 293 
PHE CB   C  N N 294 
PHE CG   C  Y N 295 
PHE CD1  C  Y N 296 
PHE CD2  C  Y N 297 
PHE CE1  C  Y N 298 
PHE CE2  C  Y N 299 
PHE CZ   C  Y N 300 
PHE OXT  O  N N 301 
PHE H    H  N N 302 
PHE H2   H  N N 303 
PHE HA   H  N N 304 
PHE HB2  H  N N 305 
PHE HB3  H  N N 306 
PHE HD1  H  N N 307 
PHE HD2  H  N N 308 
PHE HE1  H  N N 309 
PHE HE2  H  N N 310 
PHE HZ   H  N N 311 
PHE HXT  H  N N 312 
PRO N    N  N N 313 
PRO CA   C  N S 314 
PRO C    C  N N 315 
PRO O    O  N N 316 
PRO CB   C  N N 317 
PRO CG   C  N N 318 
PRO CD   C  N N 319 
PRO OXT  O  N N 320 
PRO H    H  N N 321 
PRO HA   H  N N 322 
PRO HB2  H  N N 323 
PRO HB3  H  N N 324 
PRO HG2  H  N N 325 
PRO HG3  H  N N 326 
PRO HD2  H  N N 327 
PRO HD3  H  N N 328 
PRO HXT  H  N N 329 
SER N    N  N N 330 
SER CA   C  N S 331 
SER C    C  N N 332 
SER O    O  N N 333 
SER CB   C  N N 334 
SER OG   O  N N 335 
SER OXT  O  N N 336 
SER H    H  N N 337 
SER H2   H  N N 338 
SER HA   H  N N 339 
SER HB2  H  N N 340 
SER HB3  H  N N 341 
SER HG   H  N N 342 
SER HXT  H  N N 343 
THR N    N  N N 344 
THR CA   C  N S 345 
THR C    C  N N 346 
THR O    O  N N 347 
THR CB   C  N R 348 
THR OG1  O  N N 349 
THR CG2  C  N N 350 
THR OXT  O  N N 351 
THR H    H  N N 352 
THR H2   H  N N 353 
THR HA   H  N N 354 
THR HB   H  N N 355 
THR HG1  H  N N 356 
THR HG21 H  N N 357 
THR HG22 H  N N 358 
THR HG23 H  N N 359 
THR HXT  H  N N 360 
TRP N    N  N N 361 
TRP CA   C  N S 362 
TRP C    C  N N 363 
TRP O    O  N N 364 
TRP CB   C  N N 365 
TRP CG   C  Y N 366 
TRP CD1  C  Y N 367 
TRP CD2  C  Y N 368 
TRP NE1  N  Y N 369 
TRP CE2  C  Y N 370 
TRP CE3  C  Y N 371 
TRP CZ2  C  Y N 372 
TRP CZ3  C  Y N 373 
TRP CH2  C  Y N 374 
TRP OXT  O  N N 375 
TRP H    H  N N 376 
TRP H2   H  N N 377 
TRP HA   H  N N 378 
TRP HB2  H  N N 379 
TRP HB3  H  N N 380 
TRP HD1  H  N N 381 
TRP HE1  H  N N 382 
TRP HE3  H  N N 383 
TRP HZ2  H  N N 384 
TRP HZ3  H  N N 385 
TRP HH2  H  N N 386 
TRP HXT  H  N N 387 
TYR N    N  N N 388 
TYR CA   C  N S 389 
TYR C    C  N N 390 
TYR O    O  N N 391 
TYR CB   C  N N 392 
TYR CG   C  Y N 393 
TYR CD1  C  Y N 394 
TYR CD2  C  Y N 395 
TYR CE1  C  Y N 396 
TYR CE2  C  Y N 397 
TYR CZ   C  Y N 398 
TYR OH   O  N N 399 
TYR OXT  O  N N 400 
TYR H    H  N N 401 
TYR H2   H  N N 402 
TYR HA   H  N N 403 
TYR HB2  H  N N 404 
TYR HB3  H  N N 405 
TYR HD1  H  N N 406 
TYR HD2  H  N N 407 
TYR HE1  H  N N 408 
TYR HE2  H  N N 409 
TYR HH   H  N N 410 
TYR HXT  H  N N 411 
VAL N    N  N N 412 
VAL CA   C  N S 413 
VAL C    C  N N 414 
VAL O    O  N N 415 
VAL CB   C  N N 416 
VAL CG1  C  N N 417 
VAL CG2  C  N N 418 
VAL OXT  O  N N 419 
VAL H    H  N N 420 
VAL H2   H  N N 421 
VAL HA   H  N N 422 
VAL HB   H  N N 423 
VAL HG11 H  N N 424 
VAL HG12 H  N N 425 
VAL HG13 H  N N 426 
VAL HG21 H  N N 427 
VAL HG22 H  N N 428 
VAL HG23 H  N N 429 
VAL HXT  H  N N 430 
# 
loop_
_chem_comp_bond.comp_id 
_chem_comp_bond.atom_id_1 
_chem_comp_bond.atom_id_2 
_chem_comp_bond.value_order 
_chem_comp_bond.pdbx_aromatic_flag 
_chem_comp_bond.pdbx_stereo_config 
_chem_comp_bond.pdbx_ordinal 
ALA N   CA   sing N N 1   
ALA N   H    sing N N 2   
ALA N   H2   sing N N 3   
ALA CA  C    sing N N 4   
ALA CA  CB   sing N N 5   
ALA CA  HA   sing N N 6   
ALA C   O    doub N N 7   
ALA C   OXT  sing N N 8   
ALA CB  HB1  sing N N 9   
ALA CB  HB2  sing N N 10  
ALA CB  HB3  sing N N 11  
ALA OXT HXT  sing N N 12  
ARG N   CA   sing N N 13  
ARG N   H    sing N N 14  
ARG N   H2   sing N N 15  
ARG CA  C    sing N N 16  
ARG CA  CB   sing N N 17  
ARG CA  HA   sing N N 18  
ARG C   O    doub N N 19  
ARG C   OXT  sing N N 20  
ARG CB  CG   sing N N 21  
ARG CB  HB2  sing N N 22  
ARG CB  HB3  sing N N 23  
ARG CG  CD   sing N N 24  
ARG CG  HG2  sing N N 25  
ARG CG  HG3  sing N N 26  
ARG CD  NE   sing N N 27  
ARG CD  HD2  sing N N 28  
ARG CD  HD3  sing N N 29  
ARG NE  CZ   sing N N 30  
ARG NE  HE   sing N N 31  
ARG CZ  NH1  sing N N 32  
ARG CZ  NH2  doub N N 33  
ARG NH1 HH11 sing N N 34  
ARG NH1 HH12 sing N N 35  
ARG NH2 HH21 sing N N 36  
ARG NH2 HH22 sing N N 37  
ARG OXT HXT  sing N N 38  
ASN N   CA   sing N N 39  
ASN N   H    sing N N 40  
ASN N   H2   sing N N 41  
ASN CA  C    sing N N 42  
ASN CA  CB   sing N N 43  
ASN CA  HA   sing N N 44  
ASN C   O    doub N N 45  
ASN C   OXT  sing N N 46  
ASN CB  CG   sing N N 47  
ASN CB  HB2  sing N N 48  
ASN CB  HB3  sing N N 49  
ASN CG  OD1  doub N N 50  
ASN CG  ND2  sing N N 51  
ASN ND2 HD21 sing N N 52  
ASN ND2 HD22 sing N N 53  
ASN OXT HXT  sing N N 54  
ASP N   CA   sing N N 55  
ASP N   H    sing N N 56  
ASP N   H2   sing N N 57  
ASP CA  C    sing N N 58  
ASP CA  CB   sing N N 59  
ASP CA  HA   sing N N 60  
ASP C   O    doub N N 61  
ASP C   OXT  sing N N 62  
ASP CB  CG   sing N N 63  
ASP CB  HB2  sing N N 64  
ASP CB  HB3  sing N N 65  
ASP CG  OD1  doub N N 66  
ASP CG  OD2  sing N N 67  
ASP OD2 HD2  sing N N 68  
ASP OXT HXT  sing N N 69  
CYS N   CA   sing N N 70  
CYS N   H    sing N N 71  
CYS N   H2   sing N N 72  
CYS CA  C    sing N N 73  
CYS CA  CB   sing N N 74  
CYS CA  HA   sing N N 75  
CYS C   O    doub N N 76  
CYS C   OXT  sing N N 77  
CYS CB  SG   sing N N 78  
CYS CB  HB2  sing N N 79  
CYS CB  HB3  sing N N 80  
CYS SG  HG   sing N N 81  
CYS OXT HXT  sing N N 82  
EDO C1  O1   sing N N 83  
EDO C1  C2   sing N N 84  
EDO C1  H11  sing N N 85  
EDO C1  H12  sing N N 86  
EDO O1  HO1  sing N N 87  
EDO C2  O2   sing N N 88  
EDO C2  H21  sing N N 89  
EDO C2  H22  sing N N 90  
EDO O2  HO2  sing N N 91  
GLN N   CA   sing N N 92  
GLN N   H    sing N N 93  
GLN N   H2   sing N N 94  
GLN CA  C    sing N N 95  
GLN CA  CB   sing N N 96  
GLN CA  HA   sing N N 97  
GLN C   O    doub N N 98  
GLN C   OXT  sing N N 99  
GLN CB  CG   sing N N 100 
GLN CB  HB2  sing N N 101 
GLN CB  HB3  sing N N 102 
GLN CG  CD   sing N N 103 
GLN CG  HG2  sing N N 104 
GLN CG  HG3  sing N N 105 
GLN CD  OE1  doub N N 106 
GLN CD  NE2  sing N N 107 
GLN NE2 HE21 sing N N 108 
GLN NE2 HE22 sing N N 109 
GLN OXT HXT  sing N N 110 
GLU N   CA   sing N N 111 
GLU N   H    sing N N 112 
GLU N   H2   sing N N 113 
GLU CA  C    sing N N 114 
GLU CA  CB   sing N N 115 
GLU CA  HA   sing N N 116 
GLU C   O    doub N N 117 
GLU C   OXT  sing N N 118 
GLU CB  CG   sing N N 119 
GLU CB  HB2  sing N N 120 
GLU CB  HB3  sing N N 121 
GLU CG  CD   sing N N 122 
GLU CG  HG2  sing N N 123 
GLU CG  HG3  sing N N 124 
GLU CD  OE1  doub N N 125 
GLU CD  OE2  sing N N 126 
GLU OE2 HE2  sing N N 127 
GLU OXT HXT  sing N N 128 
GLY N   CA   sing N N 129 
GLY N   H    sing N N 130 
GLY N   H2   sing N N 131 
GLY CA  C    sing N N 132 
GLY CA  HA2  sing N N 133 
GLY CA  HA3  sing N N 134 
GLY C   O    doub N N 135 
GLY C   OXT  sing N N 136 
GLY OXT HXT  sing N N 137 
HIS N   CA   sing N N 138 
HIS N   H    sing N N 139 
HIS N   H2   sing N N 140 
HIS CA  C    sing N N 141 
HIS CA  CB   sing N N 142 
HIS CA  HA   sing N N 143 
HIS C   O    doub N N 144 
HIS C   OXT  sing N N 145 
HIS CB  CG   sing N N 146 
HIS CB  HB2  sing N N 147 
HIS CB  HB3  sing N N 148 
HIS CG  ND1  sing Y N 149 
HIS CG  CD2  doub Y N 150 
HIS ND1 CE1  doub Y N 151 
HIS ND1 HD1  sing N N 152 
HIS CD2 NE2  sing Y N 153 
HIS CD2 HD2  sing N N 154 
HIS CE1 NE2  sing Y N 155 
HIS CE1 HE1  sing N N 156 
HIS NE2 HE2  sing N N 157 
HIS OXT HXT  sing N N 158 
HOG OAE CAO  doub N N 159 
HOG OAF CAS  sing N N 160 
HOG CAO CAS  sing N N 161 
HOG CAO CAJ  sing N N 162 
HOG CAS CAT  doub N N 163 
HOG CAJ CAR  doub N N 164 
HOG OAB CAN  doub N N 165 
HOG CAT CAN  sing N N 166 
HOG CAT NAL  sing N N 167 
HOG CAN OAD  sing N N 168 
HOG CAR NAL  sing N N 169 
HOG CAR CAQ  sing N N 170 
HOG OAC CAM  doub N N 171 
HOG CAQ CAK  doub Y N 172 
HOG CAQ CAI  sing Y N 173 
HOG CAK CAP  sing Y N 174 
HOG CAI CAG  doub Y N 175 
HOG CAM CAP  sing N N 176 
HOG CAM OAA  sing N N 177 
HOG CAP CAH  doub Y N 178 
HOG CAG CAH  sing Y N 179 
HOG OAA H1   sing N N 180 
HOG CAK H2   sing N N 181 
HOG CAH H3   sing N N 182 
HOG CAG H4   sing N N 183 
HOG CAI H5   sing N N 184 
HOG CAJ H6   sing N N 185 
HOG OAD H7   sing N N 186 
HOG OAF H8   sing N N 187 
HOG NAL H10  sing N N 188 
HOH O   H1   sing N N 189 
HOH O   H2   sing N N 190 
ILE N   CA   sing N N 191 
ILE N   H    sing N N 192 
ILE N   H2   sing N N 193 
ILE CA  C    sing N N 194 
ILE CA  CB   sing N N 195 
ILE CA  HA   sing N N 196 
ILE C   O    doub N N 197 
ILE C   OXT  sing N N 198 
ILE CB  CG1  sing N N 199 
ILE CB  CG2  sing N N 200 
ILE CB  HB   sing N N 201 
ILE CG1 CD1  sing N N 202 
ILE CG1 HG12 sing N N 203 
ILE CG1 HG13 sing N N 204 
ILE CG2 HG21 sing N N 205 
ILE CG2 HG22 sing N N 206 
ILE CG2 HG23 sing N N 207 
ILE CD1 HD11 sing N N 208 
ILE CD1 HD12 sing N N 209 
ILE CD1 HD13 sing N N 210 
ILE OXT HXT  sing N N 211 
LEU N   CA   sing N N 212 
LEU N   H    sing N N 213 
LEU N   H2   sing N N 214 
LEU CA  C    sing N N 215 
LEU CA  CB   sing N N 216 
LEU CA  HA   sing N N 217 
LEU C   O    doub N N 218 
LEU C   OXT  sing N N 219 
LEU CB  CG   sing N N 220 
LEU CB  HB2  sing N N 221 
LEU CB  HB3  sing N N 222 
LEU CG  CD1  sing N N 223 
LEU CG  CD2  sing N N 224 
LEU CG  HG   sing N N 225 
LEU CD1 HD11 sing N N 226 
LEU CD1 HD12 sing N N 227 
LEU CD1 HD13 sing N N 228 
LEU CD2 HD21 sing N N 229 
LEU CD2 HD22 sing N N 230 
LEU CD2 HD23 sing N N 231 
LEU OXT HXT  sing N N 232 
LYS N   CA   sing N N 233 
LYS N   H    sing N N 234 
LYS N   H2   sing N N 235 
LYS CA  C    sing N N 236 
LYS CA  CB   sing N N 237 
LYS CA  HA   sing N N 238 
LYS C   O    doub N N 239 
LYS C   OXT  sing N N 240 
LYS CB  CG   sing N N 241 
LYS CB  HB2  sing N N 242 
LYS CB  HB3  sing N N 243 
LYS CG  CD   sing N N 244 
LYS CG  HG2  sing N N 245 
LYS CG  HG3  sing N N 246 
LYS CD  CE   sing N N 247 
LYS CD  HD2  sing N N 248 
LYS CD  HD3  sing N N 249 
LYS CE  NZ   sing N N 250 
LYS CE  HE2  sing N N 251 
LYS CE  HE3  sing N N 252 
LYS NZ  HZ1  sing N N 253 
LYS NZ  HZ2  sing N N 254 
LYS NZ  HZ3  sing N N 255 
LYS OXT HXT  sing N N 256 
MET N   CA   sing N N 257 
MET N   H    sing N N 258 
MET N   H2   sing N N 259 
MET CA  C    sing N N 260 
MET CA  CB   sing N N 261 
MET CA  HA   sing N N 262 
MET C   O    doub N N 263 
MET C   OXT  sing N N 264 
MET CB  CG   sing N N 265 
MET CB  HB2  sing N N 266 
MET CB  HB3  sing N N 267 
MET CG  SD   sing N N 268 
MET CG  HG2  sing N N 269 
MET CG  HG3  sing N N 270 
MET SD  CE   sing N N 271 
MET CE  HE1  sing N N 272 
MET CE  HE2  sing N N 273 
MET CE  HE3  sing N N 274 
MET OXT HXT  sing N N 275 
PHE N   CA   sing N N 276 
PHE N   H    sing N N 277 
PHE N   H2   sing N N 278 
PHE CA  C    sing N N 279 
PHE CA  CB   sing N N 280 
PHE CA  HA   sing N N 281 
PHE C   O    doub N N 282 
PHE C   OXT  sing N N 283 
PHE CB  CG   sing N N 284 
PHE CB  HB2  sing N N 285 
PHE CB  HB3  sing N N 286 
PHE CG  CD1  doub Y N 287 
PHE CG  CD2  sing Y N 288 
PHE CD1 CE1  sing Y N 289 
PHE CD1 HD1  sing N N 290 
PHE CD2 CE2  doub Y N 291 
PHE CD2 HD2  sing N N 292 
PHE CE1 CZ   doub Y N 293 
PHE CE1 HE1  sing N N 294 
PHE CE2 CZ   sing Y N 295 
PHE CE2 HE2  sing N N 296 
PHE CZ  HZ   sing N N 297 
PHE OXT HXT  sing N N 298 
PRO N   CA   sing N N 299 
PRO N   CD   sing N N 300 
PRO N   H    sing N N 301 
PRO CA  C    sing N N 302 
PRO CA  CB   sing N N 303 
PRO CA  HA   sing N N 304 
PRO C   O    doub N N 305 
PRO C   OXT  sing N N 306 
PRO CB  CG   sing N N 307 
PRO CB  HB2  sing N N 308 
PRO CB  HB3  sing N N 309 
PRO CG  CD   sing N N 310 
PRO CG  HG2  sing N N 311 
PRO CG  HG3  sing N N 312 
PRO CD  HD2  sing N N 313 
PRO CD  HD3  sing N N 314 
PRO OXT HXT  sing N N 315 
SER N   CA   sing N N 316 
SER N   H    sing N N 317 
SER N   H2   sing N N 318 
SER CA  C    sing N N 319 
SER CA  CB   sing N N 320 
SER CA  HA   sing N N 321 
SER C   O    doub N N 322 
SER C   OXT  sing N N 323 
SER CB  OG   sing N N 324 
SER CB  HB2  sing N N 325 
SER CB  HB3  sing N N 326 
SER OG  HG   sing N N 327 
SER OXT HXT  sing N N 328 
THR N   CA   sing N N 329 
THR N   H    sing N N 330 
THR N   H2   sing N N 331 
THR CA  C    sing N N 332 
THR CA  CB   sing N N 333 
THR CA  HA   sing N N 334 
THR C   O    doub N N 335 
THR C   OXT  sing N N 336 
THR CB  OG1  sing N N 337 
THR CB  CG2  sing N N 338 
THR CB  HB   sing N N 339 
THR OG1 HG1  sing N N 340 
THR CG2 HG21 sing N N 341 
THR CG2 HG22 sing N N 342 
THR CG2 HG23 sing N N 343 
THR OXT HXT  sing N N 344 
TRP N   CA   sing N N 345 
TRP N   H    sing N N 346 
TRP N   H2   sing N N 347 
TRP CA  C    sing N N 348 
TRP CA  CB   sing N N 349 
TRP CA  HA   sing N N 350 
TRP C   O    doub N N 351 
TRP C   OXT  sing N N 352 
TRP CB  CG   sing N N 353 
TRP CB  HB2  sing N N 354 
TRP CB  HB3  sing N N 355 
TRP CG  CD1  doub Y N 356 
TRP CG  CD2  sing Y N 357 
TRP CD1 NE1  sing Y N 358 
TRP CD1 HD1  sing N N 359 
TRP CD2 CE2  doub Y N 360 
TRP CD2 CE3  sing Y N 361 
TRP NE1 CE2  sing Y N 362 
TRP NE1 HE1  sing N N 363 
TRP CE2 CZ2  sing Y N 364 
TRP CE3 CZ3  doub Y N 365 
TRP CE3 HE3  sing N N 366 
TRP CZ2 CH2  doub Y N 367 
TRP CZ2 HZ2  sing N N 368 
TRP CZ3 CH2  sing Y N 369 
TRP CZ3 HZ3  sing N N 370 
TRP CH2 HH2  sing N N 371 
TRP OXT HXT  sing N N 372 
TYR N   CA   sing N N 373 
TYR N   H    sing N N 374 
TYR N   H2   sing N N 375 
TYR CA  C    sing N N 376 
TYR CA  CB   sing N N 377 
TYR CA  HA   sing N N 378 
TYR C   O    doub N N 379 
TYR C   OXT  sing N N 380 
TYR CB  CG   sing N N 381 
TYR CB  HB2  sing N N 382 
TYR CB  HB3  sing N N 383 
TYR CG  CD1  doub Y N 384 
TYR CG  CD2  sing Y N 385 
TYR CD1 CE1  sing Y N 386 
TYR CD1 HD1  sing N N 387 
TYR CD2 CE2  doub Y N 388 
TYR CD2 HD2  sing N N 389 
TYR CE1 CZ   doub Y N 390 
TYR CE1 HE1  sing N N 391 
TYR CE2 CZ   sing Y N 392 
TYR CE2 HE2  sing N N 393 
TYR CZ  OH   sing N N 394 
TYR OH  HH   sing N N 395 
TYR OXT HXT  sing N N 396 
VAL N   CA   sing N N 397 
VAL N   H    sing N N 398 
VAL N   H2   sing N N 399 
VAL CA  C    sing N N 400 
VAL CA  CB   sing N N 401 
VAL CA  HA   sing N N 402 
VAL C   O    doub N N 403 
VAL C   OXT  sing N N 404 
VAL CB  CG1  sing N N 405 
VAL CB  CG2  sing N N 406 
VAL CB  HB   sing N N 407 
VAL CG1 HG11 sing N N 408 
VAL CG1 HG12 sing N N 409 
VAL CG1 HG13 sing N N 410 
VAL CG2 HG21 sing N N 411 
VAL CG2 HG22 sing N N 412 
VAL CG2 HG23 sing N N 413 
VAL OXT HXT  sing N N 414 
# 
_pdbx_audit_support.funding_organization   
'National Institutes of Health/National Institute of General Medical Sciences (NIH/NIGMS)' 
_pdbx_audit_support.country                'United States' 
_pdbx_audit_support.grant_number           'R01 GM098435' 
_pdbx_audit_support.ordinal                1 
# 
_pdbx_entity_instance_feature.ordinal        1 
_pdbx_entity_instance_feature.comp_id        HOG 
_pdbx_entity_instance_feature.asym_id        ? 
_pdbx_entity_instance_feature.seq_num        ? 
_pdbx_entity_instance_feature.auth_comp_id   HOG 
_pdbx_entity_instance_feature.auth_asym_id   ? 
_pdbx_entity_instance_feature.auth_seq_num   ? 
_pdbx_entity_instance_feature.feature_type   'SUBJECT OF INVESTIGATION' 
_pdbx_entity_instance_feature.details        ? 
# 
_atom_sites.entry_id                    6E3M 
_atom_sites.fract_transf_matrix[1][1]   -0.00419766 
_atom_sites.fract_transf_matrix[1][2]   -0.01111183 
_atom_sites.fract_transf_matrix[1][3]   0.00964678 
_atom_sites.fract_transf_matrix[2][1]   -0.01137269 
_atom_sites.fract_transf_matrix[2][2]   -0.00951668 
_atom_sites.fract_transf_matrix[2][3]   -0.00377439 
_atom_sites.fract_transf_matrix[3][1]   0.00547034 
_atom_sites.fract_transf_matrix[3][2]   -0.00513526 
_atom_sites.fract_transf_matrix[3][3]   -0.00353481 
_atom_sites.fract_transf_vector[1]      -0.191441 
_atom_sites.fract_transf_vector[2]      0.216937 
_atom_sites.fract_transf_vector[3]      0.078068 
# 
loop_
_atom_type.symbol 
C  
MN 
N  
O  
S  
# 
loop_
_atom_site.group_PDB 
_atom_site.id 
_atom_site.type_symbol 
_atom_site.label_atom_id 
_atom_site.label_alt_id 
_atom_site.label_comp_id 
_atom_site.label_asym_id 
_atom_site.label_entity_id 
_atom_site.label_seq_id 
_atom_site.pdbx_PDB_ins_code 
_atom_site.Cartn_x 
_atom_site.Cartn_y 
_atom_site.Cartn_z 
_atom_site.occupancy 
_atom_site.B_iso_or_equiv 
_atom_site.pdbx_formal_charge 
_atom_site.auth_seq_id 
_atom_site.auth_comp_id 
_atom_site.auth_asym_id 
_atom_site.auth_atom_id 
_atom_site.pdbx_PDB_model_num 
ATOM   1    N  N   . MET A 1 5   ? 12.595  2.345   -21.348 1.00 90.87  ? -1   MET A N   1 
ATOM   2    C  CA  . MET A 1 5   ? 11.202  2.384   -20.797 1.00 90.16  ? -1   MET A CA  1 
ATOM   3    C  C   . MET A 1 5   ? 10.931  3.758   -20.153 1.00 85.51  ? -1   MET A C   1 
ATOM   4    O  O   . MET A 1 5   ? 11.651  4.191   -19.242 1.00 84.26  ? -1   MET A O   1 
ATOM   5    C  CB  . MET A 1 5   ? 11.003  1.263   -19.767 1.00 88.06  ? -1   MET A CB  1 
ATOM   6    C  CG  . MET A 1 5   ? 9.570   1.078   -19.338 1.00 90.80  ? -1   MET A CG  1 
ATOM   7    S  SD  . MET A 1 5   ? 8.476   0.323   -20.581 1.00 103.42 ? -1   MET A SD  1 
ATOM   8    C  CE  . MET A 1 5   ? 8.859   -1.415  -20.331 1.00 102.32 ? -1   MET A CE  1 
ATOM   9    N  N   . ALA A 1 6   ? 9.888   4.444   -20.644 1.00 76.88  ? 0    ALA A N   1 
ATOM   10   C  CA  . ALA A 1 6   ? 9.330   5.655   -20.024 1.00 70.95  ? 0    ALA A CA  1 
ATOM   11   C  C   . ALA A 1 6   ? 8.843   5.321   -18.608 1.00 69.96  ? 0    ALA A C   1 
ATOM   12   O  O   . ALA A 1 6   ? 9.019   6.109   -17.664 1.00 67.36  ? 0    ALA A O   1 
ATOM   13   C  CB  . ALA A 1 6   ? 8.208   6.211   -20.872 1.00 70.10  ? 0    ALA A CB  1 
ATOM   14   N  N   . MET A 1 7   ? 8.259   4.129   -18.466 1.00 63.46  ? 1    MET A N   1 
ATOM   15   C  CA  . MET A 1 7   ? 7.726   3.659   -17.188 1.00 66.21  ? 1    MET A CA  1 
ATOM   16   C  C   . MET A 1 7   ? 8.817   3.653   -16.113 1.00 59.95  ? 1    MET A C   1 
ATOM   17   O  O   . MET A 1 7   ? 8.577   4.048   -14.977 1.00 64.78  ? 1    MET A O   1 
ATOM   18   C  CB  . MET A 1 7   ? 7.079   2.267   -17.296 1.00 62.80  ? 1    MET A CB  1 
ATOM   19   C  CG  . MET A 1 7   ? 6.412   1.788   -15.995 1.00 66.85  ? 1    MET A CG  1 
ATOM   20   S  SD  . MET A 1 7   ? 5.339   3.024   -15.168 1.00 58.03  ? 1    MET A SD  1 
ATOM   21   C  CE  . MET A 1 7   ? 3.747   2.626   -15.872 1.00 53.93  ? 1    MET A CE  1 
ATOM   22   N  N   . GLU A 1 8   ? 10.016  3.203   -16.460 1.00 64.17  ? 2    GLU A N   1 
ATOM   23   C  CA  . GLU A 1 8   ? 11.072  3.184   -15.478 1.00 65.79  ? 2    GLU A CA  1 
ATOM   24   C  C   . GLU A 1 8   ? 11.426  4.641   -15.163 1.00 62.81  ? 2    GLU A C   1 
ATOM   25   O  O   . GLU A 1 8   ? 11.467  4.997   -14.008 1.00 59.65  ? 2    GLU A O   1 
ATOM   26   C  CB  . GLU A 1 8   ? 12.251  2.353   -15.976 1.00 70.54  ? 2    GLU A CB  1 
ATOM   27   C  CG  . GLU A 1 8   ? 13.234  2.003   -14.878 1.00 73.06  ? 2    GLU A CG  1 
ATOM   28   C  CD  . GLU A 1 8   ? 14.683  1.986   -15.327 1.00 72.91  ? 2    GLU A CD  1 
ATOM   29   O  OE1 . GLU A 1 8   ? 14.941  1.487   -16.433 1.00 70.98  ? 2    GLU A OE1 1 
ATOM   30   O  OE2 . GLU A 1 8   ? 15.542  2.495   -14.584 1.00 80.14  ? 2    GLU A OE2 1 
ATOM   31   N  N   . ASP A 1 9   ? 11.579  5.483   -16.204 1.00 65.08  ? 3    ASP A N   1 
ATOM   32   C  CA  . ASP A 1 9   ? 11.864  6.912   -16.017 1.00 62.66  ? 3    ASP A CA  1 
ATOM   33   C  C   . ASP A 1 9   ? 10.790  7.535   -15.123 1.00 63.07  ? 3    ASP A C   1 
ATOM   34   O  O   . ASP A 1 9   ? 11.117  8.216   -14.161 1.00 69.11  ? 3    ASP A O   1 
ATOM   35   C  CB  . ASP A 1 9   ? 11.911  7.709   -17.319 1.00 64.60  ? 3    ASP A CB  1 
ATOM   36   C  CG  . ASP A 1 9   ? 12.936  7.221   -18.321 1.00 70.19  ? 3    ASP A CG  1 
ATOM   37   O  OD1 . ASP A 1 9   ? 14.076  6.917   -17.921 1.00 67.45  ? 3    ASP A OD1 1 
ATOM   38   O  OD2 . ASP A 1 9   ? 12.573  7.143   -19.500 1.00 79.70  ? 3    ASP A OD2 1 
ATOM   39   N  N   . PHE A 1 10  ? 9.517   7.288   -15.450 1.00 60.37  ? 4    PHE A N   1 
ATOM   40   C  CA  . PHE A 1 10  ? 8.373   7.864   -14.716 1.00 58.03  ? 4    PHE A CA  1 
ATOM   41   C  C   . PHE A 1 10  ? 8.433   7.530   -13.219 1.00 54.37  ? 4    PHE A C   1 
ATOM   42   O  O   . PHE A 1 10  ? 8.198   8.417   -12.365 1.00 53.68  ? 4    PHE A O   1 
ATOM   43   C  CB  . PHE A 1 10  ? 7.037   7.362   -15.265 1.00 60.06  ? 4    PHE A CB  1 
ATOM   44   C  CG  . PHE A 1 10  ? 5.903   7.521   -14.286 1.00 56.15  ? 4    PHE A CG  1 
ATOM   45   C  CD1 . PHE A 1 10  ? 5.327   8.761   -14.071 1.00 51.07  ? 4    PHE A CD1 1 
ATOM   46   C  CD2 . PHE A 1 10  ? 5.460   6.446   -13.530 1.00 51.68  ? 4    PHE A CD2 1 
ATOM   47   C  CE1 . PHE A 1 10  ? 4.321   8.926   -13.131 1.00 50.89  ? 4    PHE A CE1 1 
ATOM   48   C  CE2 . PHE A 1 10  ? 4.454   6.617   -12.592 1.00 53.54  ? 4    PHE A CE2 1 
ATOM   49   C  CZ  . PHE A 1 10  ? 3.885   7.858   -12.395 1.00 50.56  ? 4    PHE A CZ  1 
ATOM   50   N  N   . VAL A 1 11  ? 8.712   6.259   -12.905 1.00 49.68  ? 5    VAL A N   1 
ATOM   51   C  CA  . VAL A 1 11  ? 8.883   5.822   -11.519 1.00 48.16  ? 5    VAL A CA  1 
ATOM   52   C  C   . VAL A 1 11  ? 9.934   6.676   -10.830 1.00 51.29  ? 5    VAL A C   1 
ATOM   53   O  O   . VAL A 1 11  ? 9.693   7.164   -9.745  1.00 56.22  ? 5    VAL A O   1 
ATOM   54   C  CB  . VAL A 1 11  ? 9.299   4.356   -11.418 1.00 47.79  ? 5    VAL A CB  1 
ATOM   55   C  CG1 . VAL A 1 11  ? 9.784   4.048   -10.018 1.00 54.45  ? 5    VAL A CG1 1 
ATOM   56   C  CG2 . VAL A 1 11  ? 8.157   3.438   -11.810 1.00 50.15  ? 5    VAL A CG2 1 
ATOM   57   N  N   . ARG A 1 12  ? 11.097  6.835   -11.480 1.00 60.97  ? 6    ARG A N   1 
ATOM   58   C  CA  . ARG A 1 12  ? 12.244  7.538   -10.869 1.00 65.67  ? 6    ARG A CA  1 
ATOM   59   C  C   . ARG A 1 12  ? 11.910  9.021   -10.682 1.00 65.55  ? 6    ARG A C   1 
ATOM   60   O  O   . ARG A 1 12  ? 12.389  9.654   -9.753  1.00 64.55  ? 6    ARG A O   1 
ATOM   61   C  CB  . ARG A 1 12  ? 13.515  7.388   -11.706 1.00 68.80  ? 6    ARG A CB  1 
ATOM   62   C  CG  . ARG A 1 12  ? 13.707  6.010   -12.324 1.00 77.57  ? 6    ARG A CG  1 
ATOM   63   C  CD  . ARG A 1 12  ? 15.145  5.697   -12.710 1.00 85.32  ? 6    ARG A CD  1 
ATOM   64   N  NE  . ARG A 1 12  ? 15.834  4.988   -11.641 1.00 89.70  ? 6    ARG A NE  1 
ATOM   65   C  CZ  . ARG A 1 12  ? 15.755  3.676   -11.439 1.00 86.82  ? 6    ARG A CZ  1 
ATOM   66   N  NH1 . ARG A 1 12  ? 15.301  2.889   -12.401 1.00 74.56  ? 6    ARG A NH1 1 
ATOM   67   N  NH2 . ARG A 1 12  ? 16.111  3.162   -10.270 1.00 76.75  ? 6    ARG A NH2 1 
ATOM   68   N  N   . GLN A 1 13  ? 11.075  9.556   -11.575 1.00 68.04  ? 7    GLN A N   1 
ATOM   69   C  CA  . GLN A 1 13  ? 10.830  10.981  -11.672 1.00 66.79  ? 7    GLN A CA  1 
ATOM   70   C  C   . GLN A 1 13  ? 9.667   11.383  -10.771 1.00 66.89  ? 7    GLN A C   1 
ATOM   71   O  O   . GLN A 1 13  ? 9.568   12.548  -10.439 1.00 83.54  ? 7    GLN A O   1 
ATOM   72   C  CB  . GLN A 1 13  ? 10.580  11.381  -13.132 1.00 77.65  ? 7    GLN A CB  1 
ATOM   73   C  CG  . GLN A 1 13  ? 11.832  11.905  -13.844 1.00 83.33  ? 7    GLN A CG  1 
ATOM   74   C  CD  . GLN A 1 13  ? 12.036  11.391  -15.252 1.00 83.60  ? 7    GLN A CD  1 
ATOM   75   O  OE1 . GLN A 1 13  ? 11.255  11.669  -16.161 1.00 82.70  ? 7    GLN A OE1 1 
ATOM   76   N  NE2 . GLN A 1 13  ? 13.121  10.657  -15.455 1.00 88.23  ? 7    GLN A NE2 1 
ATOM   77   N  N   . CYS A 1 14  ? 8.817   10.430  -10.368 1.00 68.78  ? 8    CYS A N   1 
ATOM   78   C  CA  . CYS A 1 14  ? 7.571   10.789  -9.681  1.00 67.30  ? 8    CYS A CA  1 
ATOM   79   C  C   . CYS A 1 14  ? 7.430   10.183  -8.272  1.00 67.37  ? 8    CYS A C   1 
ATOM   80   O  O   . CYS A 1 14  ? 6.426   10.440  -7.641  1.00 70.05  ? 8    CYS A O   1 
ATOM   81   C  CB  . CYS A 1 14  ? 6.350   10.413  -10.507 1.00 69.33  ? 8    CYS A CB  1 
ATOM   82   S  SG  . CYS A 1 14  ? 5.166   11.778  -10.607 1.00 68.99  ? 8    CYS A SG  1 
ATOM   83   N  N   . PHE A 1 15  ? 8.425   9.439   -7.766  1.00 61.68  ? 9    PHE A N   1 
ATOM   84   C  CA  . PHE A 1 15  ? 8.391   8.900   -6.392  1.00 58.57  ? 9    PHE A CA  1 
ATOM   85   C  C   . PHE A 1 15  ? 9.720   9.211   -5.682  1.00 59.65  ? 9    PHE A C   1 
ATOM   86   O  O   . PHE A 1 15  ? 10.761  9.215   -6.314  1.00 64.09  ? 9    PHE A O   1 
ATOM   87   C  CB  . PHE A 1 15  ? 8.190   7.380   -6.410  1.00 54.49  ? 9    PHE A CB  1 
ATOM   88   C  CG  . PHE A 1 15  ? 6.824   6.905   -6.826  1.00 53.78  ? 9    PHE A CG  1 
ATOM   89   C  CD1 . PHE A 1 15  ? 5.769   6.892   -5.921  1.00 58.54  ? 9    PHE A CD1 1 
ATOM   90   C  CD2 . PHE A 1 15  ? 6.598   6.440   -8.105  1.00 51.87  ? 9    PHE A CD2 1 
ATOM   91   C  CE1 . PHE A 1 15  ? 4.516   6.438   -6.300  1.00 56.07  ? 9    PHE A CE1 1 
ATOM   92   C  CE2 . PHE A 1 15  ? 5.346   5.990   -8.480  1.00 57.14  ? 9    PHE A CE2 1 
ATOM   93   C  CZ  . PHE A 1 15  ? 4.308   5.986   -7.576  1.00 55.53  ? 9    PHE A CZ  1 
ATOM   94   N  N   . ASN A 1 16  ? 9.689   9.414   -4.362  1.00 54.83  ? 10   ASN A N   1 
ATOM   95   C  CA  . ASN A 1 16  ? 10.870  9.885   -3.667  1.00 59.09  ? 10   ASN A CA  1 
ATOM   96   C  C   . ASN A 1 16  ? 11.848  8.713   -3.614  1.00 66.95  ? 10   ASN A C   1 
ATOM   97   O  O   . ASN A 1 16  ? 11.428  7.561   -3.587  1.00 73.06  ? 10   ASN A O   1 
ATOM   98   C  CB  . ASN A 1 16  ? 10.542  10.598  -2.344  1.00 63.84  ? 10   ASN A CB  1 
ATOM   99   C  CG  . ASN A 1 16  ? 10.510  9.716   -1.115  1.00 72.72  ? 10   ASN A CG  1 
ATOM   100  O  OD1 . ASN A 1 16  ? 11.535  9.157   -0.732  1.00 82.78  ? 10   ASN A OD1 1 
ATOM   101  N  ND2 . ASN A 1 16  ? 9.360   9.637   -0.453  1.00 67.98  ? 10   ASN A ND2 1 
ATOM   102  N  N   . PRO A 1 17  ? 13.171  8.990   -3.710  1.00 65.02  ? 11   PRO A N   1 
ATOM   103  C  CA  . PRO A 1 17  ? 14.221  7.969   -3.702  1.00 55.69  ? 11   PRO A CA  1 
ATOM   104  C  C   . PRO A 1 17  ? 14.110  6.793   -2.723  1.00 54.92  ? 11   PRO A C   1 
ATOM   105  O  O   . PRO A 1 17  ? 14.466  5.670   -3.046  1.00 64.46  ? 11   PRO A O   1 
ATOM   106  C  CB  . PRO A 1 17  ? 15.434  8.805   -3.252  1.00 59.67  ? 11   PRO A CB  1 
ATOM   107  C  CG  . PRO A 1 17  ? 15.220  10.146  -3.907  1.00 66.02  ? 11   PRO A CG  1 
ATOM   108  C  CD  . PRO A 1 17  ? 13.721  10.347  -3.909  1.00 64.62  ? 11   PRO A CD  1 
ATOM   109  N  N   . MET A 1 18  ? 13.730  7.086   -1.484  1.00 62.29  ? 12   MET A N   1 
ATOM   110  C  CA  . MET A 1 18  ? 13.606  6.069   -0.453  1.00 58.80  ? 12   MET A CA  1 
ATOM   111  C  C   . MET A 1 18  ? 12.676  4.985   -0.996  1.00 56.08  ? 12   MET A C   1 
ATOM   112  O  O   . MET A 1 18  ? 12.974  3.815   -0.871  1.00 63.37  ? 12   MET A O   1 
ATOM   113  C  CB  . MET A 1 18  ? 13.033  6.683   0.830   1.00 63.38  ? 12   MET A CB  1 
ATOM   114  C  CG  . MET A 1 18  ? 12.880  5.717   1.996   1.00 71.84  ? 12   MET A CG  1 
ATOM   115  S  SD  . MET A 1 18  ? 12.176  6.480   3.532   1.00 92.63  ? 12   MET A SD  1 
ATOM   116  C  CE  . MET A 1 18  ? 11.033  7.718   2.900   1.00 93.94  ? 12   MET A CE  1 
ATOM   117  N  N   . ILE A 1 19  ? 11.572  5.408   -1.630  1.00 53.74  ? 13   ILE A N   1 
ATOM   118  C  CA  . ILE A 1 19  ? 10.493  4.505   -2.037  1.00 54.99  ? 13   ILE A CA  1 
ATOM   119  C  C   . ILE A 1 19  ? 11.003  3.694   -3.226  1.00 52.19  ? 13   ILE A C   1 
ATOM   120  O  O   . ILE A 1 19  ? 10.886  2.476   -3.251  1.00 48.97  ? 13   ILE A O   1 
ATOM   121  C  CB  . ILE A 1 19  ? 9.182   5.271   -2.333  1.00 59.10  ? 13   ILE A CB  1 
ATOM   122  C  CG1 . ILE A 1 19  ? 8.467   5.681   -1.035  1.00 56.05  ? 13   ILE A CG1 1 
ATOM   123  C  CG2 . ILE A 1 19  ? 8.274   4.467   -3.261  1.00 55.71  ? 13   ILE A CG2 1 
ATOM   124  C  CD1 . ILE A 1 19  ? 7.279   6.603   -1.222  1.00 58.64  ? 13   ILE A CD1 1 
ATOM   125  N  N   . VAL A 1 20  ? 11.638  4.391   -4.169  1.00 52.28  ? 14   VAL A N   1 
ATOM   126  C  CA  . VAL A 1 20  ? 12.162  3.757   -5.339  1.00 52.00  ? 14   VAL A CA  1 
ATOM   127  C  C   . VAL A 1 20  ? 13.165  2.666   -4.941  1.00 54.80  ? 14   VAL A C   1 
ATOM   128  O  O   . VAL A 1 20  ? 13.174  1.588   -5.534  1.00 55.11  ? 14   VAL A O   1 
ATOM   129  C  CB  . VAL A 1 20  ? 12.838  4.766   -6.269  1.00 45.56  ? 14   VAL A CB  1 
ATOM   130  C  CG1 . VAL A 1 20  ? 13.490  4.019   -7.425  1.00 44.77  ? 14   VAL A CG1 1 
ATOM   131  C  CG2 . VAL A 1 20  ? 11.870  5.841   -6.756  1.00 45.90  ? 14   VAL A CG2 1 
ATOM   132  N  N   . GLU A 1 21  ? 14.025  2.990   -3.973  1.00 54.32  ? 15   GLU A N   1 
ATOM   133  C  CA  . GLU A 1 21  ? 15.151  2.160   -3.570  1.00 59.82  ? 15   GLU A CA  1 
ATOM   134  C  C   . GLU A 1 21  ? 14.609  0.909   -2.869  1.00 58.02  ? 15   GLU A C   1 
ATOM   135  O  O   . GLU A 1 21  ? 15.034  -0.244  -3.128  1.00 55.93  ? 15   GLU A O   1 
ATOM   136  C  CB  . GLU A 1 21  ? 16.070  2.995   -2.672  1.00 65.00  ? 15   GLU A CB  1 
ATOM   137  C  CG  . GLU A 1 21  ? 17.337  2.273   -2.245  1.00 69.82  ? 15   GLU A CG  1 
ATOM   138  C  CD  . GLU A 1 21  ? 18.441  3.191   -1.748  1.00 82.99  ? 15   GLU A CD  1 
ATOM   139  O  OE1 . GLU A 1 21  ? 18.439  4.399   -2.141  1.00 83.01  ? 15   GLU A OE1 1 
ATOM   140  O  OE2 . GLU A 1 21  ? 19.304  2.706   -0.964  1.00 78.46  ? 15   GLU A OE2 1 
ATOM   141  N  N   . LEU A 1 22  ? 13.658  1.155   -1.965  1.00 57.33  ? 16   LEU A N   1 
ATOM   142  C  CA  . LEU A 1 22  ? 12.951  0.097   -1.266  1.00 58.31  ? 16   LEU A CA  1 
ATOM   143  C  C   . LEU A 1 22  ? 12.264  -0.821  -2.294  1.00 57.55  ? 16   LEU A C   1 
ATOM   144  O  O   . LEU A 1 22  ? 12.417  -2.048  -2.236  1.00 55.04  ? 16   LEU A O   1 
ATOM   145  C  CB  . LEU A 1 22  ? 11.963  0.725   -0.271  1.00 58.17  ? 16   LEU A CB  1 
ATOM   146  C  CG  . LEU A 1 22  ? 12.557  1.087   1.104   1.00 57.90  ? 16   LEU A CG  1 
ATOM   147  C  CD1 . LEU A 1 22  ? 11.649  2.025   1.900   1.00 50.10  ? 16   LEU A CD1 1 
ATOM   148  C  CD2 . LEU A 1 22  ? 12.846  -0.174  1.914   1.00 54.37  ? 16   LEU A CD2 1 
ATOM   149  N  N   . ALA A 1 23  ? 11.541  -0.229  -3.252  1.00 53.37  ? 17   ALA A N   1 
ATOM   150  C  CA  . ALA A 1 23  ? 10.838  -0.999  -4.264  1.00 54.93  ? 17   ALA A CA  1 
ATOM   151  C  C   . ALA A 1 23  ? 11.839  -1.874  -5.036  1.00 58.16  ? 17   ALA A C   1 
ATOM   152  O  O   . ALA A 1 23  ? 11.601  -3.099  -5.229  1.00 48.92  ? 17   ALA A O   1 
ATOM   153  C  CB  . ALA A 1 23  ? 10.081  -0.067  -5.187  1.00 59.47  ? 17   ALA A CB  1 
ATOM   154  N  N   . GLU A 1 24  ? 12.943  -1.230  -5.456  1.00 60.22  ? 18   GLU A N   1 
ATOM   155  C  CA  . GLU A 1 24  ? 14.022  -1.822  -6.256  1.00 64.40  ? 18   GLU A CA  1 
ATOM   156  C  C   . GLU A 1 24  ? 14.632  -2.988  -5.475  1.00 63.57  ? 18   GLU A C   1 
ATOM   157  O  O   . GLU A 1 24  ? 14.846  -4.086  -6.027  1.00 63.61  ? 18   GLU A O   1 
ATOM   158  C  CB  . GLU A 1 24  ? 15.092  -0.778  -6.597  1.00 64.87  ? 18   GLU A CB  1 
ATOM   159  C  CG  . GLU A 1 24  ? 15.606  -0.838  -8.030  1.00 68.91  ? 18   GLU A CG  1 
ATOM   160  C  CD  . GLU A 1 24  ? 16.015  0.504   -8.622  1.00 72.20  ? 18   GLU A CD  1 
ATOM   161  O  OE1 . GLU A 1 24  ? 16.403  1.392   -7.851  1.00 69.63  ? 18   GLU A OE1 1 
ATOM   162  O  OE2 . GLU A 1 24  ? 15.909  0.672   -9.857  1.00 75.65  ? 18   GLU A OE2 1 
ATOM   163  N  N   . LYS A 1 25  ? 14.910  -2.737  -4.191  1.00 68.40  ? 19   LYS A N   1 
ATOM   164  C  CA  . LYS A 1 25  ? 15.557  -3.733  -3.350  1.00 71.13  ? 19   LYS A CA  1 
ATOM   165  C  C   . LYS A 1 25  ? 14.641  -4.959  -3.279  1.00 64.22  ? 19   LYS A C   1 
ATOM   166  O  O   . LYS A 1 25  ? 15.078  -6.075  -3.481  1.00 72.54  ? 19   LYS A O   1 
ATOM   167  C  CB  . LYS A 1 25  ? 15.880  -3.171  -1.963  1.00 75.95  ? 19   LYS A CB  1 
ATOM   168  C  CG  . LYS A 1 25  ? 16.150  -4.243  -0.912  1.00 84.58  ? 19   LYS A CG  1 
ATOM   169  C  CD  . LYS A 1 25  ? 16.326  -3.707  0.492   1.00 93.82  ? 19   LYS A CD  1 
ATOM   170  C  CE  . LYS A 1 25  ? 15.940  -4.704  1.568   1.00 99.07  ? 19   LYS A CE  1 
ATOM   171  N  NZ  . LYS A 1 25  ? 15.838  -4.047  2.895   1.00 102.80 ? 19   LYS A NZ  1 
ATOM   172  N  N   . ALA A 1 26  ? 13.357  -4.720  -3.019  1.00 59.76  ? 20   ALA A N   1 
ATOM   173  C  CA  . ALA A 1 26  ? 12.401  -5.781  -2.786  1.00 60.76  ? 20   ALA A CA  1 
ATOM   174  C  C   . ALA A 1 26  ? 12.319  -6.679  -4.025  1.00 63.73  ? 20   ALA A C   1 
ATOM   175  O  O   . ALA A 1 26  ? 12.436  -7.871  -3.897  1.00 70.89  ? 20   ALA A O   1 
ATOM   176  C  CB  . ALA A 1 26  ? 11.057  -5.197  -2.424  1.00 61.73  ? 20   ALA A CB  1 
ATOM   177  N  N   . MET A 1 27  ? 12.160  -6.089  -5.220  1.00 65.19  ? 21   MET A N   1 
ATOM   178  C  CA  . MET A 1 27  ? 12.117  -6.862  -6.472  1.00 62.70  ? 21   MET A CA  1 
ATOM   179  C  C   . MET A 1 27  ? 13.411  -7.675  -6.638  1.00 67.11  ? 21   MET A C   1 
ATOM   180  O  O   . MET A 1 27  ? 13.363  -8.910  -6.805  1.00 63.27  ? 21   MET A O   1 
ATOM   181  C  CB  . MET A 1 27  ? 11.915  -5.952  -7.685  1.00 57.20  ? 21   MET A CB  1 
ATOM   182  C  CG  . MET A 1 27  ? 10.513  -5.409  -7.770  1.00 57.16  ? 21   MET A CG  1 
ATOM   183  S  SD  . MET A 1 27  ? 10.274  -4.280  -9.159  1.00 66.08  ? 21   MET A SD  1 
ATOM   184  C  CE  . MET A 1 27  ? 9.628   -5.427  -10.367 1.00 60.95  ? 21   MET A CE  1 
ATOM   185  N  N   . LYS A 1 28  ? 14.555  -6.984  -6.529  1.00 72.59  ? 22   LYS A N   1 
ATOM   186  C  CA  . LYS A 1 28  ? 15.878  -7.532  -6.898  1.00 76.43  ? 22   LYS A CA  1 
ATOM   187  C  C   . LYS A 1 28  ? 16.317  -8.660  -5.950  1.00 71.74  ? 22   LYS A C   1 
ATOM   188  O  O   . LYS A 1 28  ? 17.073  -9.511  -6.334  1.00 77.16  ? 22   LYS A O   1 
ATOM   189  C  CB  . LYS A 1 28  ? 16.902  -6.396  -6.988  1.00 75.97  ? 22   LYS A CB  1 
ATOM   190  C  CG  . LYS A 1 28  ? 16.662  -5.462  -8.167  1.00 81.92  ? 22   LYS A CG  1 
ATOM   191  C  CD  . LYS A 1 28  ? 17.474  -4.194  -8.148  1.00 88.06  ? 22   LYS A CD  1 
ATOM   192  C  CE  . LYS A 1 28  ? 18.821  -4.332  -8.823  1.00 91.97  ? 22   LYS A CE  1 
ATOM   193  N  NZ  . LYS A 1 28  ? 19.684  -3.171  -8.508  1.00 102.06 ? 22   LYS A NZ  1 
ATOM   194  N  N   . GLU A 1 29  ? 15.819  -8.701  -4.722  1.00 73.76  ? 23   GLU A N   1 
ATOM   195  C  CA  . GLU A 1 29  ? 16.151  -9.822  -3.857  1.00 78.39  ? 23   GLU A CA  1 
ATOM   196  C  C   . GLU A 1 29  ? 15.446  -11.091 -4.335  1.00 71.13  ? 23   GLU A C   1 
ATOM   197  O  O   . GLU A 1 29  ? 15.964  -12.184 -4.134  1.00 75.25  ? 23   GLU A O   1 
ATOM   198  C  CB  . GLU A 1 29  ? 15.791  -9.514  -2.408  1.00 79.42  ? 23   GLU A CB  1 
ATOM   199  C  CG  . GLU A 1 29  ? 16.823  -8.630  -1.747  1.00 79.62  ? 23   GLU A CG  1 
ATOM   200  C  CD  . GLU A 1 29  ? 16.437  -8.201  -0.349  1.00 93.82  ? 23   GLU A CD  1 
ATOM   201  O  OE1 . GLU A 1 29  ? 17.214  -7.429  0.239   1.00 104.26 ? 23   GLU A OE1 1 
ATOM   202  O  OE2 . GLU A 1 29  ? 15.352  -8.624  0.136   1.00 91.40  ? 23   GLU A OE2 1 
ATOM   203  N  N   . TYR A 1 30  ? 14.284  -10.932 -4.967  1.00 70.27  ? 24   TYR A N   1 
ATOM   204  C  CA  . TYR A 1 30  ? 13.466  -12.066 -5.379  1.00 77.20  ? 24   TYR A CA  1 
ATOM   205  C  C   . TYR A 1 30  ? 13.554  -12.264 -6.901  1.00 72.28  ? 24   TYR A C   1 
ATOM   206  O  O   . TYR A 1 30  ? 12.646  -12.777 -7.509  1.00 64.01  ? 24   TYR A O   1 
ATOM   207  C  CB  . TYR A 1 30  ? 12.047  -11.871 -4.832  1.00 79.54  ? 24   TYR A CB  1 
ATOM   208  C  CG  . TYR A 1 30  ? 12.029  -11.627 -3.338  1.00 93.62  ? 24   TYR A CG  1 
ATOM   209  C  CD1 . TYR A 1 30  ? 12.009  -12.677 -2.430  1.00 96.34  ? 24   TYR A CD1 1 
ATOM   210  C  CD2 . TYR A 1 30  ? 12.076  -10.344 -2.811  1.00 102.49 ? 24   TYR A CD2 1 
ATOM   211  C  CE1 . TYR A 1 30  ? 12.019  -12.455 -1.057  1.00 95.41  ? 24   TYR A CE1 1 
ATOM   212  C  CE2 . TYR A 1 30  ? 12.077  -10.101 -1.441  1.00 95.52  ? 24   TYR A CE2 1 
ATOM   213  C  CZ  . TYR A 1 30  ? 12.051  -11.164 -0.552  1.00 92.18  ? 24   TYR A CZ  1 
ATOM   214  O  OH  . TYR A 1 30  ? 12.049  -10.959 0.802   1.00 72.93  ? 24   TYR A OH  1 
ATOM   215  N  N   . GLY A 1 31  ? 14.681  -11.877 -7.506  1.00 68.49  ? 25   GLY A N   1 
ATOM   216  C  CA  . GLY A 1 31  ? 15.011  -12.257 -8.874  1.00 67.22  ? 25   GLY A CA  1 
ATOM   217  C  C   . GLY A 1 31  ? 14.260  -11.457 -9.927  1.00 77.04  ? 25   GLY A C   1 
ATOM   218  O  O   . GLY A 1 31  ? 14.331  -11.772 -11.119 1.00 76.92  ? 25   GLY A O   1 
ATOM   219  N  N   . GLU A 1 32  ? 13.576  -10.384 -9.515  1.00 84.61  ? 26   GLU A N   1 
ATOM   220  C  CA  . GLU A 1 32  ? 12.743  -9.626  -10.425 1.00 75.80  ? 26   GLU A CA  1 
ATOM   221  C  C   . GLU A 1 32  ? 13.439  -8.318  -10.820 1.00 71.73  ? 26   GLU A C   1 
ATOM   222  O  O   . GLU A 1 32  ? 13.941  -7.603  -9.973  1.00 72.16  ? 26   GLU A O   1 
ATOM   223  C  CB  . GLU A 1 32  ? 11.378  -9.392  -9.788  1.00 76.60  ? 26   GLU A CB  1 
ATOM   224  C  CG  . GLU A 1 32  ? 10.260  -9.532  -10.809 1.00 90.30  ? 26   GLU A CG  1 
ATOM   225  C  CD  . GLU A 1 32  ? 8.918   -9.936  -10.227 1.00 98.34  ? 26   GLU A CD  1 
ATOM   226  O  OE1 . GLU A 1 32  ? 8.848   -10.068 -8.957  1.00 73.74  ? 26   GLU A OE1 1 
ATOM   227  O  OE2 . GLU A 1 32  ? 7.947   -10.113 -11.043 1.00 87.91  ? 26   GLU A OE2 1 
ATOM   228  N  N   . ASP A 1 33  ? 13.430  -8.017  -12.126 1.00 67.09  ? 27   ASP A N   1 
ATOM   229  C  CA  . ASP A 1 33  ? 14.116  -6.857  -12.693 1.00 62.36  ? 27   ASP A CA  1 
ATOM   230  C  C   . ASP A 1 33  ? 13.141  -5.703  -12.952 1.00 58.11  ? 27   ASP A C   1 
ATOM   231  O  O   . ASP A 1 33  ? 12.253  -5.789  -13.797 1.00 58.28  ? 27   ASP A O   1 
ATOM   232  C  CB  . ASP A 1 33  ? 14.822  -7.254  -13.987 1.00 65.47  ? 27   ASP A CB  1 
ATOM   233  C  CG  . ASP A 1 33  ? 15.643  -6.142  -14.612 1.00 62.97  ? 27   ASP A CG  1 
ATOM   234  O  OD1 . ASP A 1 33  ? 15.775  -5.066  -13.989 1.00 59.70  ? 27   ASP A OD1 1 
ATOM   235  O  OD2 . ASP A 1 33  ? 16.134  -6.368  -15.721 1.00 66.48  ? 27   ASP A OD2 1 
ATOM   236  N  N   . PRO A 1 34  ? 13.297  -4.553  -12.265 1.00 59.38  ? 28   PRO A N   1 
ATOM   237  C  CA  . PRO A 1 34  ? 12.400  -3.414  -12.455 1.00 58.17  ? 28   PRO A CA  1 
ATOM   238  C  C   . PRO A 1 34  ? 12.435  -2.753  -13.841 1.00 59.92  ? 28   PRO A C   1 
ATOM   239  O  O   . PRO A 1 34  ? 11.577  -1.915  -14.140 1.00 56.22  ? 28   PRO A O   1 
ATOM   240  C  CB  . PRO A 1 34  ? 12.881  -2.388  -11.413 1.00 58.21  ? 28   PRO A CB  1 
ATOM   241  C  CG  . PRO A 1 34  ? 13.675  -3.185  -10.406 1.00 60.44  ? 28   PRO A CG  1 
ATOM   242  C  CD  . PRO A 1 34  ? 14.292  -4.310  -11.208 1.00 64.05  ? 28   PRO A CD  1 
ATOM   243  N  N   . LYS A 1 35  ? 13.444  -3.101  -14.644 1.00 62.41  ? 29   LYS A N   1 
ATOM   244  C  CA  . LYS A 1 35  ? 13.580  -2.580  -15.989 1.00 61.78  ? 29   LYS A CA  1 
ATOM   245  C  C   . LYS A 1 35  ? 12.674  -3.363  -16.947 1.00 60.16  ? 29   LYS A C   1 
ATOM   246  O  O   . LYS A 1 35  ? 12.348  -2.887  -18.045 1.00 63.82  ? 29   LYS A O   1 
ATOM   247  C  CB  . LYS A 1 35  ? 15.052  -2.627  -16.391 1.00 67.44  ? 29   LYS A CB  1 
ATOM   248  C  CG  . LYS A 1 35  ? 15.826  -1.387  -15.996 1.00 76.45  ? 29   LYS A CG  1 
ATOM   249  C  CD  . LYS A 1 35  ? 17.241  -1.617  -15.525 1.00 84.94  ? 29   LYS A CD  1 
ATOM   250  C  CE  . LYS A 1 35  ? 18.082  -0.356  -15.622 1.00 89.18  ? 29   LYS A CE  1 
ATOM   251  N  NZ  . LYS A 1 35  ? 19.144  -0.323  -14.590 1.00 94.46  ? 29   LYS A NZ  1 
ATOM   252  N  N   . ILE A 1 36  ? 12.248  -4.552  -16.511 1.00 58.50  ? 30   ILE A N   1 
ATOM   253  C  CA  . ILE A 1 36  ? 11.446  -5.459  -17.322 1.00 59.87  ? 30   ILE A CA  1 
ATOM   254  C  C   . ILE A 1 36  ? 10.015  -5.446  -16.774 1.00 57.92  ? 30   ILE A C   1 
ATOM   255  O  O   . ILE A 1 36  ? 9.065   -5.070  -17.463 1.00 63.20  ? 30   ILE A O   1 
ATOM   256  C  CB  . ILE A 1 36  ? 12.076  -6.870  -17.319 1.00 58.79  ? 30   ILE A CB  1 
ATOM   257  C  CG1 . ILE A 1 36  ? 13.400  -6.906  -18.086 1.00 59.45  ? 30   ILE A CG1 1 
ATOM   258  C  CG2 . ILE A 1 36  ? 11.102  -7.912  -17.846 1.00 55.84  ? 30   ILE A CG2 1 
ATOM   259  C  CD1 . ILE A 1 36  ? 14.304  -8.065  -17.675 1.00 70.02  ? 30   ILE A CD1 1 
ATOM   260  N  N   . GLU A 1 37  ? 9.880   -5.835  -15.508 1.00 58.28  ? 31   GLU A N   1 
ATOM   261  C  CA  . GLU A 1 37  ? 8.593   -5.903  -14.876 1.00 62.63  ? 31   GLU A CA  1 
ATOM   262  C  C   . GLU A 1 37  ? 8.258   -4.505  -14.340 1.00 55.53  ? 31   GLU A C   1 
ATOM   263  O  O   . GLU A 1 37  ? 8.102   -4.296  -13.155 1.00 50.14  ? 31   GLU A O   1 
ATOM   264  C  CB  . GLU A 1 37  ? 8.598   -7.029  -13.832 1.00 72.75  ? 31   GLU A CB  1 
ATOM   265  C  CG  . GLU A 1 37  ? 8.515   -8.437  -14.438 1.00 79.46  ? 31   GLU A CG  1 
ATOM   266  C  CD  . GLU A 1 37  ? 7.433   -8.655  -15.502 1.00 90.24  ? 31   GLU A CD  1 
ATOM   267  O  OE1 . GLU A 1 37  ? 7.803   -8.913  -16.677 1.00 89.54  ? 31   GLU A OE1 1 
ATOM   268  O  OE2 . GLU A 1 37  ? 6.213   -8.565  -15.168 1.00 80.45  ? 31   GLU A OE2 1 
ATOM   269  N  N   . THR A 1 38  ? 8.127   -3.551  -15.264 1.00 55.71  ? 32   THR A N   1 
ATOM   270  C  CA  . THR A 1 38  ? 8.122   -2.146  -14.934 1.00 57.62  ? 32   THR A CA  1 
ATOM   271  C  C   . THR A 1 38  ? 6.768   -1.747  -14.336 1.00 54.38  ? 32   THR A C   1 
ATOM   272  O  O   . THR A 1 38  ? 6.730   -0.888  -13.492 1.00 54.56  ? 32   THR A O   1 
ATOM   273  C  CB  . THR A 1 38  ? 8.446   -1.312  -16.174 1.00 57.71  ? 32   THR A CB  1 
ATOM   274  O  OG1 . THR A 1 38  ? 7.496   -1.726  -17.154 1.00 66.83  ? 32   THR A OG1 1 
ATOM   275  C  CG2 . THR A 1 38  ? 9.865   -1.504  -16.661 1.00 56.13  ? 32   THR A CG2 1 
ATOM   276  N  N   . ASN A 1 39  ? 5.669   -2.333  -14.822 1.00 49.72  ? 33   ASN A N   1 
ATOM   277  C  CA  . ASN A 1 39  ? 4.344   -2.040  -14.277 1.00 47.06  ? 33   ASN A CA  1 
ATOM   278  C  C   . ASN A 1 39  ? 4.293   -2.531  -12.827 1.00 43.00  ? 33   ASN A C   1 
ATOM   279  O  O   . ASN A 1 39  ? 3.641   -1.933  -11.979 1.00 42.29  ? 33   ASN A O   1 
ATOM   280  C  CB  . ASN A 1 39  ? 3.182   -2.621  -15.096 1.00 47.44  ? 33   ASN A CB  1 
ATOM   281  C  CG  . ASN A 1 39  ? 2.969   -1.975  -16.450 1.00 57.48  ? 33   ASN A CG  1 
ATOM   282  O  OD1 . ASN A 1 39  ? 3.618   -0.985  -16.795 1.00 72.39  ? 33   ASN A OD1 1 
ATOM   283  N  ND2 . ASN A 1 39  ? 2.086   -2.550  -17.251 1.00 51.71  ? 33   ASN A ND2 1 
ATOM   284  N  N   . LYS A 1 40  ? 4.990   -3.622  -12.524 1.00 47.39  ? 34   LYS A N   1 
ATOM   285  C  CA  . LYS A 1 40  ? 5.016   -4.135  -11.135 1.00 48.05  ? 34   LYS A CA  1 
ATOM   286  C  C   . LYS A 1 40  ? 5.718   -3.125  -10.214 1.00 49.70  ? 34   LYS A C   1 
ATOM   287  O  O   . LYS A 1 40  ? 5.233   -2.769  -9.155  1.00 56.91  ? 34   LYS A O   1 
ATOM   288  C  CB  . LYS A 1 40  ? 5.731   -5.481  -11.081 1.00 49.47  ? 34   LYS A CB  1 
ATOM   289  C  CG  . LYS A 1 40  ? 5.526   -6.246  -9.786  1.00 55.77  ? 34   LYS A CG  1 
ATOM   290  C  CD  . LYS A 1 40  ? 5.905   -7.704  -9.894  1.00 64.52  ? 34   LYS A CD  1 
ATOM   291  C  CE  . LYS A 1 40  ? 5.416   -8.515  -8.713  1.00 74.79  ? 34   LYS A CE  1 
ATOM   292  N  NZ  . LYS A 1 40  ? 5.563   -9.967  -8.967  1.00 80.09  ? 34   LYS A NZ  1 
ATOM   293  N  N   . PHE A 1 41  ? 6.878   -2.664  -10.662 1.00 48.71  ? 35   PHE A N   1 
ATOM   294  C  CA  . PHE A 1 41  ? 7.699   -1.645  -10.018 1.00 50.41  ? 35   PHE A CA  1 
ATOM   295  C  C   . PHE A 1 41  ? 6.865   -0.393  -9.673  1.00 45.66  ? 35   PHE A C   1 
ATOM   296  O  O   . PHE A 1 41  ? 6.868   0.097   -8.528  1.00 42.62  ? 35   PHE A O   1 
ATOM   297  C  CB  . PHE A 1 41  ? 8.850   -1.356  -10.987 1.00 50.31  ? 35   PHE A CB  1 
ATOM   298  C  CG  . PHE A 1 41  ? 9.917   -0.410  -10.525 1.00 53.12  ? 35   PHE A CG  1 
ATOM   299  C  CD1 . PHE A 1 41  ? 10.298  -0.348  -9.186  1.00 56.51  ? 35   PHE A CD1 1 
ATOM   300  C  CD2 . PHE A 1 41  ? 10.567  0.399   -11.457 1.00 53.72  ? 35   PHE A CD2 1 
ATOM   301  C  CE1 . PHE A 1 41  ? 11.302  0.530   -8.791  1.00 55.05  ? 35   PHE A CE1 1 
ATOM   302  C  CE2 . PHE A 1 41  ? 11.583  1.256   -11.060 1.00 53.34  ? 35   PHE A CE2 1 
ATOM   303  C  CZ  . PHE A 1 41  ? 11.942  1.319   -9.729  1.00 53.39  ? 35   PHE A CZ  1 
ATOM   304  N  N   . ALA A 1 42  ? 6.186   0.159   -10.680 1.00 41.39  ? 36   ALA A N   1 
ATOM   305  C  CA  . ALA A 1 42  ? 5.292   1.308   -10.482 1.00 43.63  ? 36   ALA A CA  1 
ATOM   306  C  C   . ALA A 1 42  ? 4.305   1.008   -9.353  1.00 45.79  ? 36   ALA A C   1 
ATOM   307  O  O   . ALA A 1 42  ? 4.124   1.830   -8.505  1.00 53.11  ? 36   ALA A O   1 
ATOM   308  C  CB  . ALA A 1 42  ? 4.552   1.642   -11.757 1.00 40.15  ? 36   ALA A CB  1 
ATOM   309  N  N   . ALA A 1 43  ? 3.694   -0.190  -9.377  1.00 49.49  ? 37   ALA A N   1 
ATOM   310  C  CA  . ALA A 1 43  ? 2.629   -0.621  -8.447  1.00 45.11  ? 37   ALA A CA  1 
ATOM   311  C  C   . ALA A 1 43  ? 3.145   -0.694  -7.019  1.00 42.91  ? 37   ALA A C   1 
ATOM   312  O  O   . ALA A 1 43  ? 2.447   -0.293  -6.098  1.00 43.56  ? 37   ALA A O   1 
ATOM   313  C  CB  . ALA A 1 43  ? 2.070   -1.968  -8.821  1.00 43.93  ? 37   ALA A CB  1 
ATOM   314  N  N   . ILE A 1 44  ? 4.337   -1.266  -6.863  1.00 44.00  ? 38   ILE A N   1 
ATOM   315  C  CA  . ILE A 1 44  ? 4.972   -1.385  -5.552  1.00 49.27  ? 38   ILE A CA  1 
ATOM   316  C  C   . ILE A 1 44  ? 5.261   0.014   -4.965  1.00 46.16  ? 38   ILE A C   1 
ATOM   317  O  O   . ILE A 1 44  ? 4.975   0.274   -3.793  1.00 41.65  ? 38   ILE A O   1 
ATOM   318  C  CB  . ILE A 1 44  ? 6.238   -2.256  -5.660  1.00 52.96  ? 38   ILE A CB  1 
ATOM   319  C  CG1 . ILE A 1 44  ? 5.862   -3.703  -6.022  1.00 52.76  ? 38   ILE A CG1 1 
ATOM   320  C  CG2 . ILE A 1 44  ? 7.037   -2.142  -4.364  1.00 55.06  ? 38   ILE A CG2 1 
ATOM   321  C  CD1 . ILE A 1 44  ? 7.002   -4.699  -6.044  1.00 53.75  ? 38   ILE A CD1 1 
ATOM   322  N  N   . CYS A 1 45  ? 5.812   0.904   -5.796  1.00 44.21  ? 39   CYS A N   1 
ATOM   323  C  CA  . CYS A 1 45  ? 6.125   2.241   -5.399  1.00 44.66  ? 39   CYS A CA  1 
ATOM   324  C  C   . CYS A 1 45  ? 4.839   2.887   -4.896  1.00 46.41  ? 39   CYS A C   1 
ATOM   325  O  O   . CYS A 1 45  ? 4.833   3.552   -3.815  1.00 48.16  ? 39   CYS A O   1 
ATOM   326  C  CB  . CYS A 1 45  ? 6.754   3.048   -6.537  1.00 45.89  ? 39   CYS A CB  1 
ATOM   327  S  SG  . CYS A 1 45  ? 8.490   2.607   -6.861  1.00 46.83  ? 39   CYS A SG  1 
ATOM   328  N  N   . THR A 1 46  ? 3.765   2.663   -5.667  1.00 46.98  ? 40   THR A N   1 
ATOM   329  C  CA  . THR A 1 46  ? 2.457   3.296   -5.438  1.00 44.30  ? 40   THR A CA  1 
ATOM   330  C  C   . THR A 1 46  ? 1.939   2.841   -4.072  1.00 47.24  ? 40   THR A C   1 
ATOM   331  O  O   . THR A 1 46  ? 1.519   3.670   -3.262  1.00 52.74  ? 40   THR A O   1 
ATOM   332  C  CB  . THR A 1 46  ? 1.476   3.030   -6.589  1.00 44.57  ? 40   THR A CB  1 
ATOM   333  O  OG1 . THR A 1 46  ? 1.922   3.584   -7.835  1.00 41.85  ? 40   THR A OG1 1 
ATOM   334  C  CG2 . THR A 1 46  ? 0.118   3.641   -6.324  1.00 49.18  ? 40   THR A CG2 1 
ATOM   335  N  N   . HIS A 1 47  ? 2.034   1.529   -3.815  1.00 46.40  ? 41   HIS A N   1 
ATOM   336  C  CA  . HIS A 1 47  ? 1.479   0.925   -2.611  1.00 46.01  ? 41   HIS A CA  1 
ATOM   337  C  C   . HIS A 1 47  ? 2.308   1.364   -1.404  1.00 47.92  ? 41   HIS A C   1 
ATOM   338  O  O   . HIS A 1 47  ? 1.766   1.542   -0.316  1.00 44.62  ? 41   HIS A O   1 
ATOM   339  C  CB  . HIS A 1 47  ? 1.400   -0.601  -2.729  1.00 39.72  ? 41   HIS A CB  1 
ATOM   340  C  CG  . HIS A 1 47  ? 1.004   -1.309  -1.473  1.00 41.18  ? 41   HIS A CG  1 
ATOM   341  N  ND1 . HIS A 1 47  ? 1.951   -1.802  -0.568  1.00 46.55  ? 41   HIS A ND1 1 
ATOM   342  C  CD2 . HIS A 1 47  ? -0.211  -1.676  -0.985  1.00 40.59  ? 41   HIS A CD2 1 
ATOM   343  C  CE1 . HIS A 1 47  ? 1.336   -2.417  0.435   1.00 41.17  ? 41   HIS A CE1 1 
ATOM   344  N  NE2 . HIS A 1 47  ? 0.003   -2.362  0.199   1.00 43.77  ? 41   HIS A NE2 1 
ATOM   345  N  N   . LEU A 1 48  ? 3.614   1.516   -1.611  1.00 44.47  ? 42   LEU A N   1 
ATOM   346  C  CA  . LEU A 1 48  ? 4.465   1.989   -0.535  1.00 51.48  ? 42   LEU A CA  1 
ATOM   347  C  C   . LEU A 1 48  ? 4.104   3.434   -0.164  1.00 45.53  ? 42   LEU A C   1 
ATOM   348  O  O   . LEU A 1 48  ? 3.883   3.737   0.998   1.00 44.00  ? 42   LEU A O   1 
ATOM   349  C  CB  . LEU A 1 48  ? 5.937   1.864   -0.932  1.00 57.18  ? 42   LEU A CB  1 
ATOM   350  C  CG  . LEU A 1 48  ? 6.685   0.729   -0.243  1.00 60.02  ? 42   LEU A CG  1 
ATOM   351  C  CD1 . LEU A 1 48  ? 7.946   0.361   -1.006  1.00 72.43  ? 42   LEU A CD1 1 
ATOM   352  C  CD2 . LEU A 1 48  ? 7.019   1.132   1.176   1.00 62.96  ? 42   LEU A CD2 1 
ATOM   353  N  N   . GLU A 1 49  ? 4.044   4.314   -1.157  1.00 41.02  ? 43   GLU A N   1 
ATOM   354  C  CA  . GLU A 1 49  ? 3.754   5.680   -0.894  1.00 42.72  ? 43   GLU A CA  1 
ATOM   355  C  C   . GLU A 1 49  ? 2.445   5.796   -0.102  1.00 45.12  ? 43   GLU A C   1 
ATOM   356  O  O   . GLU A 1 49  ? 2.335   6.665   0.757   1.00 48.50  ? 43   GLU A O   1 
ATOM   357  C  CB  . GLU A 1 49  ? 3.668   6.491   -2.187  1.00 47.94  ? 43   GLU A CB  1 
ATOM   358  C  CG  . GLU A 1 49  ? 3.550   7.990   -1.933  1.00 49.41  ? 43   GLU A CG  1 
ATOM   359  C  CD  . GLU A 1 49  ? 3.815   8.897   -3.118  1.00 50.01  ? 43   GLU A CD  1 
ATOM   360  O  OE1 . GLU A 1 49  ? 3.440   8.541   -4.226  1.00 49.59  ? 43   GLU A OE1 1 
ATOM   361  O  OE2 . GLU A 1 49  ? 4.390   9.972   -2.920  1.00 67.92  ? 43   GLU A OE2 1 
ATOM   362  N  N   . VAL A 1 50  ? 1.443   4.966   -0.425  1.00 42.02  ? 44   VAL A N   1 
ATOM   363  C  CA  . VAL A 1 50  ? 0.139   5.044   0.215   1.00 37.05  ? 44   VAL A CA  1 
ATOM   364  C  C   . VAL A 1 50  ? 0.335   4.601   1.657   1.00 37.40  ? 44   VAL A C   1 
ATOM   365  O  O   . VAL A 1 50  ? -0.076  5.271   2.584   1.00 48.43  ? 44   VAL A O   1 
ATOM   366  C  CB  . VAL A 1 50  ? -0.945  4.196   -0.494  1.00 37.80  ? 44   VAL A CB  1 
ATOM   367  C  CG1 . VAL A 1 50  ? -2.128  3.902   0.396   1.00 34.35  ? 44   VAL A CG1 1 
ATOM   368  C  CG2 . VAL A 1 50  ? -1.456  4.841   -1.759  1.00 42.53  ? 44   VAL A CG2 1 
ATOM   369  N  N   . CYS A 1 51  ? 0.966   3.449   1.826   1.00 41.65  ? 45   CYS A N   1 
ATOM   370  C  CA  . CYS A 1 51  ? 1.259   2.913   3.153   1.00 46.24  ? 45   CYS A CA  1 
ATOM   371  C  C   . CYS A 1 51  ? 1.907   4.002   4.035   1.00 49.50  ? 45   CYS A C   1 
ATOM   372  O  O   . CYS A 1 51  ? 1.462   4.204   5.155   1.00 47.53  ? 45   CYS A O   1 
ATOM   373  C  CB  . CYS A 1 51  ? 2.095   1.641   3.041   1.00 43.01  ? 45   CYS A CB  1 
ATOM   374  S  SG  . CYS A 1 51  ? 1.075   0.172   2.692   1.00 48.56  ? 45   CYS A SG  1 
ATOM   375  N  N   . PHE A 1 52  ? 2.911   4.718   3.496   1.00 47.89  ? 46   PHE A N   1 
ATOM   376  C  CA  . PHE A 1 52  ? 3.642   5.742   4.210   1.00 45.89  ? 46   PHE A CA  1 
ATOM   377  C  C   . PHE A 1 52  ? 2.741   6.952   4.479   1.00 47.24  ? 46   PHE A C   1 
ATOM   378  O  O   . PHE A 1 52  ? 2.754   7.505   5.566   1.00 49.05  ? 46   PHE A O   1 
ATOM   379  C  CB  . PHE A 1 52  ? 4.881   6.186   3.430   1.00 45.71  ? 46   PHE A CB  1 
ATOM   380  C  CG  . PHE A 1 52  ? 6.036   5.215   3.421   1.00 50.49  ? 46   PHE A CG  1 
ATOM   381  C  CD1 . PHE A 1 52  ? 6.079   4.124   4.276   1.00 53.95  ? 46   PHE A CD1 1 
ATOM   382  C  CD2 . PHE A 1 52  ? 7.092   5.393   2.539   1.00 54.97  ? 46   PHE A CD2 1 
ATOM   383  C  CE1 . PHE A 1 52  ? 7.129   3.218   4.224   1.00 55.36  ? 46   PHE A CE1 1 
ATOM   384  C  CE2 . PHE A 1 52  ? 8.155   4.503   2.513   1.00 53.98  ? 46   PHE A CE2 1 
ATOM   385  C  CZ  . PHE A 1 52  ? 8.174   3.418   3.351   1.00 50.27  ? 46   PHE A CZ  1 
ATOM   386  N  N   . MET A 1 53  ? 1.982   7.383   3.474   1.00 45.63  ? 47   MET A N   1 
ATOM   387  C  CA  . MET A 1 53  ? 1.122   8.533   3.647   1.00 46.86  ? 47   MET A CA  1 
ATOM   388  C  C   . MET A 1 53  ? 0.095   8.246   4.750   1.00 50.77  ? 47   MET A C   1 
ATOM   389  O  O   . MET A 1 53  ? -0.278  9.151   5.479   1.00 50.10  ? 47   MET A O   1 
ATOM   390  C  CB  . MET A 1 53  ? 0.354   8.870   2.369   1.00 47.30  ? 47   MET A CB  1 
ATOM   391  C  CG  . MET A 1 53  ? 1.166   9.505   1.273   1.00 48.87  ? 47   MET A CG  1 
ATOM   392  S  SD  . MET A 1 53  ? 0.113   9.736   -0.187  1.00 54.77  ? 47   MET A SD  1 
ATOM   393  C  CE  . MET A 1 53  ? -0.375  11.452  -0.002  1.00 59.93  ? 47   MET A CE  1 
ATOM   394  N  N   . TYR A 1 54  ? -0.404  7.001   4.800   1.00 50.85  ? 48   TYR A N   1 
ATOM   395  C  CA  . TYR A 1 54  ? -1.456  6.611   5.721   1.00 51.32  ? 48   TYR A CA  1 
ATOM   396  C  C   . TYR A 1 54  ? -0.917  6.792   7.133   1.00 55.12  ? 48   TYR A C   1 
ATOM   397  O  O   . TYR A 1 54  ? -1.569  7.431   7.979   1.00 51.91  ? 48   TYR A O   1 
ATOM   398  C  CB  . TYR A 1 54  ? -1.863  5.164   5.465   1.00 49.02  ? 48   TYR A CB  1 
ATOM   399  C  CG  . TYR A 1 54  ? -3.223  4.725   5.943   1.00 48.77  ? 48   TYR A CG  1 
ATOM   400  C  CD1 . TYR A 1 54  ? -3.514  4.550   7.283   1.00 47.15  ? 48   TYR A CD1 1 
ATOM   401  C  CD2 . TYR A 1 54  ? -4.190  4.349   5.022   1.00 53.49  ? 48   TYR A CD2 1 
ATOM   402  C  CE1 . TYR A 1 54  ? -4.757  4.087   7.695   1.00 51.97  ? 48   TYR A CE1 1 
ATOM   403  C  CE2 . TYR A 1 54  ? -5.430  3.864   5.413   1.00 51.35  ? 48   TYR A CE2 1 
ATOM   404  C  CZ  . TYR A 1 54  ? -5.718  3.732   6.757   1.00 51.45  ? 48   TYR A CZ  1 
ATOM   405  O  OH  . TYR A 1 54  ? -6.956  3.262   7.105   1.00 50.90  ? 48   TYR A OH  1 
ATOM   406  N  N   . SER A 1 55  ? 0.308   6.273   7.315   1.00 57.19  ? 49   SER A N   1 
ATOM   407  C  CA  . SER A 1 55  ? 1.102   6.318   8.553   1.00 58.51  ? 49   SER A CA  1 
ATOM   408  C  C   . SER A 1 55  ? 1.340   7.757   9.040   1.00 59.02  ? 49   SER A C   1 
ATOM   409  O  O   . SER A 1 55  ? 1.316   8.043   10.246  1.00 62.44  ? 49   SER A O   1 
ATOM   410  C  CB  . SER A 1 55  ? 2.405   5.644   8.346   1.00 51.14  ? 49   SER A CB  1 
ATOM   411  O  OG  . SER A 1 55  ? 3.088   5.602   9.578   1.00 63.82  ? 49   SER A OG  1 
ATOM   412  N  N   . ASP A 1 56  ? 1.552   8.657   8.090   1.00 54.68  ? 50   ASP A N   1 
ATOM   413  C  CA  . ASP A 1 56  ? 1.987   9.973   8.391   1.00 69.09  ? 50   ASP A CA  1 
ATOM   414  C  C   . ASP A 1 56  ? 0.823   10.795  8.927   1.00 72.82  ? 50   ASP A C   1 
ATOM   415  O  O   . ASP A 1 56  ? 1.064   11.734  9.656   1.00 83.64  ? 50   ASP A O   1 
ATOM   416  C  CB  . ASP A 1 56  ? 2.670   10.616  7.184   1.00 70.91  ? 50   ASP A CB  1 
ATOM   417  C  CG  . ASP A 1 56  ? 4.106   10.138  7.011   1.00 77.83  ? 50   ASP A CG  1 
ATOM   418  O  OD1 . ASP A 1 56  ? 4.670   9.519   7.978   1.00 76.23  ? 50   ASP A OD1 1 
ATOM   419  O  OD2 . ASP A 1 56  ? 4.650   10.362  5.915   1.00 82.05  ? 50   ASP A OD2 1 
ATOM   420  N  N   . PHE A 1 57  ? -0.411  10.382  8.624   1.00 84.03  ? 51   PHE A N   1 
ATOM   421  C  CA  . PHE A 1 57  ? -1.616  11.044  9.142   1.00 86.56  ? 51   PHE A CA  1 
ATOM   422  C  C   . PHE A 1 57  ? -1.942  10.522  10.545  1.00 77.40  ? 51   PHE A C   1 
ATOM   423  O  O   . PHE A 1 57  ? -3.094  10.512  10.941  1.00 86.88  ? 51   PHE A O   1 
ATOM   424  C  CB  . PHE A 1 57  ? -2.780  10.882  8.158   1.00 91.20  ? 51   PHE A CB  1 
ATOM   425  C  CG  . PHE A 1 57  ? -2.513  11.452  6.785   1.00 90.32  ? 51   PHE A CG  1 
ATOM   426  C  CD1 . PHE A 1 57  ? -2.037  12.744  6.629   1.00 92.98  ? 51   PHE A CD1 1 
ATOM   427  C  CD2 . PHE A 1 57  ? -2.740  10.701  5.642   1.00 89.41  ? 51   PHE A CD2 1 
ATOM   428  C  CE1 . PHE A 1 57  ? -1.790  13.268  5.368   1.00 94.19  ? 51   PHE A CE1 1 
ATOM   429  C  CE2 . PHE A 1 57  ? -2.496  11.228  4.382   1.00 92.86  ? 51   PHE A CE2 1 
ATOM   430  C  CZ  . PHE A 1 57  ? -2.019  12.510  4.245   1.00 92.33  ? 51   PHE A CZ  1 
ATOM   431  N  N   . GLY A 1 58  ? -0.903  10.107  11.277  1.00 78.41  ? 52   GLY A N   1 
ATOM   432  C  CA  . GLY A 1 58  ? -0.956  9.850   12.700  1.00 86.22  ? 52   GLY A CA  1 
ATOM   433  C  C   . GLY A 1 58  ? 0.315   10.328  13.382  1.00 92.92  ? 52   GLY A C   1 
ATOM   434  O  O   . GLY A 1 58  ? 0.797   11.437  13.122  1.00 86.85  ? 52   GLY A O   1 
ATOM   435  N  N   . LEU A 1 66  ? -2.011  10.958  21.197  1.00 106.40 ? 72   LEU A N   1 
ATOM   436  C  CA  . LEU A 1 66  ? -1.344  9.885   20.444  1.00 113.43 ? 72   LEU A CA  1 
ATOM   437  C  C   . LEU A 1 66  ? -0.901  10.400  19.061  1.00 111.39 ? 72   LEU A C   1 
ATOM   438  O  O   . LEU A 1 66  ? -1.667  10.323  18.101  1.00 109.63 ? 72   LEU A O   1 
ATOM   439  C  CB  . LEU A 1 66  ? -2.316  8.700   20.329  1.00 112.43 ? 72   LEU A CB  1 
ATOM   440  C  CG  . LEU A 1 66  ? -1.699  7.329   20.033  1.00 108.14 ? 72   LEU A CG  1 
ATOM   441  C  CD1 . LEU A 1 66  ? -0.698  6.909   21.106  1.00 104.69 ? 72   LEU A CD1 1 
ATOM   442  C  CD2 . LEU A 1 66  ? -2.791  6.280   19.884  1.00 104.07 ? 72   LEU A CD2 1 
ATOM   443  N  N   . LYS A 1 67  ? 0.339   10.913  18.976  1.00 112.74 ? 73   LYS A N   1 
ATOM   444  C  CA  . LYS A 1 67  ? 0.955   11.414  17.724  1.00 114.04 ? 73   LYS A CA  1 
ATOM   445  C  C   . LYS A 1 67  ? 1.494   10.229  16.902  1.00 113.11 ? 73   LYS A C   1 
ATOM   446  O  O   . LYS A 1 67  ? 1.461   10.243  15.661  1.00 104.33 ? 73   LYS A O   1 
ATOM   447  C  CB  . LYS A 1 67  ? 2.082   12.409  18.029  1.00 113.16 ? 73   LYS A CB  1 
ATOM   448  C  CG  . LYS A 1 67  ? 1.658   13.718  18.688  1.00 114.84 ? 73   LYS A CG  1 
ATOM   449  C  CD  . LYS A 1 67  ? 1.453   14.885  17.732  1.00 115.68 ? 73   LYS A CD  1 
ATOM   450  C  CE  . LYS A 1 67  ? 1.257   16.210  18.448  1.00 112.62 ? 73   LYS A CE  1 
ATOM   451  N  NZ  . LYS A 1 67  ? 0.260   17.076  17.772  1.00 105.83 ? 73   LYS A NZ  1 
ATOM   452  N  N   . HIS A 1 68  ? 1.998   9.212   17.609  1.00 107.37 ? 74   HIS A N   1 
ATOM   453  C  CA  . HIS A 1 68  ? 2.403   7.936   17.013  1.00 105.44 ? 74   HIS A CA  1 
ATOM   454  C  C   . HIS A 1 68  ? 1.185   7.002   16.915  1.00 93.98  ? 74   HIS A C   1 
ATOM   455  O  O   . HIS A 1 68  ? 1.095   6.040   17.687  1.00 97.35  ? 74   HIS A O   1 
ATOM   456  C  CB  . HIS A 1 68  ? 3.540   7.333   17.854  1.00 111.42 ? 74   HIS A CB  1 
ATOM   457  C  CG  . HIS A 1 68  ? 4.270   6.205   17.201  1.00 116.94 ? 74   HIS A CG  1 
ATOM   458  N  ND1 . HIS A 1 68  ? 5.101   6.391   16.111  1.00 114.74 ? 74   HIS A ND1 1 
ATOM   459  C  CD2 . HIS A 1 68  ? 4.326   4.888   17.501  1.00 116.18 ? 74   HIS A CD2 1 
ATOM   460  C  CE1 . HIS A 1 68  ? 5.621   5.234   15.754  1.00 116.17 ? 74   HIS A CE1 1 
ATOM   461  N  NE2 . HIS A 1 68  ? 5.158   4.295   16.590  1.00 115.13 ? 74   HIS A NE2 1 
ATOM   462  N  N   . ARG A 1 69  ? 0.241   7.302   16.003  1.00 76.82  ? 75   ARG A N   1 
ATOM   463  C  CA  . ARG A 1 69  ? -1.031  6.544   15.929  1.00 68.07  ? 75   ARG A CA  1 
ATOM   464  C  C   . ARG A 1 69  ? -0.795  5.173   15.275  1.00 69.68  ? 75   ARG A C   1 
ATOM   465  O  O   . ARG A 1 69  ? -1.296  4.173   15.750  1.00 66.04  ? 75   ARG A O   1 
ATOM   466  C  CB  . ARG A 1 69  ? -2.144  7.267   15.159  1.00 61.47  ? 75   ARG A CB  1 
ATOM   467  C  CG  . ARG A 1 69  ? -3.346  6.362   14.923  1.00 62.36  ? 75   ARG A CG  1 
ATOM   468  C  CD  . ARG A 1 69  ? -4.673  6.937   14.448  1.00 60.02  ? 75   ARG A CD  1 
ATOM   469  N  NE  . ARG A 1 69  ? -5.672  5.857   14.421  1.00 58.01  ? 75   ARG A NE  1 
ATOM   470  C  CZ  . ARG A 1 69  ? -6.953  5.988   14.090  1.00 56.67  ? 75   ARG A CZ  1 
ATOM   471  N  NH1 . ARG A 1 69  ? -7.459  7.178   13.819  1.00 54.04  ? 75   ARG A NH1 1 
ATOM   472  N  NH2 . ARG A 1 69  ? -7.728  4.922   14.024  1.00 57.98  ? 75   ARG A NH2 1 
ATOM   473  N  N   . PHE A 1 70  ? -0.040  5.154   14.171  1.00 68.30  ? 76   PHE A N   1 
ATOM   474  C  CA  . PHE A 1 70  ? 0.179   3.977   13.382  1.00 57.52  ? 76   PHE A CA  1 
ATOM   475  C  C   . PHE A 1 70  ? 1.618   3.502   13.527  1.00 60.51  ? 76   PHE A C   1 
ATOM   476  O  O   . PHE A 1 70  ? 2.503   4.303   13.770  1.00 68.28  ? 76   PHE A O   1 
ATOM   477  C  CB  . PHE A 1 70  ? -0.103  4.272   11.916  1.00 51.10  ? 76   PHE A CB  1 
ATOM   478  C  CG  . PHE A 1 70  ? -1.521  4.699   11.662  1.00 50.06  ? 76   PHE A CG  1 
ATOM   479  C  CD1 . PHE A 1 70  ? -2.559  3.793   11.779  1.00 50.94  ? 76   PHE A CD1 1 
ATOM   480  C  CD2 . PHE A 1 70  ? -1.817  5.992   11.270  1.00 52.15  ? 76   PHE A CD2 1 
ATOM   481  C  CE1 . PHE A 1 70  ? -3.872  4.172   11.535  1.00 50.30  ? 76   PHE A CE1 1 
ATOM   482  C  CE2 . PHE A 1 70  ? -3.127  6.372   11.025  1.00 55.18  ? 76   PHE A CE2 1 
ATOM   483  C  CZ  . PHE A 1 70  ? -4.154  5.460   11.151  1.00 54.85  ? 76   PHE A CZ  1 
ATOM   484  N  N   . GLU A 1 71  ? 1.805   2.186   13.375  1.00 62.63  ? 77   GLU A N   1 
ATOM   485  C  CA  . GLU A 1 71  ? 3.111   1.533   13.214  1.00 64.06  ? 77   GLU A CA  1 
ATOM   486  C  C   . GLU A 1 71  ? 3.240   1.011   11.779  1.00 58.47  ? 77   GLU A C   1 
ATOM   487  O  O   . GLU A 1 71  ? 2.413   0.261   11.322  1.00 68.30  ? 77   GLU A O   1 
ATOM   488  C  CB  . GLU A 1 71  ? 3.274   0.350   14.175  1.00 70.61  ? 77   GLU A CB  1 
ATOM   489  C  CG  . GLU A 1 71  ? 4.714   -0.146  14.288  1.00 74.88  ? 77   GLU A CG  1 
ATOM   490  C  CD  . GLU A 1 71  ? 5.610   0.875   14.960  1.00 75.10  ? 77   GLU A CD  1 
ATOM   491  O  OE1 . GLU A 1 71  ? 5.260   1.284   16.087  1.00 68.30  ? 77   GLU A OE1 1 
ATOM   492  O  OE2 . GLU A 1 71  ? 6.592   1.315   14.323  1.00 76.68  ? 77   GLU A OE2 1 
ATOM   493  N  N   . ILE A 1 72  ? 4.316   1.385   11.095  1.00 64.05  ? 78   ILE A N   1 
ATOM   494  C  CA  . ILE A 1 72  ? 4.531   0.972   9.718   1.00 61.44  ? 78   ILE A CA  1 
ATOM   495  C  C   . ILE A 1 72  ? 5.171   -0.430  9.728   1.00 67.26  ? 78   ILE A C   1 
ATOM   496  O  O   . ILE A 1 72  ? 6.216   -0.684  10.397  1.00 65.04  ? 78   ILE A O   1 
ATOM   497  C  CB  . ILE A 1 72  ? 5.353   2.033   8.960   1.00 61.28  ? 78   ILE A CB  1 
ATOM   498  C  CG1 . ILE A 1 72  ? 5.571   1.650   7.497   1.00 77.13  ? 78   ILE A CG1 1 
ATOM   499  C  CG2 . ILE A 1 72  ? 6.672   2.316   9.649   1.00 64.93  ? 78   ILE A CG2 1 
ATOM   500  C  CD1 . ILE A 1 72  ? 4.333   1.803   6.634   1.00 84.03  ? 78   ILE A CD1 1 
ATOM   501  N  N   . ILE A 1 73  ? 4.532   -1.368  9.016   1.00 60.84  ? 79   ILE A N   1 
ATOM   502  C  CA  . ILE A 1 73  ? 5.088   -2.710  8.870   1.00 59.50  ? 79   ILE A CA  1 
ATOM   503  C  C   . ILE A 1 73  ? 5.635   -2.897  7.451   1.00 53.90  ? 79   ILE A C   1 
ATOM   504  O  O   . ILE A 1 73  ? 6.735   -3.433  7.277   1.00 53.15  ? 79   ILE A O   1 
ATOM   505  C  CB  . ILE A 1 73  ? 4.048   -3.769  9.254   1.00 67.08  ? 79   ILE A CB  1 
ATOM   506  C  CG1 . ILE A 1 73  ? 3.565   -3.557  10.688  1.00 70.98  ? 79   ILE A CG1 1 
ATOM   507  C  CG2 . ILE A 1 73  ? 4.608   -5.173  9.060   1.00 72.58  ? 79   ILE A CG2 1 
ATOM   508  C  CD1 . ILE A 1 73  ? 2.277   -4.268  10.982  1.00 78.56  ? 79   ILE A CD1 1 
ATOM   509  N  N   . GLU A 1 74  ? 4.871   -2.444  6.451   1.00 53.28  ? 80   GLU A N   1 
ATOM   510  C  CA  . GLU A 1 74  ? 5.302   -2.467  5.056   1.00 55.73  ? 80   GLU A CA  1 
ATOM   511  C  C   . GLU A 1 74  ? 6.575   -1.630  4.878   1.00 56.33  ? 80   GLU A C   1 
ATOM   512  O  O   . GLU A 1 74  ? 6.716   -0.528  5.400   1.00 61.34  ? 80   GLU A O   1 
ATOM   513  C  CB  . GLU A 1 74  ? 4.216   -1.925  4.128   1.00 62.01  ? 80   GLU A CB  1 
ATOM   514  C  CG  . GLU A 1 74  ? 4.518   -2.138  2.647   1.00 64.40  ? 80   GLU A CG  1 
ATOM   515  C  CD  . GLU A 1 74  ? 4.541   -3.588  2.183   1.00 63.24  ? 80   GLU A CD  1 
ATOM   516  O  OE1 . GLU A 1 74  ? 5.585   -4.039  1.684   1.00 69.53  ? 80   GLU A OE1 1 
ATOM   517  O  OE2 . GLU A 1 74  ? 3.509   -4.267  2.310   1.00 69.21  ? 80   GLU A OE2 1 
ATOM   518  N  N   . GLY A 1 75  ? 7.516   -2.183  4.125   1.00 53.88  ? 81   GLY A N   1 
ATOM   519  C  CA  . GLY A 1 75  ? 8.688   -1.450  3.749   1.00 60.48  ? 81   GLY A CA  1 
ATOM   520  C  C   . GLY A 1 75  ? 9.886   -1.783  4.611   1.00 55.95  ? 81   GLY A C   1 
ATOM   521  O  O   . GLY A 1 75  ? 10.999  -1.423  4.252   1.00 57.05  ? 81   GLY A O   1 
ATOM   522  N  N   . ARG A 1 76  ? 9.639   -2.440  5.746   1.00 51.55  ? 82   ARG A N   1 
ATOM   523  C  CA  . ARG A 1 76  ? 10.679  -3.001  6.572   1.00 54.38  ? 82   ARG A CA  1 
ATOM   524  C  C   . ARG A 1 76  ? 11.189  -4.291  5.910   1.00 51.73  ? 82   ARG A C   1 
ATOM   525  O  O   . ARG A 1 76  ? 10.479  -4.907  5.159   1.00 53.11  ? 82   ARG A O   1 
ATOM   526  C  CB  . ARG A 1 76  ? 10.124  -3.249  7.980   1.00 57.04  ? 82   ARG A CB  1 
ATOM   527  C  CG  . ARG A 1 76  ? 9.589   -2.004  8.674   1.00 64.45  ? 82   ARG A CG  1 
ATOM   528  C  CD  . ARG A 1 76  ? 9.633   -2.145  10.194  1.00 78.51  ? 82   ARG A CD  1 
ATOM   529  N  NE  . ARG A 1 76  ? 9.021   -1.066  10.980  1.00 83.95  ? 82   ARG A NE  1 
ATOM   530  C  CZ  . ARG A 1 76  ? 9.548   0.146   11.197  1.00 82.82  ? 82   ARG A CZ  1 
ATOM   531  N  NH1 . ARG A 1 76  ? 9.082   0.899   12.179  1.00 82.11  ? 82   ARG A NH1 1 
ATOM   532  N  NH2 . ARG A 1 76  ? 10.505  0.628   10.427  1.00 75.51  ? 82   ARG A NH2 1 
ATOM   533  N  N   . ASP A 1 77  ? 12.427  -4.697  6.209   1.00 61.31  ? 83   ASP A N   1 
ATOM   534  C  CA  . ASP A 1 77  ? 12.898  -6.083  5.946   1.00 61.88  ? 83   ASP A CA  1 
ATOM   535  C  C   . ASP A 1 77  ? 12.054  -7.057  6.792   1.00 62.10  ? 83   ASP A C   1 
ATOM   536  O  O   . ASP A 1 77  ? 11.407  -6.662  7.768   1.00 61.55  ? 83   ASP A O   1 
ATOM   537  C  CB  . ASP A 1 77  ? 14.396  -6.245  6.239   1.00 62.47  ? 83   ASP A CB  1 
ATOM   538  C  CG  . ASP A 1 77  ? 14.705  -6.566  7.693   1.00 68.82  ? 83   ASP A CG  1 
ATOM   539  O  OD1 . ASP A 1 77  ? 14.395  -5.726  8.565   1.00 76.79  ? 83   ASP A OD1 1 
ATOM   540  O  OD2 . ASP A 1 77  ? 15.206  -7.667  7.946   1.00 71.64  ? 83   ASP A OD2 1 
ATOM   541  N  N   . ARG A 1 78  ? 12.083  -8.339  6.428   1.00 62.01  ? 84   ARG A N   1 
ATOM   542  C  CA  . ARG A 1 78  ? 11.122  -9.317  6.945   1.00 66.71  ? 84   ARG A CA  1 
ATOM   543  C  C   . ARG A 1 78  ? 11.405  -9.630  8.420   1.00 70.45  ? 84   ARG A C   1 
ATOM   544  O  O   . ARG A 1 78  ? 10.461  -9.837  9.226   1.00 71.98  ? 84   ARG A O   1 
ATOM   545  C  CB  . ARG A 1 78  ? 11.136  -10.594 6.094   1.00 70.11  ? 84   ARG A CB  1 
ATOM   546  C  CG  . ARG A 1 78  ? 9.957   -10.710 5.143   1.00 67.66  ? 84   ARG A CG  1 
ATOM   547  C  CD  . ARG A 1 78  ? 10.277  -11.433 3.847   1.00 74.73  ? 84   ARG A CD  1 
ATOM   548  N  NE  . ARG A 1 78  ? 9.023   -11.737 3.176   1.00 79.85  ? 84   ARG A NE  1 
ATOM   549  C  CZ  . ARG A 1 78  ? 8.916   -12.363 2.015   1.00 87.42  ? 84   ARG A CZ  1 
ATOM   550  N  NH1 . ARG A 1 78  ? 7.746   -12.867 1.666   1.00 81.00  ? 84   ARG A NH1 1 
ATOM   551  N  NH2 . ARG A 1 78  ? 9.970   -12.504 1.226   1.00 83.02  ? 84   ARG A NH2 1 
ATOM   552  N  N   . ILE A 1 79  ? 12.690  -9.649  8.779   1.00 69.14  ? 85   ILE A N   1 
ATOM   553  C  CA  . ILE A 1 79  ? 13.084  -9.869  10.168  1.00 67.32  ? 85   ILE A CA  1 
ATOM   554  C  C   . ILE A 1 79  ? 12.476  -8.781  11.055  1.00 55.86  ? 85   ILE A C   1 
ATOM   555  O  O   . ILE A 1 79  ? 11.849  -9.085  12.038  1.00 53.89  ? 85   ILE A O   1 
ATOM   556  C  CB  . ILE A 1 79  ? 14.613  -9.926  10.305  1.00 69.31  ? 85   ILE A CB  1 
ATOM   557  C  CG1 . ILE A 1 79  ? 15.189  -11.187 9.657   1.00 67.49  ? 85   ILE A CG1 1 
ATOM   558  C  CG2 . ILE A 1 79  ? 14.999  -9.823  11.764  1.00 72.80  ? 85   ILE A CG2 1 
ATOM   559  C  CD1 . ILE A 1 79  ? 16.388  -10.924 8.787   1.00 70.73  ? 85   ILE A CD1 1 
ATOM   560  N  N   . MET A 1 80  ? 12.646  -7.516  10.662  1.00 61.98  ? 86   MET A N   1 
ATOM   561  C  CA  . MET A 1 80  ? 12.121  -6.385  11.447  1.00 66.88  ? 86   MET A CA  1 
ATOM   562  C  C   . MET A 1 80  ? 10.584  -6.358  11.434  1.00 55.37  ? 86   MET A C   1 
ATOM   563  O  O   . MET A 1 80  ? 9.956   -6.122  12.449  1.00 54.68  ? 86   MET A O   1 
ATOM   564  C  CB  . MET A 1 80  ? 12.680  -5.043  10.953  1.00 72.90  ? 86   MET A CB  1 
ATOM   565  C  CG  . MET A 1 80  ? 14.047  -4.714  11.569  1.00 76.81  ? 86   MET A CG  1 
ATOM   566  S  SD  . MET A 1 80  ? 14.066  -4.738  13.432  1.00 84.99  ? 86   MET A SD  1 
ATOM   567  C  CE  . MET A 1 80  ? 12.741  -3.603  13.855  1.00 79.54  ? 86   MET A CE  1 
ATOM   568  N  N   . ALA A 1 81  ? 9.988   -6.617  10.277  1.00 55.99  ? 87   ALA A N   1 
ATOM   569  C  CA  . ALA A 1 81  ? 8.548   -6.638  10.141  1.00 55.17  ? 87   ALA A CA  1 
ATOM   570  C  C   . ALA A 1 81  ? 7.962   -7.620  11.156  1.00 51.16  ? 87   ALA A C   1 
ATOM   571  O  O   . ALA A 1 81  ? 7.104   -7.280  11.949  1.00 47.32  ? 87   ALA A O   1 
ATOM   572  C  CB  . ALA A 1 81  ? 8.188   -7.020  8.732   1.00 58.20  ? 87   ALA A CB  1 
ATOM   573  N  N   . TRP A 1 82  ? 8.465   -8.851  11.138  1.00 53.34  ? 88   TRP A N   1 
ATOM   574  C  CA  . TRP A 1 82  ? 8.017   -9.798  12.116  1.00 54.30  ? 88   TRP A CA  1 
ATOM   575  C  C   . TRP A 1 82  ? 8.360   -9.319  13.518  1.00 51.38  ? 88   TRP A C   1 
ATOM   576  O  O   . TRP A 1 82  ? 7.478   -9.375  14.339  1.00 56.61  ? 88   TRP A O   1 
ATOM   577  C  CB  . TRP A 1 82  ? 8.528   -11.206 11.831  1.00 55.44  ? 88   TRP A CB  1 
ATOM   578  C  CG  . TRP A 1 82  ? 7.710   -11.795 10.731  1.00 58.54  ? 88   TRP A CG  1 
ATOM   579  C  CD1 . TRP A 1 82  ? 8.105   -12.009 9.445   1.00 58.60  ? 88   TRP A CD1 1 
ATOM   580  C  CD2 . TRP A 1 82  ? 6.305   -12.117 10.796  1.00 58.32  ? 88   TRP A CD2 1 
ATOM   581  N  NE1 . TRP A 1 82  ? 7.055   -12.504 8.722   1.00 63.87  ? 88   TRP A NE1 1 
ATOM   582  C  CE2 . TRP A 1 82  ? 5.933   -12.571 9.514   1.00 54.27  ? 88   TRP A CE2 1 
ATOM   583  C  CE3 . TRP A 1 82  ? 5.337   -12.098 11.815  1.00 60.05  ? 88   TRP A CE3 1 
ATOM   584  C  CZ2 . TRP A 1 82  ? 4.637   -13.003 9.230   1.00 51.01  ? 88   TRP A CZ2 1 
ATOM   585  C  CZ3 . TRP A 1 82  ? 4.054   -12.520 11.530  1.00 57.35  ? 88   TRP A CZ3 1 
ATOM   586  C  CH2 . TRP A 1 82  ? 3.717   -12.980 10.255  1.00 54.36  ? 88   TRP A CH2 1 
ATOM   587  N  N   . THR A 1 83  ? 9.584   -8.815  13.751  1.00 47.53  ? 89   THR A N   1 
ATOM   588  C  CA  . THR A 1 83  ? 9.962   -8.330  15.108  1.00 52.06  ? 89   THR A CA  1 
ATOM   589  C  C   . THR A 1 83  ? 8.933   -7.314  15.620  1.00 50.53  ? 89   THR A C   1 
ATOM   590  O  O   . THR A 1 83  ? 8.527   -7.370  16.770  1.00 48.75  ? 89   THR A O   1 
ATOM   591  C  CB  . THR A 1 83  ? 11.351  -7.677  15.168  1.00 56.84  ? 89   THR A CB  1 
ATOM   592  O  OG1 . THR A 1 83  ? 12.333  -8.574  14.637  1.00 54.56  ? 89   THR A OG1 1 
ATOM   593  C  CG2 . THR A 1 83  ? 11.724  -7.276  16.583  1.00 49.70  ? 89   THR A CG2 1 
ATOM   594  N  N   . VAL A 1 84  ? 8.504   -6.402  14.743  1.00 48.57  ? 90   VAL A N   1 
ATOM   595  C  CA  . VAL A 1 84  ? 7.561   -5.368  15.126  1.00 51.30  ? 90   VAL A CA  1 
ATOM   596  C  C   . VAL A 1 84  ? 6.231   -6.022  15.505  1.00 53.57  ? 90   VAL A C   1 
ATOM   597  O  O   . VAL A 1 84  ? 5.686   -5.753  16.560  1.00 56.17  ? 90   VAL A O   1 
ATOM   598  C  CB  . VAL A 1 84  ? 7.386   -4.328  14.007  1.00 48.91  ? 90   VAL A CB  1 
ATOM   599  C  CG1 . VAL A 1 84  ? 6.206   -3.415  14.283  1.00 54.28  ? 90   VAL A CG1 1 
ATOM   600  C  CG2 . VAL A 1 84  ? 8.649   -3.507  13.799  1.00 50.44  ? 90   VAL A CG2 1 
ATOM   601  N  N   . VAL A 1 85  ? 5.747   -6.899  14.624  1.00 56.76  ? 91   VAL A N   1 
ATOM   602  C  CA  . VAL A 1 85  ? 4.448   -7.558  14.752  1.00 58.41  ? 91   VAL A CA  1 
ATOM   603  C  C   . VAL A 1 85  ? 4.356   -8.356  16.064  1.00 54.42  ? 91   VAL A C   1 
ATOM   604  O  O   . VAL A 1 85  ? 3.415   -8.179  16.816  1.00 59.72  ? 91   VAL A O   1 
ATOM   605  C  CB  . VAL A 1 85  ? 4.206   -8.457  13.528  1.00 63.02  ? 91   VAL A CB  1 
ATOM   606  C  CG1 . VAL A 1 85  ? 3.127   -9.503  13.799  1.00 65.07  ? 91   VAL A CG1 1 
ATOM   607  C  CG2 . VAL A 1 85  ? 3.897   -7.627  12.285  1.00 60.20  ? 91   VAL A CG2 1 
ATOM   608  N  N   . ASN A 1 86  ? 5.332   -9.227  16.327  1.00 53.30  ? 92   ASN A N   1 
ATOM   609  C  CA  . ASN A 1 86  ? 5.381   -10.011 17.539  1.00 63.99  ? 92   ASN A CA  1 
ATOM   610  C  C   . ASN A 1 86  ? 5.333   -9.085  18.754  1.00 71.25  ? 92   ASN A C   1 
ATOM   611  O  O   . ASN A 1 86  ? 4.499   -9.255  19.649  1.00 81.34  ? 92   ASN A O   1 
ATOM   612  C  CB  . ASN A 1 86  ? 6.637   -10.875 17.615  1.00 73.64  ? 92   ASN A CB  1 
ATOM   613  C  CG  . ASN A 1 86  ? 6.680   -11.926 16.524  1.00 86.23  ? 92   ASN A CG  1 
ATOM   614  O  OD1 . ASN A 1 86  ? 6.013   -11.809 15.498  1.00 93.52  ? 92   ASN A OD1 1 
ATOM   615  N  ND2 . ASN A 1 86  ? 7.459   -12.970 16.733  1.00 91.81  ? 92   ASN A ND2 1 
ATOM   616  N  N   . SER A 1 87  ? 6.240   -8.107  18.768  1.00 63.85  ? 93   SER A N   1 
ATOM   617  C  CA  . SER A 1 87  ? 6.349   -7.171  19.854  1.00 57.18  ? 93   SER A CA  1 
ATOM   618  C  C   . SER A 1 87  ? 4.989   -6.498  20.110  1.00 63.87  ? 93   SER A C   1 
ATOM   619  O  O   . SER A 1 87  ? 4.629   -6.229  21.270  1.00 65.60  ? 93   SER A O   1 
ATOM   620  C  CB  . SER A 1 87  ? 7.449   -6.180  19.584  1.00 55.37  ? 93   SER A CB  1 
ATOM   621  O  OG  . SER A 1 87  ? 7.082   -4.885  20.026  1.00 58.57  ? 93   SER A OG  1 
ATOM   622  N  N   . ILE A 1 88  ? 4.225   -6.235  19.044  1.00 57.88  ? 94   ILE A N   1 
ATOM   623  C  CA  . ILE A 1 88  ? 2.893   -5.645  19.199  1.00 64.25  ? 94   ILE A CA  1 
ATOM   624  C  C   . ILE A 1 88  ? 1.930   -6.671  19.839  1.00 66.86  ? 94   ILE A C   1 
ATOM   625  O  O   . ILE A 1 88  ? 1.149   -6.334  20.755  1.00 66.84  ? 94   ILE A O   1 
ATOM   626  C  CB  . ILE A 1 88  ? 2.368   -5.082  17.855  1.00 59.26  ? 94   ILE A CB  1 
ATOM   627  C  CG1 . ILE A 1 88  ? 3.002   -3.730  17.529  1.00 56.95  ? 94   ILE A CG1 1 
ATOM   628  C  CG2 . ILE A 1 88  ? 0.852   -4.965  17.843  1.00 58.86  ? 94   ILE A CG2 1 
ATOM   629  C  CD1 . ILE A 1 88  ? 2.889   -3.360  16.068  1.00 56.34  ? 94   ILE A CD1 1 
ATOM   630  N  N   . CYS A 1 89  ? 1.961   -7.914  19.345  1.00 66.16  ? 95   CYS A N   1 
ATOM   631  C  CA  . CYS A 1 89  ? 1.098   -9.006  19.847  1.00 69.00  ? 95   CYS A CA  1 
ATOM   632  C  C   . CYS A 1 89  ? 1.326   -9.232  21.359  1.00 68.45  ? 95   CYS A C   1 
ATOM   633  O  O   . CYS A 1 89  ? 0.375   -9.214  22.149  1.00 65.90  ? 95   CYS A O   1 
ATOM   634  C  CB  . CYS A 1 89  ? 1.324   -10.276 19.028  1.00 70.98  ? 95   CYS A CB  1 
ATOM   635  S  SG  . CYS A 1 89  ? 0.722   -10.144 17.317  1.00 73.07  ? 95   CYS A SG  1 
ATOM   636  N  N   . ASN A 1 90  ? 2.592   -9.359  21.772  1.00 67.12  ? 96   ASN A N   1 
ATOM   637  C  CA  . ASN A 1 90  ? 2.967   -9.681  23.152  1.00 67.54  ? 96   ASN A CA  1 
ATOM   638  C  C   . ASN A 1 90  ? 2.521   -8.612  24.154  1.00 65.58  ? 96   ASN A C   1 
ATOM   639  O  O   . ASN A 1 90  ? 2.406   -8.915  25.336  1.00 78.38  ? 96   ASN A O   1 
ATOM   640  C  CB  . ASN A 1 90  ? 4.472   -9.888  23.279  1.00 67.02  ? 96   ASN A CB  1 
ATOM   641  C  CG  . ASN A 1 90  ? 4.934   -10.990 22.364  1.00 66.54  ? 96   ASN A CG  1 
ATOM   642  O  OD1 . ASN A 1 90  ? 4.251   -12.001 22.252  1.00 70.99  ? 96   ASN A OD1 1 
ATOM   643  N  ND2 . ASN A 1 90  ? 6.040   -10.783 21.666  1.00 75.29  ? 96   ASN A ND2 1 
ATOM   644  N  N   . THR A 1 91  ? 2.278   -7.380  23.713  1.00 65.75  ? 97   THR A N   1 
ATOM   645  C  CA  . THR A 1 91  ? 1.996   -6.321  24.666  1.00 73.72  ? 97   THR A CA  1 
ATOM   646  C  C   . THR A 1 91  ? 0.587   -5.736  24.501  1.00 77.59  ? 97   THR A C   1 
ATOM   647  O  O   . THR A 1 91  ? 0.237   -4.819  25.223  1.00 92.30  ? 97   THR A O   1 
ATOM   648  C  CB  . THR A 1 91  ? 3.071   -5.238  24.566  1.00 77.51  ? 97   THR A CB  1 
ATOM   649  O  OG1 . THR A 1 91  ? 2.773   -4.425  23.429  1.00 71.89  ? 97   THR A OG1 1 
ATOM   650  C  CG2 . THR A 1 91  ? 4.464   -5.828  24.480  1.00 83.20  ? 97   THR A CG2 1 
ATOM   651  N  N   . THR A 1 92  ? -0.201  -6.246  23.548  1.00 86.62  ? 98   THR A N   1 
ATOM   652  C  CA  . THR A 1 92  ? -1.642  -5.886  23.400  1.00 83.58  ? 98   THR A CA  1 
ATOM   653  C  C   . THR A 1 92  ? -2.553  -7.127  23.457  1.00 82.13  ? 98   THR A C   1 
ATOM   654  O  O   . THR A 1 92  ? -3.758  -7.009  23.734  1.00 77.60  ? 98   THR A O   1 
ATOM   655  C  CB  . THR A 1 92  ? -1.884  -5.160  22.078  1.00 73.73  ? 98   THR A CB  1 
ATOM   656  O  OG1 . THR A 1 92  ? -1.447  -6.084  21.085  1.00 69.67  ? 98   THR A OG1 1 
ATOM   657  C  CG2 . THR A 1 92  ? -1.136  -3.850  21.984  1.00 76.23  ? 98   THR A CG2 1 
ATOM   658  N  N   . GLY A 1 93  ? -1.984  -8.304  23.164  1.00 68.78  ? 99   GLY A N   1 
ATOM   659  C  CA  . GLY A 1 93  ? -2.673  -9.570  23.277  1.00 76.82  ? 99   GLY A CA  1 
ATOM   660  C  C   . GLY A 1 93  ? -3.319  -9.992  21.967  1.00 81.35  ? 99   GLY A C   1 
ATOM   661  O  O   . GLY A 1 93  ? -3.882  -11.088 21.909  1.00 87.49  ? 99   GLY A O   1 
ATOM   662  N  N   . VAL A 1 94  ? -3.206  -9.144  20.929  1.00 77.30  ? 100  VAL A N   1 
ATOM   663  C  CA  . VAL A 1 94  ? -3.903  -9.310  19.652  1.00 72.85  ? 100  VAL A CA  1 
ATOM   664  C  C   . VAL A 1 94  ? -3.299  -10.512 18.910  1.00 71.48  ? 100  VAL A C   1 
ATOM   665  O  O   . VAL A 1 94  ? -2.093  -10.701 18.884  1.00 68.52  ? 100  VAL A O   1 
ATOM   666  C  CB  . VAL A 1 94  ? -3.873  -8.038  18.777  1.00 75.62  ? 100  VAL A CB  1 
ATOM   667  C  CG1 . VAL A 1 94  ? -4.311  -6.782  19.522  1.00 78.57  ? 100  VAL A CG1 1 
ATOM   668  C  CG2 . VAL A 1 94  ? -2.520  -7.816  18.141  1.00 86.07  ? 100  VAL A CG2 1 
ATOM   669  N  N   . GLU A 1 95  ? -4.180  -11.318 18.315  1.00 71.09  ? 101  GLU A N   1 
ATOM   670  C  CA  . GLU A 1 95  ? -3.831  -12.527 17.595  1.00 73.36  ? 101  GLU A CA  1 
ATOM   671  C  C   . GLU A 1 95  ? -2.822  -12.172 16.494  1.00 66.59  ? 101  GLU A C   1 
ATOM   672  O  O   . GLU A 1 95  ? -2.868  -11.116 15.859  1.00 63.72  ? 101  GLU A O   1 
ATOM   673  C  CB  . GLU A 1 95  ? -5.129  -13.162 17.086  1.00 81.69  ? 101  GLU A CB  1 
ATOM   674  C  CG  . GLU A 1 95  ? -4.996  -14.539 16.456  1.00 88.82  ? 101  GLU A CG  1 
ATOM   675  C  CD  . GLU A 1 95  ? -6.330  -15.060 15.932  1.00 88.53  ? 101  GLU A CD  1 
ATOM   676  O  OE1 . GLU A 1 95  ? -6.519  -15.104 14.692  1.00 76.71  ? 101  GLU A OE1 1 
ATOM   677  O  OE2 . GLU A 1 95  ? -7.199  -15.383 16.770  1.00 90.49  ? 101  GLU A OE2 1 
ATOM   678  N  N   . LYS A 1 96  ? -1.885  -13.089 16.301  1.00 68.92  ? 102  LYS A N   1 
ATOM   679  C  CA  . LYS A 1 96  ? -0.758  -12.935 15.410  1.00 71.78  ? 102  LYS A CA  1 
ATOM   680  C  C   . LYS A 1 96  ? -1.222  -13.196 13.976  1.00 74.28  ? 102  LYS A C   1 
ATOM   681  O  O   . LYS A 1 96  ? -1.762  -14.255 13.688  1.00 84.47  ? 102  LYS A O   1 
ATOM   682  C  CB  . LYS A 1 96  ? 0.286   -13.952 15.875  1.00 74.28  ? 102  LYS A CB  1 
ATOM   683  C  CG  . LYS A 1 96  ? 1.734   -13.626 15.584  1.00 87.58  ? 102  LYS A CG  1 
ATOM   684  C  CD  . LYS A 1 96  ? 2.661   -14.322 16.549  1.00 98.36  ? 102  LYS A CD  1 
ATOM   685  C  CE  . LYS A 1 96  ? 4.015   -14.622 15.948  1.00 113.17 ? 102  LYS A CE  1 
ATOM   686  N  NZ  . LYS A 1 96  ? 4.965   -15.067 16.993  1.00 118.31 ? 102  LYS A NZ  1 
ATOM   687  N  N   . PRO A 1 97  ? -1.051  -12.275 13.007  1.00 74.90  ? 103  PRO A N   1 
ATOM   688  C  CA  . PRO A 1 97  ? -1.508  -12.532 11.640  1.00 75.22  ? 103  PRO A CA  1 
ATOM   689  C  C   . PRO A 1 97  ? -0.652  -13.569 10.893  1.00 70.28  ? 103  PRO A C   1 
ATOM   690  O  O   . PRO A 1 97  ? 0.515   -13.794 11.245  1.00 64.10  ? 103  PRO A O   1 
ATOM   691  C  CB  . PRO A 1 97  ? -1.375  -11.151 10.981  1.00 74.22  ? 103  PRO A CB  1 
ATOM   692  C  CG  . PRO A 1 97  ? -0.196  -10.542 11.692  1.00 73.23  ? 103  PRO A CG  1 
ATOM   693  C  CD  . PRO A 1 97  ? -0.389  -10.970 13.138  1.00 78.90  ? 103  PRO A CD  1 
ATOM   694  N  N   . LYS A 1 98  ? -1.239  -14.162 9.850   1.00 66.23  ? 104  LYS A N   1 
ATOM   695  C  CA  . LYS A 1 98  ? -0.598  -15.222 9.058   1.00 75.35  ? 104  LYS A CA  1 
ATOM   696  C  C   . LYS A 1 98  ? 0.397   -14.562 8.096   1.00 66.61  ? 104  LYS A C   1 
ATOM   697  O  O   . LYS A 1 98  ? 1.529   -14.977 7.987   1.00 65.99  ? 104  LYS A O   1 
ATOM   698  C  CB  . LYS A 1 98  ? -1.619  -16.060 8.268   1.00 91.12  ? 104  LYS A CB  1 
ATOM   699  C  CG  . LYS A 1 98  ? -2.976  -16.341 8.933   1.00 107.69 ? 104  LYS A CG  1 
ATOM   700  C  CD  . LYS A 1 98  ? -4.122  -16.695 7.952   1.00 105.31 ? 104  LYS A CD  1 
ATOM   701  C  CE  . LYS A 1 98  ? -5.506  -16.762 8.579   1.00 102.43 ? 104  LYS A CE  1 
ATOM   702  N  NZ  . LYS A 1 98  ? -5.535  -17.590 9.813   1.00 97.01  ? 104  LYS A NZ  1 
ATOM   703  N  N   . PHE A 1 99  ? -0.065  -13.525 7.399   1.00 68.25  ? 105  PHE A N   1 
ATOM   704  C  CA  . PHE A 1 99  ? 0.756   -12.710 6.514   1.00 72.90  ? 105  PHE A CA  1 
ATOM   705  C  C   . PHE A 1 99  ? 1.056   -11.361 7.184   1.00 62.74  ? 105  PHE A C   1 
ATOM   706  O  O   . PHE A 1 99  ? 0.283   -10.849 7.981   1.00 64.99  ? 105  PHE A O   1 
ATOM   707  C  CB  . PHE A 1 99  ? 0.044   -12.476 5.178   1.00 86.50  ? 105  PHE A CB  1 
ATOM   708  C  CG  . PHE A 1 99  ? -0.392  -13.715 4.434   1.00 97.08  ? 105  PHE A CG  1 
ATOM   709  C  CD1 . PHE A 1 99  ? -1.537  -14.405 4.807   1.00 109.60 ? 105  PHE A CD1 1 
ATOM   710  C  CD2 . PHE A 1 99  ? 0.321   -14.168 3.333   1.00 105.46 ? 105  PHE A CD2 1 
ATOM   711  C  CE1 . PHE A 1 99  ? -1.943  -15.538 4.118   1.00 105.46 ? 105  PHE A CE1 1 
ATOM   712  C  CE2 . PHE A 1 99  ? -0.092  -15.294 2.636   1.00 107.80 ? 105  PHE A CE2 1 
ATOM   713  C  CZ  . PHE A 1 99  ? -1.221  -15.975 3.029   1.00 107.75 ? 105  PHE A CZ  1 
ATOM   714  N  N   . LEU A 1 100 ? 2.200   -10.781 6.841   1.00 56.63  ? 106  LEU A N   1 
ATOM   715  C  CA  . LEU A 1 100 ? 2.555   -9.477  7.306   1.00 49.39  ? 106  LEU A CA  1 
ATOM   716  C  C   . LEU A 1 100 ? 1.546   -8.462  6.774   1.00 48.85  ? 106  LEU A C   1 
ATOM   717  O  O   . LEU A 1 100 ? 1.350   -8.349  5.569   1.00 51.69  ? 106  LEU A O   1 
ATOM   718  C  CB  . LEU A 1 100 ? 3.964   -9.151  6.814   1.00 47.58  ? 106  LEU A CB  1 
ATOM   719  C  CG  . LEU A 1 100 ? 5.085   -9.863  7.564   1.00 52.86  ? 106  LEU A CG  1 
ATOM   720  C  CD1 . LEU A 1 100 ? 6.401   -9.604  6.875   1.00 54.83  ? 106  LEU A CD1 1 
ATOM   721  C  CD2 . LEU A 1 100 ? 5.179   -9.440  9.032   1.00 54.14  ? 106  LEU A CD2 1 
ATOM   722  N  N   . PRO A 1 101 ? 0.858   -7.698  7.642   1.00 44.46  ? 107  PRO A N   1 
ATOM   723  C  CA  . PRO A 1 101 ? -0.038  -6.643  7.199   1.00 43.52  ? 107  PRO A CA  1 
ATOM   724  C  C   . PRO A 1 101 ? 0.823   -5.416  6.927   1.00 45.57  ? 107  PRO A C   1 
ATOM   725  O  O   . PRO A 1 101 ? 2.043   -5.542  6.959   1.00 46.64  ? 107  PRO A O   1 
ATOM   726  C  CB  . PRO A 1 101 ? -0.992  -6.407  8.382   1.00 49.93  ? 107  PRO A CB  1 
ATOM   727  C  CG  . PRO A 1 101 ? -0.568  -7.393  9.467   1.00 48.84  ? 107  PRO A CG  1 
ATOM   728  C  CD  . PRO A 1 101 ? 0.837   -7.842  9.102   1.00 48.69  ? 107  PRO A CD  1 
ATOM   729  N  N   . ASP A 1 102 ? 0.173   -4.265  6.728   1.00 46.50  ? 108  ASP A N   1 
ATOM   730  C  CA  . ASP A 1 102 ? 0.834   -3.014  6.342   1.00 49.03  ? 108  ASP A CA  1 
ATOM   731  C  C   . ASP A 1 102 ? 1.077   -2.080  7.538   1.00 53.05  ? 108  ASP A C   1 
ATOM   732  O  O   . ASP A 1 102 ? 2.130   -1.442  7.602   1.00 49.20  ? 108  ASP A O   1 
ATOM   733  C  CB  . ASP A 1 102 ? -0.012  -2.282  5.307   1.00 46.51  ? 108  ASP A CB  1 
ATOM   734  C  CG  . ASP A 1 102 ? -0.001  -2.992  3.973   1.00 48.14  ? 108  ASP A CG  1 
ATOM   735  O  OD1 . ASP A 1 102 ? 1.093   -3.422  3.564   1.00 52.16  ? 108  ASP A OD1 1 
ATOM   736  O  OD2 . ASP A 1 102 ? -1.074  -3.105  3.359   1.00 46.39  ? 108  ASP A OD2 1 
ATOM   737  N  N   . LEU A 1 103 ? 0.066   -1.946  8.411   1.00 55.63  ? 109  LEU A N   1 
ATOM   738  C  CA  . LEU A 1 103 ? 0.055   -0.980  9.523   1.00 56.59  ? 109  LEU A CA  1 
ATOM   739  C  C   . LEU A 1 103 ? -0.565  -1.639  10.753  1.00 55.21  ? 109  LEU A C   1 
ATOM   740  O  O   . LEU A 1 103 ? -1.374  -2.560  10.635  1.00 56.64  ? 109  LEU A O   1 
ATOM   741  C  CB  . LEU A 1 103 ? -0.768  0.272   9.161   1.00 60.15  ? 109  LEU A CB  1 
ATOM   742  C  CG  . LEU A 1 103 ? -0.327  1.094   7.944   1.00 62.01  ? 109  LEU A CG  1 
ATOM   743  C  CD1 . LEU A 1 103 ? -1.321  2.194   7.608   1.00 59.99  ? 109  LEU A CD1 1 
ATOM   744  C  CD2 . LEU A 1 103 ? 1.038   1.711   8.156   1.00 65.78  ? 109  LEU A CD2 1 
ATOM   745  N  N   . TYR A 1 104 ? -0.202  -1.128  11.934  1.00 60.50  ? 110  TYR A N   1 
ATOM   746  C  CA  . TYR A 1 104 ? -0.970  -1.371  13.174  1.00 57.98  ? 110  TYR A CA  1 
ATOM   747  C  C   . TYR A 1 104 ? -1.568  -0.035  13.614  1.00 56.62  ? 110  TYR A C   1 
ATOM   748  O  O   . TYR A 1 104 ? -0.934  0.999   13.503  1.00 58.01  ? 110  TYR A O   1 
ATOM   749  C  CB  . TYR A 1 104 ? -0.107  -2.012  14.267  1.00 60.28  ? 110  TYR A CB  1 
ATOM   750  C  CG  . TYR A 1 104 ? -0.869  -2.315  15.534  1.00 65.25  ? 110  TYR A CG  1 
ATOM   751  C  CD1 . TYR A 1 104 ? -1.684  -3.427  15.636  1.00 69.19  ? 110  TYR A CD1 1 
ATOM   752  C  CD2 . TYR A 1 104 ? -0.825  -1.458  16.619  1.00 65.11  ? 110  TYR A CD2 1 
ATOM   753  C  CE1 . TYR A 1 104 ? -2.427  -3.684  16.779  1.00 71.43  ? 110  TYR A CE1 1 
ATOM   754  C  CE2 . TYR A 1 104 ? -1.555  -1.701  17.768  1.00 68.14  ? 110  TYR A CE2 1 
ATOM   755  C  CZ  . TYR A 1 104 ? -2.362  -2.820  17.857  1.00 69.95  ? 110  TYR A CZ  1 
ATOM   756  O  OH  . TYR A 1 104 ? -3.061  -3.074  19.011  1.00 72.90  ? 110  TYR A OH  1 
ATOM   757  N  N   . ASP A 1 105 ? -2.822  -0.070  14.055  1.00 56.16  ? 111  ASP A N   1 
ATOM   758  C  CA  . ASP A 1 105 ? -3.520  1.093   14.551  1.00 55.63  ? 111  ASP A CA  1 
ATOM   759  C  C   . ASP A 1 105 ? -3.551  0.955   16.075  1.00 61.11  ? 111  ASP A C   1 
ATOM   760  O  O   . ASP A 1 105 ? -4.213  0.057   16.604  1.00 56.10  ? 111  ASP A O   1 
ATOM   761  C  CB  . ASP A 1 105 ? -4.900  1.186   13.905  1.00 56.43  ? 111  ASP A CB  1 
ATOM   762  C  CG  . ASP A 1 105 ? -5.671  2.431   14.278  1.00 61.75  ? 111  ASP A CG  1 
ATOM   763  O  OD1 . ASP A 1 105 ? -5.370  3.006   15.343  1.00 58.84  ? 111  ASP A OD1 1 
ATOM   764  O  OD2 . ASP A 1 105 ? -6.572  2.808   13.501  1.00 65.78  ? 111  ASP A OD2 1 
ATOM   765  N  N   . TYR A 1 106 ? -2.760  1.801   16.753  1.00 63.83  ? 112  TYR A N   1 
ATOM   766  C  CA  . TYR A 1 106 ? -2.658  1.861   18.217  1.00 61.24  ? 112  TYR A CA  1 
ATOM   767  C  C   . TYR A 1 106 ? -3.950  2.424   18.859  1.00 64.36  ? 112  TYR A C   1 
ATOM   768  O  O   . TYR A 1 106 ? -4.252  2.142   20.023  1.00 72.81  ? 112  TYR A O   1 
ATOM   769  C  CB  . TYR A 1 106 ? -1.444  2.706   18.604  1.00 54.32  ? 112  TYR A CB  1 
ATOM   770  C  CG  . TYR A 1 106 ? -0.107  2.042   18.406  1.00 46.51  ? 112  TYR A CG  1 
ATOM   771  C  CD1 . TYR A 1 106 ? 0.264   0.929   19.152  1.00 44.45  ? 112  TYR A CD1 1 
ATOM   772  C  CD2 . TYR A 1 106 ? 0.819   2.561   17.524  1.00 49.73  ? 112  TYR A CD2 1 
ATOM   773  C  CE1 . TYR A 1 106 ? 1.494   0.322   18.993  1.00 40.86  ? 112  TYR A CE1 1 
ATOM   774  C  CE2 . TYR A 1 106 ? 2.061   1.968   17.352  1.00 50.75  ? 112  TYR A CE2 1 
ATOM   775  C  CZ  . TYR A 1 106 ? 2.395   0.837   18.077  1.00 46.30  ? 112  TYR A CZ  1 
ATOM   776  O  OH  . TYR A 1 106 ? 3.631   0.276   17.890  1.00 48.92  ? 112  TYR A OH  1 
ATOM   777  N  N   . LYS A 1 107 ? -4.714  3.231   18.121  1.00 59.47  ? 113  LYS A N   1 
ATOM   778  C  CA  . LYS A 1 107 ? -5.939  3.780   18.651  1.00 64.51  ? 113  LYS A CA  1 
ATOM   779  C  C   . LYS A 1 107 ? -7.050  2.732   18.650  1.00 69.32  ? 113  LYS A C   1 
ATOM   780  O  O   . LYS A 1 107 ? -7.665  2.513   19.679  1.00 80.81  ? 113  LYS A O   1 
ATOM   781  C  CB  . LYS A 1 107 ? -6.431  4.978   17.845  1.00 69.28  ? 113  LYS A CB  1 
ATOM   782  C  CG  . LYS A 1 107 ? -7.864  5.370   18.165  1.00 70.30  ? 113  LYS A CG  1 
ATOM   783  C  CD  . LYS A 1 107 ? -8.206  6.742   17.688  1.00 74.87  ? 113  LYS A CD  1 
ATOM   784  C  CE  . LYS A 1 107 ? -9.697  6.980   17.688  1.00 81.40  ? 113  LYS A CE  1 
ATOM   785  N  NZ  . LYS A 1 107 ? -10.001 8.396   17.380  1.00 84.92  ? 113  LYS A NZ  1 
ATOM   786  N  N   . GLU A 1 108 ? -7.326  2.143   17.475  1.00 73.32  ? 114  GLU A N   1 
ATOM   787  C  CA  . GLU A 1 108 ? -8.341  1.076   17.297  1.00 69.03  ? 114  GLU A CA  1 
ATOM   788  C  C   . GLU A 1 108 ? -7.737  -0.296  17.632  1.00 64.81  ? 114  GLU A C   1 
ATOM   789  O  O   . GLU A 1 108 ? -8.421  -1.309  17.656  1.00 60.62  ? 114  GLU A O   1 
ATOM   790  C  CB  . GLU A 1 108 ? -8.876  1.067   15.866  1.00 73.62  ? 114  GLU A CB  1 
ATOM   791  C  CG  . GLU A 1 108 ? -9.498  2.377   15.426  1.00 80.71  ? 114  GLU A CG  1 
ATOM   792  C  CD  . GLU A 1 108 ? -10.714 2.785   16.235  1.00 91.58  ? 114  GLU A CD  1 
ATOM   793  O  OE1 . GLU A 1 108 ? -11.529 1.895   16.559  1.00 95.33  ? 114  GLU A OE1 1 
ATOM   794  O  OE2 . GLU A 1 108 ? -10.826 3.989   16.563  1.00 101.98 ? 114  GLU A OE2 1 
ATOM   795  N  N   . ASN A 1 109 ? -6.428  -0.323  17.865  1.00 69.94  ? 115  ASN A N   1 
ATOM   796  C  CA  . ASN A 1 109 ? -5.754  -1.499  18.384  1.00 74.45  ? 115  ASN A CA  1 
ATOM   797  C  C   . ASN A 1 109 ? -6.010  -2.710  17.468  1.00 64.62  ? 115  ASN A C   1 
ATOM   798  O  O   . ASN A 1 109 ? -6.253  -3.803  17.952  1.00 64.72  ? 115  ASN A O   1 
ATOM   799  C  CB  . ASN A 1 109 ? -6.133  -1.706  19.853  1.00 71.78  ? 115  ASN A CB  1 
ATOM   800  C  CG  . ASN A 1 109 ? -5.408  -0.725  20.754  1.00 79.38  ? 115  ASN A CG  1 
ATOM   801  O  OD1 . ASN A 1 109 ? -4.240  -0.944  21.100  1.00 77.01  ? 115  ASN A OD1 1 
ATOM   802  N  ND2 . ASN A 1 109 ? -6.086  0.357   21.127  1.00 66.09  ? 115  ASN A ND2 1 
ATOM   803  N  N   . ARG A 1 110 ? -5.862  -2.505  16.151  1.00 63.73  ? 116  ARG A N   1 
ATOM   804  C  CA  . ARG A 1 110 ? -5.987  -3.564  15.104  1.00 58.92  ? 116  ARG A CA  1 
ATOM   805  C  C   . ARG A 1 110 ? -4.942  -3.364  14.000  1.00 55.87  ? 116  ARG A C   1 
ATOM   806  O  O   . ARG A 1 110 ? -4.517  -2.249  13.734  1.00 55.73  ? 116  ARG A O   1 
ATOM   807  C  CB  . ARG A 1 110 ? -7.377  -3.535  14.458  1.00 54.17  ? 116  ARG A CB  1 
ATOM   808  C  CG  . ARG A 1 110 ? -7.694  -2.265  13.679  1.00 50.21  ? 116  ARG A CG  1 
ATOM   809  C  CD  . ARG A 1 110 ? -9.181  -1.994  13.703  1.00 47.33  ? 116  ARG A CD  1 
ATOM   810  N  NE  . ARG A 1 110 ? -9.574  -0.864  12.877  1.00 50.67  ? 116  ARG A NE  1 
ATOM   811  C  CZ  . ARG A 1 110 ? -10.783 -0.287  12.902  1.00 52.27  ? 116  ARG A CZ  1 
ATOM   812  N  NH1 . ARG A 1 110 ? -11.706 -0.729  13.737  1.00 56.64  ? 116  ARG A NH1 1 
ATOM   813  N  NH2 . ARG A 1 110 ? -11.072 0.734   12.112  1.00 50.42  ? 116  ARG A NH2 1 
ATOM   814  N  N   . PHE A 1 111 ? -4.570  -4.464  13.337  1.00 58.26  ? 117  PHE A N   1 
ATOM   815  C  CA  . PHE A 1 111 ? -3.754  -4.434  12.131  1.00 50.69  ? 117  PHE A CA  1 
ATOM   816  C  C   . PHE A 1 111 ? -4.600  -3.939  10.950  1.00 57.73  ? 117  PHE A C   1 
ATOM   817  O  O   . PHE A 1 111 ? -5.834  -4.081  10.940  1.00 54.97  ? 117  PHE A O   1 
ATOM   818  C  CB  . PHE A 1 111 ? -3.155  -5.813  11.866  1.00 52.92  ? 117  PHE A CB  1 
ATOM   819  C  CG  . PHE A 1 111 ? -2.135  -6.242  12.893  1.00 54.35  ? 117  PHE A CG  1 
ATOM   820  C  CD1 . PHE A 1 111 ? -0.823  -5.807  12.814  1.00 52.63  ? 117  PHE A CD1 1 
ATOM   821  C  CD2 . PHE A 1 111 ? -2.502  -7.020  13.974  1.00 52.87  ? 117  PHE A CD2 1 
ATOM   822  C  CE1 . PHE A 1 111 ? 0.108   -6.173  13.770  1.00 54.36  ? 117  PHE A CE1 1 
ATOM   823  C  CE2 . PHE A 1 111 ? -1.566  -7.385  14.928  1.00 59.99  ? 117  PHE A CE2 1 
ATOM   824  C  CZ  . PHE A 1 111 ? -0.265  -6.958  14.827  1.00 60.53  ? 117  PHE A CZ  1 
ATOM   825  N  N   . ILE A 1 112 ? -3.922  -3.334  9.965   1.00 53.80  ? 118  ILE A N   1 
ATOM   826  C  CA  . ILE A 1 112 ? -4.555  -2.842  8.757   1.00 53.83  ? 118  ILE A CA  1 
ATOM   827  C  C   . ILE A 1 112 ? -3.830  -3.420  7.547   1.00 51.78  ? 118  ILE A C   1 
ATOM   828  O  O   . ILE A 1 112 ? -2.573  -3.407  7.520   1.00 44.94  ? 118  ILE A O   1 
ATOM   829  C  CB  . ILE A 1 112 ? -4.529  -1.306  8.684   1.00 57.64  ? 118  ILE A CB  1 
ATOM   830  C  CG1 . ILE A 1 112 ? -5.294  -0.679  9.851   1.00 64.84  ? 118  ILE A CG1 1 
ATOM   831  C  CG2 . ILE A 1 112 ? -5.030  -0.824  7.330   1.00 46.97  ? 118  ILE A CG2 1 
ATOM   832  C  CD1 . ILE A 1 112 ? -5.078  0.810   9.987   1.00 72.14  ? 118  ILE A CD1 1 
ATOM   833  N  N   . GLU A 1 113 ? -4.634  -3.874  6.565   1.00 47.80  ? 119  GLU A N   1 
ATOM   834  C  CA  . GLU A 1 113 ? -4.148  -4.231  5.255   1.00 43.69  ? 119  GLU A CA  1 
ATOM   835  C  C   . GLU A 1 113 ? -4.644  -3.168  4.287   1.00 43.08  ? 119  GLU A C   1 
ATOM   836  O  O   . GLU A 1 113 ? -5.841  -2.996  4.120   1.00 42.02  ? 119  GLU A O   1 
ATOM   837  C  CB  . GLU A 1 113 ? -4.614  -5.612  4.786   1.00 47.76  ? 119  GLU A CB  1 
ATOM   838  C  CG  . GLU A 1 113 ? -4.122  -5.981  3.389   1.00 45.33  ? 119  GLU A CG  1 
ATOM   839  C  CD  . GLU A 1 113 ? -2.608  -5.996  3.268   1.00 46.52  ? 119  GLU A CD  1 
ATOM   840  O  OE1 . GLU A 1 113 ? -1.959  -6.580  4.160   1.00 48.52  ? 119  GLU A OE1 1 
ATOM   841  O  OE2 . GLU A 1 113 ? -2.082  -5.417  2.309   1.00 42.49  ? 119  GLU A OE2 1 
ATOM   842  N  N   . ILE A 1 114 ? -3.678  -2.472  3.689   1.00 43.42  ? 120  ILE A N   1 
ATOM   843  C  CA  . ILE A 1 114 ? -3.886  -1.504  2.653   1.00 49.35  ? 120  ILE A CA  1 
ATOM   844  C  C   . ILE A 1 114 ? -3.845  -2.187  1.271   1.00 49.50  ? 120  ILE A C   1 
ATOM   845  O  O   . ILE A 1 114 ? -2.785  -2.769  0.878   1.00 45.55  ? 120  ILE A O   1 
ATOM   846  C  CB  . ILE A 1 114 ? -2.803  -0.405  2.712   1.00 49.84  ? 120  ILE A CB  1 
ATOM   847  C  CG1 . ILE A 1 114 ? -2.637  0.203   4.106   1.00 50.88  ? 120  ILE A CG1 1 
ATOM   848  C  CG2 . ILE A 1 114 ? -3.081  0.659   1.659   1.00 46.19  ? 120  ILE A CG2 1 
ATOM   849  C  CD1 . ILE A 1 114 ? -3.866  0.894   4.607   1.00 52.92  ? 120  ILE A CD1 1 
ATOM   850  N  N   . GLY A 1 115 ? -4.929  -1.998  0.499   1.00 43.47  ? 121  GLY A N   1 
ATOM   851  C  CA  . GLY A 1 115 ? -5.000  -2.396  -0.905  1.00 43.06  ? 121  GLY A CA  1 
ATOM   852  C  C   . GLY A 1 115 ? -5.101  -1.203  -1.842  1.00 43.67  ? 121  GLY A C   1 
ATOM   853  O  O   . GLY A 1 115 ? -5.776  -0.231  -1.542  1.00 46.48  ? 121  GLY A O   1 
ATOM   854  N  N   . VAL A 1 116 ? -4.450  -1.315  -3.007  1.00 46.65  ? 122  VAL A N   1 
ATOM   855  C  CA  . VAL A 1 116 ? -4.526  -0.324  -4.090  1.00 48.51  ? 122  VAL A CA  1 
ATOM   856  C  C   . VAL A 1 116 ? -4.727  -1.054  -5.430  1.00 48.17  ? 122  VAL A C   1 
ATOM   857  O  O   . VAL A 1 116 ? -3.892  -1.877  -5.822  1.00 42.37  ? 122  VAL A O   1 
ATOM   858  C  CB  . VAL A 1 116 ? -3.267  0.561   -4.123  1.00 49.93  ? 122  VAL A CB  1 
ATOM   859  C  CG1 . VAL A 1 116 ? -3.274  1.549   -5.289  1.00 47.25  ? 122  VAL A CG1 1 
ATOM   860  C  CG2 . VAL A 1 116 ? -3.063  1.266   -2.792  1.00 48.61  ? 122  VAL A CG2 1 
ATOM   861  N  N   . THR A 1 117 ? -5.796  -0.672  -6.144  1.00 46.18  ? 123  THR A N   1 
ATOM   862  C  CA  . THR A 1 117 ? -6.316  -1.417  -7.258  1.00 49.17  ? 123  THR A CA  1 
ATOM   863  C  C   . THR A 1 117 ? -6.657  -0.485  -8.428  1.00 47.87  ? 123  THR A C   1 
ATOM   864  O  O   . THR A 1 117 ? -7.236  0.607   -8.263  1.00 44.84  ? 123  THR A O   1 
ATOM   865  C  CB  . THR A 1 117 ? -7.546  -2.253  -6.840  1.00 53.69  ? 123  THR A CB  1 
ATOM   866  O  OG1 . THR A 1 117 ? -7.875  -3.152  -7.903  1.00 54.63  ? 123  THR A OG1 1 
ATOM   867  C  CG2 . THR A 1 117 ? -8.778  -1.429  -6.514  1.00 53.60  ? 123  THR A CG2 1 
ATOM   868  N  N   . ARG A 1 118 ? -6.401  -0.998  -9.632  1.00 48.33  ? 124  ARG A N   1 
ATOM   869  C  CA  . ARG A 1 118 ? -6.857  -0.377  -10.844 1.00 47.05  ? 124  ARG A CA  1 
ATOM   870  C  C   . ARG A 1 118 ? -8.214  -0.982  -11.235 1.00 46.27  ? 124  ARG A C   1 
ATOM   871  O  O   . ARG A 1 118 ? -8.869  -0.500  -12.148 1.00 52.82  ? 124  ARG A O   1 
ATOM   872  C  CB  . ARG A 1 118 ? -5.805  -0.410  -11.970 1.00 45.42  ? 124  ARG A CB  1 
ATOM   873  C  CG  . ARG A 1 118 ? -4.654  -1.385  -11.826 1.00 51.34  ? 124  ARG A CG  1 
ATOM   874  C  CD  . ARG A 1 118 ? -3.302  -0.793  -11.467 1.00 48.07  ? 124  ARG A CD  1 
ATOM   875  N  NE  . ARG A 1 118 ? -2.245  -1.663  -11.997 1.00 48.91  ? 124  ARG A NE  1 
ATOM   876  C  CZ  . ARG A 1 118 ? -1.597  -2.605  -11.321 1.00 46.82  ? 124  ARG A CZ  1 
ATOM   877  N  NH1 . ARG A 1 118 ? -1.837  -2.789  -10.040 1.00 38.86  ? 124  ARG A NH1 1 
ATOM   878  N  NH2 . ARG A 1 118 ? -0.663  -3.327  -11.921 1.00 57.97  ? 124  ARG A NH2 1 
ATOM   879  N  N   . ARG A 1 119 ? -8.690  -1.978  -10.490 1.00 52.48  ? 125  ARG A N   1 
ATOM   880  C  CA  . ARG A 1 119 ? -10.004 -2.603  -10.762 1.00 51.59  ? 125  ARG A CA  1 
ATOM   881  C  C   . ARG A 1 119 ? -11.071 -1.942  -9.887  1.00 56.22  ? 125  ARG A C   1 
ATOM   882  O  O   . ARG A 1 119 ? -10.891 -0.814  -9.438  1.00 66.28  ? 125  ARG A O   1 
ATOM   883  C  CB  . ARG A 1 119 ? -9.912  -4.109  -10.523 1.00 49.45  ? 125  ARG A CB  1 
ATOM   884  C  CG  . ARG A 1 119 ? -9.159  -4.856  -11.610 1.00 48.04  ? 125  ARG A CG  1 
ATOM   885  C  CD  . ARG A 1 119 ? -9.075  -6.323  -11.222 1.00 53.22  ? 125  ARG A CD  1 
ATOM   886  N  NE  . ARG A 1 119 ? -8.135  -6.555  -10.139 1.00 52.08  ? 125  ARG A NE  1 
ATOM   887  C  CZ  . ARG A 1 119 ? -8.134  -7.623  -9.356  1.00 55.97  ? 125  ARG A CZ  1 
ATOM   888  N  NH1 . ARG A 1 119 ? -9.026  -8.580  -9.537  1.00 62.42  ? 125  ARG A NH1 1 
ATOM   889  N  NH2 . ARG A 1 119 ? -7.242  -7.726  -8.385  1.00 61.70  ? 125  ARG A NH2 1 
ATOM   890  N  N   . GLU A 1 120 ? -12.203 -2.627  -9.716  1.00 62.33  ? 126  GLU A N   1 
ATOM   891  C  CA  . GLU A 1 120 ? -13.297 -2.178  -8.877  1.00 68.18  ? 126  GLU A CA  1 
ATOM   892  C  C   . GLU A 1 120 ? -12.929 -2.421  -7.414  1.00 62.74  ? 126  GLU A C   1 
ATOM   893  O  O   . GLU A 1 120 ? -12.405 -3.475  -7.046  1.00 57.68  ? 126  GLU A O   1 
ATOM   894  C  CB  . GLU A 1 120 ? -14.598 -2.914  -9.217  1.00 88.58  ? 126  GLU A CB  1 
ATOM   895  C  CG  . GLU A 1 120 ? -15.159 -2.607  -10.599 1.00 93.97  ? 126  GLU A CG  1 
ATOM   896  C  CD  . GLU A 1 120 ? -15.960 -1.317  -10.684 1.00 105.12 ? 126  GLU A CD  1 
ATOM   897  O  OE1 . GLU A 1 120 ? -16.482 -1.027  -11.777 1.00 111.65 ? 126  GLU A OE1 1 
ATOM   898  O  OE2 . GLU A 1 120 ? -16.066 -0.603  -9.657  1.00 117.46 ? 126  GLU A OE2 1 
ATOM   899  N  N   . VAL A 1 121 ? -13.238 -1.436  -6.572  1.00 58.45  ? 127  VAL A N   1 
ATOM   900  C  CA  . VAL A 1 121 ? -12.859 -1.517  -5.189  1.00 56.71  ? 127  VAL A CA  1 
ATOM   901  C  C   . VAL A 1 121 ? -13.458 -2.776  -4.541  1.00 53.85  ? 127  VAL A C   1 
ATOM   902  O  O   . VAL A 1 121 ? -12.726 -3.516  -3.896  1.00 50.62  ? 127  VAL A O   1 
ATOM   903  C  CB  . VAL A 1 121 ? -13.177 -0.208  -4.440  1.00 56.93  ? 127  VAL A CB  1 
ATOM   904  C  CG1 . VAL A 1 121 ? -12.252 0.903   -4.897  1.00 58.31  ? 127  VAL A CG1 1 
ATOM   905  C  CG2 . VAL A 1 121 ? -14.616 0.235   -4.585  1.00 60.17  ? 127  VAL A CG2 1 
ATOM   906  N  N   . HIS A 1 122 ? -14.756 -3.047  -4.739  1.00 56.36  ? 128  HIS A N   1 
ATOM   907  C  CA  . HIS A 1 122 ? -15.411 -4.235  -4.138  1.00 58.69  ? 128  HIS A CA  1 
ATOM   908  C  C   . HIS A 1 122 ? -14.727 -5.523  -4.612  1.00 52.88  ? 128  HIS A C   1 
ATOM   909  O  O   . HIS A 1 122 ? -14.509 -6.442  -3.830  1.00 48.54  ? 128  HIS A O   1 
ATOM   910  C  CB  . HIS A 1 122 ? -16.930 -4.267  -4.410  1.00 71.24  ? 128  HIS A CB  1 
ATOM   911  C  CG  . HIS A 1 122 ? -17.307 -4.532  -5.828  1.00 69.89  ? 128  HIS A CG  1 
ATOM   912  N  ND1 . HIS A 1 122 ? -17.340 -3.527  -6.788  1.00 86.29  ? 128  HIS A ND1 1 
ATOM   913  C  CD2 . HIS A 1 122 ? -17.648 -5.671  -6.458  1.00 65.02  ? 128  HIS A CD2 1 
ATOM   914  C  CE1 . HIS A 1 122 ? -17.689 -4.040  -7.952  1.00 77.64  ? 128  HIS A CE1 1 
ATOM   915  N  NE2 . HIS A 1 122 ? -17.867 -5.353  -7.775  1.00 77.12  ? 128  HIS A NE2 1 
ATOM   916  N  N   . ILE A 1 123 ? -14.371 -5.573  -5.893  1.00 54.57  ? 129  ILE A N   1 
ATOM   917  C  CA  . ILE A 1 123 ? -13.687 -6.732  -6.447  1.00 59.36  ? 129  ILE A CA  1 
ATOM   918  C  C   . ILE A 1 123 ? -12.444 -7.016  -5.602  1.00 52.61  ? 129  ILE A C   1 
ATOM   919  O  O   . ILE A 1 123 ? -12.314 -8.102  -5.045  1.00 58.66  ? 129  ILE A O   1 
ATOM   920  C  CB  . ILE A 1 123 ? -13.352 -6.532  -7.942  1.00 65.18  ? 129  ILE A CB  1 
ATOM   921  C  CG1 . ILE A 1 123 ? -14.596 -6.719  -8.823  1.00 73.95  ? 129  ILE A CG1 1 
ATOM   922  C  CG2 . ILE A 1 123 ? -12.209 -7.445  -8.359  1.00 62.19  ? 129  ILE A CG2 1 
ATOM   923  C  CD1 . ILE A 1 123 ? -14.415 -6.349  -10.292 1.00 83.18  ? 129  ILE A CD1 1 
ATOM   924  N  N   . TYR A 1 124 ? -11.565 -6.016  -5.472  1.00 54.17  ? 130  TYR A N   1 
ATOM   925  C  CA  . TYR A 1 124 ? -10.260 -6.215  -4.798  1.00 59.77  ? 130  TYR A CA  1 
ATOM   926  C  C   . TYR A 1 124 ? -10.475 -6.490  -3.301  1.00 54.24  ? 130  TYR A C   1 
ATOM   927  O  O   . TYR A 1 124 ? -9.807  -7.358  -2.725  1.00 53.22  ? 130  TYR A O   1 
ATOM   928  C  CB  . TYR A 1 124 ? -9.291  -5.055  -5.080  1.00 62.12  ? 130  TYR A CB  1 
ATOM   929  C  CG  . TYR A 1 124 ? -7.849  -5.344  -4.735  1.00 61.04  ? 130  TYR A CG  1 
ATOM   930  C  CD1 . TYR A 1 124 ? -7.234  -6.527  -5.118  1.00 67.95  ? 130  TYR A CD1 1 
ATOM   931  C  CD2 . TYR A 1 124 ? -7.089  -4.436  -4.024  1.00 66.45  ? 130  TYR A CD2 1 
ATOM   932  C  CE1 . TYR A 1 124 ? -5.907  -6.790  -4.816  1.00 69.78  ? 130  TYR A CE1 1 
ATOM   933  C  CE2 . TYR A 1 124 ? -5.762  -4.687  -3.703  1.00 70.81  ? 130  TYR A CE2 1 
ATOM   934  C  CZ  . TYR A 1 124 ? -5.166  -5.870  -4.095  1.00 68.48  ? 130  TYR A CZ  1 
ATOM   935  O  OH  . TYR A 1 124 ? -3.865  -6.118  -3.765  1.00 63.43  ? 130  TYR A OH  1 
ATOM   936  N  N   . TYR A 1 125 ? -11.440 -5.798  -2.689  1.00 49.53  ? 131  TYR A N   1 
ATOM   937  C  CA  . TYR A 1 125 ? -11.768 -6.050  -1.300  1.00 54.36  ? 131  TYR A CA  1 
ATOM   938  C  C   . TYR A 1 125 ? -12.009 -7.548  -1.057  1.00 57.20  ? 131  TYR A C   1 
ATOM   939  O  O   . TYR A 1 125 ? -11.501 -8.112  -0.086  1.00 54.35  ? 131  TYR A O   1 
ATOM   940  C  CB  . TYR A 1 125 ? -12.971 -5.225  -0.844  1.00 52.39  ? 131  TYR A CB  1 
ATOM   941  C  CG  . TYR A 1 125 ? -13.297 -5.429  0.610   1.00 56.57  ? 131  TYR A CG  1 
ATOM   942  C  CD1 . TYR A 1 125 ? -14.047 -6.523  1.021   1.00 62.97  ? 131  TYR A CD1 1 
ATOM   943  C  CD2 . TYR A 1 125 ? -12.837 -4.558  1.588   1.00 57.76  ? 131  TYR A CD2 1 
ATOM   944  C  CE1 . TYR A 1 125 ? -14.368 -6.731  2.358   1.00 58.56  ? 131  TYR A CE1 1 
ATOM   945  C  CE2 . TYR A 1 125 ? -13.129 -4.768  2.934   1.00 63.22  ? 131  TYR A CE2 1 
ATOM   946  C  CZ  . TYR A 1 125 ? -13.899 -5.856  3.318   1.00 58.96  ? 131  TYR A CZ  1 
ATOM   947  O  OH  . TYR A 1 125 ? -14.199 -6.091  4.627   1.00 64.47  ? 131  TYR A OH  1 
ATOM   948  N  N   . LEU A 1 126 ? -12.794 -8.192  -1.925  1.00 59.79  ? 132  LEU A N   1 
ATOM   949  C  CA  . LEU A 1 126 ? -13.113 -9.603  -1.728  1.00 57.62  ? 132  LEU A CA  1 
ATOM   950  C  C   . LEU A 1 126 ? -11.835 -10.439 -1.773  1.00 53.60  ? 132  LEU A C   1 
ATOM   951  O  O   . LEU A 1 126 ? -11.653 -11.301 -0.916  1.00 54.69  ? 132  LEU A O   1 
ATOM   952  C  CB  . LEU A 1 126 ? -14.087 -10.076 -2.806  1.00 59.22  ? 132  LEU A CB  1 
ATOM   953  C  CG  . LEU A 1 126 ? -15.485 -9.473  -2.759  1.00 54.97  ? 132  LEU A CG  1 
ATOM   954  C  CD1 . LEU A 1 126 ? -16.223 -9.828  -4.034  1.00 55.22  ? 132  LEU A CD1 1 
ATOM   955  C  CD2 . LEU A 1 126 ? -16.247 -9.940  -1.540  1.00 55.28  ? 132  LEU A CD2 1 
ATOM   956  N  N   . GLU A 1 127 ? -10.984 -10.192 -2.777  1.00 48.44  ? 133  GLU A N   1 
ATOM   957  C  CA  . GLU A 1 127 ? -9.715  -10.917 -2.926  1.00 52.30  ? 133  GLU A CA  1 
ATOM   958  C  C   . GLU A 1 127 ? -8.875  -10.859 -1.643  1.00 51.57  ? 133  GLU A C   1 
ATOM   959  O  O   . GLU A 1 127 ? -8.276  -11.879 -1.214  1.00 55.75  ? 133  GLU A O   1 
ATOM   960  C  CB  . GLU A 1 127 ? -8.852  -10.326 -4.032  1.00 58.87  ? 133  GLU A CB  1 
ATOM   961  C  CG  . GLU A 1 127 ? -9.356  -10.623 -5.423  1.00 64.48  ? 133  GLU A CG  1 
ATOM   962  C  CD  . GLU A 1 127 ? -8.282  -10.481 -6.483  1.00 71.86  ? 133  GLU A CD  1 
ATOM   963  O  OE1 . GLU A 1 127 ? -7.102  -10.309 -6.095  1.00 85.25  ? 133  GLU A OE1 1 
ATOM   964  O  OE2 . GLU A 1 127 ? -8.624  -10.540 -7.691  1.00 67.57  ? 133  GLU A OE2 1 
ATOM   965  N  N   . LYS A 1 128 ? -8.809  -9.667  -1.046  1.00 46.68  ? 134  LYS A N   1 
ATOM   966  C  CA  . LYS A 1 128 ? -8.096  -9.463  0.204   1.00 48.29  ? 134  LYS A CA  1 
ATOM   967  C  C   . LYS A 1 128 ? -8.781  -10.209 1.354   1.00 50.17  ? 134  LYS A C   1 
ATOM   968  O  O   . LYS A 1 128 ? -8.132  -10.941 2.096   1.00 50.15  ? 134  LYS A O   1 
ATOM   969  C  CB  . LYS A 1 128 ? -8.013  -7.969  0.526   1.00 52.76  ? 134  LYS A CB  1 
ATOM   970  C  CG  . LYS A 1 128 ? -6.928  -7.218  -0.237  1.00 54.95  ? 134  LYS A CG  1 
ATOM   971  C  CD  . LYS A 1 128 ? -5.566  -7.496  0.286   1.00 57.61  ? 134  LYS A CD  1 
ATOM   972  C  CE  . LYS A 1 128 ? -4.464  -6.916  -0.571  1.00 64.50  ? 134  LYS A CE  1 
ATOM   973  N  NZ  . LYS A 1 128 ? -3.148  -7.301  -0.006  1.00 66.34  ? 134  LYS A NZ  1 
ATOM   974  N  N   . ALA A 1 129 ? -10.087 -9.991  1.515   1.00 54.80  ? 135  ALA A N   1 
ATOM   975  C  CA  . ALA A 1 129 ? -10.829 -10.591 2.630   1.00 60.22  ? 135  ALA A CA  1 
ATOM   976  C  C   . ALA A 1 129 ? -10.677 -12.108 2.563   1.00 59.10  ? 135  ALA A C   1 
ATOM   977  O  O   . ALA A 1 129 ? -10.528 -12.768 3.597   1.00 65.89  ? 135  ALA A O   1 
ATOM   978  C  CB  . ALA A 1 129 ? -12.287 -10.183 2.613   1.00 58.85  ? 135  ALA A CB  1 
ATOM   979  N  N   . ASN A 1 130 ? -10.666 -12.627 1.332   1.00 57.15  ? 136  ASN A N   1 
ATOM   980  C  CA  . ASN A 1 130 ? -10.633 -14.036 1.122   1.00 57.51  ? 136  ASN A CA  1 
ATOM   981  C  C   . ASN A 1 130 ? -9.255  -14.561 1.504   1.00 51.96  ? 136  ASN A C   1 
ATOM   982  O  O   . ASN A 1 130 ? -9.159  -15.514 2.240   1.00 62.24  ? 136  ASN A O   1 
ATOM   983  C  CB  . ASN A 1 130 ? -11.010 -14.438 -0.302  1.00 63.03  ? 136  ASN A CB  1 
ATOM   984  C  CG  . ASN A 1 130 ? -11.059 -15.946 -0.428  1.00 64.32  ? 136  ASN A CG  1 
ATOM   985  O  OD1 . ASN A 1 130 ? -10.391 -16.516 -1.272  1.00 57.16  ? 136  ASN A OD1 1 
ATOM   986  N  ND2 . ASN A 1 130 ? -11.806 -16.602 0.446   1.00 65.65  ? 136  ASN A ND2 1 
ATOM   987  N  N   . LYS A 1 131 ? -8.203  -13.870 1.069   1.00 58.38  ? 137  LYS A N   1 
ATOM   988  C  CA  . LYS A 1 131 ? -6.836  -14.300 1.341   1.00 59.06  ? 137  LYS A CA  1 
ATOM   989  C  C   . LYS A 1 131 ? -6.533  -14.297 2.843   1.00 58.16  ? 137  LYS A C   1 
ATOM   990  O  O   . LYS A 1 131 ? -5.586  -14.958 3.225   1.00 59.95  ? 137  LYS A O   1 
ATOM   991  C  CB  . LYS A 1 131 ? -5.809  -13.422 0.623   1.00 63.44  ? 137  LYS A CB  1 
ATOM   992  C  CG  . LYS A 1 131 ? -4.366  -13.873 0.807   1.00 67.35  ? 137  LYS A CG  1 
ATOM   993  C  CD  . LYS A 1 131 ? -3.505  -13.655 -0.425  1.00 86.17  ? 137  LYS A CD  1 
ATOM   994  C  CE  . LYS A 1 131 ? -2.022  -13.903 -0.200  1.00 95.63  ? 137  LYS A CE  1 
ATOM   995  N  NZ  . LYS A 1 131 ? -1.209  -13.488 -1.374  1.00 100.42 ? 137  LYS A NZ  1 
ATOM   996  N  N   . ILE A 1 132 ? -7.307  -13.572 3.673   1.00 60.04  ? 138  ILE A N   1 
ATOM   997  C  CA  . ILE A 1 132 ? -7.071  -13.540 5.145   1.00 67.45  ? 138  ILE A CA  1 
ATOM   998  C  C   . ILE A 1 132 ? -8.394  -13.725 5.913   1.00 69.52  ? 138  ILE A C   1 
ATOM   999  O  O   . ILE A 1 132 ? -8.397  -14.014 7.109   1.00 65.26  ? 138  ILE A O   1 
ATOM   1000 C  CB  . ILE A 1 132 ? -6.345  -12.227 5.514   1.00 74.03  ? 138  ILE A CB  1 
ATOM   1001 C  CG1 . ILE A 1 132 ? -7.293  -11.022 5.537   1.00 78.30  ? 138  ILE A CG1 1 
ATOM   1002 C  CG2 . ILE A 1 132 ? -5.146  -11.989 4.591   1.00 69.01  ? 138  ILE A CG2 1 
ATOM   1003 C  CD1 . ILE A 1 132 ? -6.634  -9.686  5.233   1.00 72.20  ? 138  ILE A CD1 1 
ATOM   1004 N  N   . GLU A 1 135 ? -7.970  -13.930 9.668   1.00 85.46  ? 141  GLU A N   1 
ATOM   1005 C  CA  . GLU A 1 135 ? -7.459  -12.929 10.631  1.00 93.01  ? 141  GLU A CA  1 
ATOM   1006 C  C   . GLU A 1 135 ? -8.556  -11.900 10.918  1.00 81.22  ? 141  GLU A C   1 
ATOM   1007 O  O   . GLU A 1 135 ? -9.477  -11.802 10.125  1.00 74.48  ? 141  GLU A O   1 
ATOM   1008 C  CB  . GLU A 1 135 ? -6.254  -12.173 10.061  1.00 105.52 ? 141  GLU A CB  1 
ATOM   1009 C  CG  . GLU A 1 135 ? -5.173  -13.041 9.421   1.00 112.12 ? 141  GLU A CG  1 
ATOM   1010 C  CD  . GLU A 1 135 ? -4.021  -12.275 8.767   1.00 117.51 ? 141  GLU A CD  1 
ATOM   1011 O  OE1 . GLU A 1 135 ? -3.184  -12.923 8.078   1.00 104.76 ? 141  GLU A OE1 1 
ATOM   1012 O  OE2 . GLU A 1 135 ? -3.951  -11.026 8.938   1.00 115.10 ? 141  GLU A OE2 1 
ATOM   1013 N  N   . LYS A 1 136 ? -8.424  -11.103 11.999  1.00 79.85  ? 142  LYS A N   1 
ATOM   1014 C  CA  . LYS A 1 136 ? -9.320  -9.912  12.193  1.00 78.38  ? 142  LYS A CA  1 
ATOM   1015 C  C   . LYS A 1 136 ? -8.569  -8.604  11.895  1.00 74.63  ? 142  LYS A C   1 
ATOM   1016 O  O   . LYS A 1 136 ? -8.660  -7.615  12.627  1.00 71.94  ? 142  LYS A O   1 
ATOM   1017 C  CB  . LYS A 1 136 ? -10.034 -9.911  13.548  1.00 82.07  ? 142  LYS A CB  1 
ATOM   1018 C  CG  . LYS A 1 136 ? -11.516 -10.300 13.474  1.00 90.82  ? 142  LYS A CG  1 
ATOM   1019 C  CD  . LYS A 1 136 ? -12.363 -9.545  12.421  1.00 89.21  ? 142  LYS A CD  1 
ATOM   1020 C  CE  . LYS A 1 136 ? -12.353 -10.117 11.011  1.00 87.82  ? 142  LYS A CE  1 
ATOM   1021 N  NZ  . LYS A 1 136 ? -12.750 -11.548 10.965  1.00 85.52  ? 142  LYS A NZ  1 
ATOM   1022 N  N   . THR A 1 137 ? -7.908  -8.607  10.734  1.00 64.87  ? 143  THR A N   1 
ATOM   1023 C  CA  . THR A 1 137 ? -7.228  -7.488  10.171  1.00 62.19  ? 143  THR A CA  1 
ATOM   1024 C  C   . THR A 1 137 ? -8.237  -6.577  9.459   1.00 62.85  ? 143  THR A C   1 
ATOM   1025 O  O   . THR A 1 137 ? -9.117  -7.030  8.747   1.00 66.15  ? 143  THR A O   1 
ATOM   1026 C  CB  . THR A 1 137 ? -6.122  -8.015  9.253   1.00 63.07  ? 143  THR A CB  1 
ATOM   1027 O  OG1 . THR A 1 137 ? -5.290  -8.816  10.091  1.00 72.14  ? 143  THR A OG1 1 
ATOM   1028 C  CG2 . THR A 1 137 ? -5.310  -6.938  8.571   1.00 63.12  ? 143  THR A CG2 1 
ATOM   1029 N  N   . HIS A 1 138 ? -8.083  -5.268  9.653   1.00 58.94  ? 144  HIS A N   1 
ATOM   1030 C  CA  . HIS A 1 138 ? -8.912  -4.301  8.998   1.00 53.45  ? 144  HIS A CA  1 
ATOM   1031 C  C   . HIS A 1 138 ? -8.370  -4.077  7.579   1.00 54.41  ? 144  HIS A C   1 
ATOM   1032 O  O   . HIS A 1 138 ? -7.141  -4.094  7.359   1.00 52.02  ? 144  HIS A O   1 
ATOM   1033 C  CB  . HIS A 1 138 ? -8.961  -3.025  9.845   1.00 56.06  ? 144  HIS A CB  1 
ATOM   1034 C  CG  . HIS A 1 138 ? -10.158 -2.167  9.625   1.00 52.53  ? 144  HIS A CG  1 
ATOM   1035 N  ND1 . HIS A 1 138 ? -11.252 -2.218  10.456  1.00 55.42  ? 144  HIS A ND1 1 
ATOM   1036 C  CD2 . HIS A 1 138 ? -10.419 -1.213  8.705   1.00 53.87  ? 144  HIS A CD2 1 
ATOM   1037 C  CE1 . HIS A 1 138 ? -12.164 -1.363  10.026  1.00 62.53  ? 144  HIS A CE1 1 
ATOM   1038 N  NE2 . HIS A 1 138 ? -11.680 -0.736  8.941   1.00 55.10  ? 144  HIS A NE2 1 
ATOM   1039 N  N   . ILE A 1 139 ? -9.294  -3.833  6.638   1.00 47.27  ? 145  ILE A N   1 
ATOM   1040 C  CA  . ILE A 1 139 ? -8.983  -3.715  5.229   1.00 42.79  ? 145  ILE A CA  1 
ATOM   1041 C  C   . ILE A 1 139 ? -9.457  -2.359  4.715   1.00 43.39  ? 145  ILE A C   1 
ATOM   1042 O  O   . ILE A 1 139 ? -10.560 -1.947  4.977   1.00 39.74  ? 145  ILE A O   1 
ATOM   1043 C  CB  . ILE A 1 139 ? -9.581  -4.845  4.388   1.00 43.68  ? 145  ILE A CB  1 
ATOM   1044 C  CG1 . ILE A 1 139 ? -9.054  -6.214  4.839   1.00 52.47  ? 145  ILE A CG1 1 
ATOM   1045 C  CG2 . ILE A 1 139 ? -9.296  -4.589  2.927   1.00 43.74  ? 145  ILE A CG2 1 
ATOM   1046 C  CD1 . ILE A 1 139 ? -9.636  -7.413  4.084   1.00 49.88  ? 145  ILE A CD1 1 
ATOM   1047 N  N   . HIS A 1 140 ? -8.581  -1.714  3.937   1.00 42.39  ? 146  HIS A N   1 
ATOM   1048 C  CA  . HIS A 1 140 ? -8.824  -0.470  3.341   1.00 41.29  ? 146  HIS A CA  1 
ATOM   1049 C  C   . HIS A 1 140 ? -8.249  -0.536  1.927   1.00 43.79  ? 146  HIS A C   1 
ATOM   1050 O  O   . HIS A 1 140 ? -7.068  -0.827  1.711   1.00 44.05  ? 146  HIS A O   1 
ATOM   1051 C  CB  . HIS A 1 140 ? -8.217  0.647   4.210   1.00 45.28  ? 146  HIS A CB  1 
ATOM   1052 C  CG  . HIS A 1 140 ? -8.829  1.990   3.977   1.00 44.81  ? 146  HIS A CG  1 
ATOM   1053 N  ND1 . HIS A 1 140 ? -8.978  2.924   4.993   1.00 44.32  ? 146  HIS A ND1 1 
ATOM   1054 C  CD2 . HIS A 1 140 ? -9.355  2.544   2.858   1.00 41.56  ? 146  HIS A CD2 1 
ATOM   1055 C  CE1 . HIS A 1 140 ? -9.547  4.007   4.497   1.00 45.43  ? 146  HIS A CE1 1 
ATOM   1056 N  NE2 . HIS A 1 140 ? -9.777  3.807   3.178   1.00 42.03  ? 146  HIS A NE2 1 
ATOM   1057 N  N   . ILE A 1 141 ? -9.115  -0.254  0.964   1.00 43.44  ? 147  ILE A N   1 
ATOM   1058 C  CA  . ILE A 1 141 ? -8.829  -0.399  -0.421  1.00 42.62  ? 147  ILE A CA  1 
ATOM   1059 C  C   . ILE A 1 141 ? -8.968  0.983   -1.053  1.00 48.85  ? 147  ILE A C   1 
ATOM   1060 O  O   . ILE A 1 141 ? -10.036 1.655   -0.881  1.00 42.10  ? 147  ILE A O   1 
ATOM   1061 C  CB  . ILE A 1 141 ? -9.819  -1.383  -1.062  1.00 44.20  ? 147  ILE A CB  1 
ATOM   1062 C  CG1 . ILE A 1 141 ? -9.844  -2.728  -0.332  1.00 42.48  ? 147  ILE A CG1 1 
ATOM   1063 C  CG2 . ILE A 1 141 ? -9.552  -1.529  -2.550  1.00 45.31  ? 147  ILE A CG2 1 
ATOM   1064 C  CD1 . ILE A 1 141 ? -8.557  -3.490  -0.391  1.00 44.82  ? 147  ILE A CD1 1 
ATOM   1065 N  N   . PHE A 1 142 ? -7.921  1.382   -1.795  1.00 42.64  ? 148  PHE A N   1 
ATOM   1066 C  CA  . PHE A 1 142 ? -7.969  2.585   -2.595  1.00 44.51  ? 148  PHE A CA  1 
ATOM   1067 C  C   . PHE A 1 142 ? -7.873  2.202   -4.070  1.00 41.71  ? 148  PHE A C   1 
ATOM   1068 O  O   . PHE A 1 142 ? -7.270  1.196   -4.418  1.00 48.25  ? 148  PHE A O   1 
ATOM   1069 C  CB  . PHE A 1 142 ? -6.880  3.586   -2.200  1.00 42.23  ? 148  PHE A CB  1 
ATOM   1070 C  CG  . PHE A 1 142 ? -6.934  4.036   -0.758  1.00 46.21  ? 148  PHE A CG  1 
ATOM   1071 C  CD1 . PHE A 1 142 ? -7.622  5.182   -0.392  1.00 47.26  ? 148  PHE A CD1 1 
ATOM   1072 C  CD2 . PHE A 1 142 ? -6.230  3.360   0.222   1.00 43.21  ? 148  PHE A CD2 1 
ATOM   1073 C  CE1 . PHE A 1 142 ? -7.621  5.622   0.919   1.00 44.49  ? 148  PHE A CE1 1 
ATOM   1074 C  CE2 . PHE A 1 142 ? -6.251  3.790   1.530   1.00 43.21  ? 148  PHE A CE2 1 
ATOM   1075 C  CZ  . PHE A 1 142 ? -6.945  4.914   1.874   1.00 45.31  ? 148  PHE A CZ  1 
ATOM   1076 N  N   . SER A 1 143 ? -8.520  3.009   -4.910  1.00 38.30  ? 149  SER A N   1 
ATOM   1077 C  CA  . SER A 1 143 ? -8.497  2.841   -6.330  1.00 42.29  ? 149  SER A CA  1 
ATOM   1078 C  C   . SER A 1 143 ? -7.882  4.110   -6.903  1.00 41.50  ? 149  SER A C   1 
ATOM   1079 O  O   . SER A 1 143 ? -7.654  5.005   -6.169  1.00 42.03  ? 149  SER A O   1 
ATOM   1080 C  CB  . SER A 1 143 ? -9.876  2.599   -6.861  1.00 40.53  ? 149  SER A CB  1 
ATOM   1081 O  OG  . SER A 1 143 ? -10.548 3.834   -6.977  1.00 38.74  ? 149  SER A OG  1 
ATOM   1082 N  N   . PHE A 1 144 ? -7.629  4.161   -8.209  1.00 48.98  ? 150  PHE A N   1 
ATOM   1083 C  CA  . PHE A 1 144 ? -7.113  5.382   -8.818  1.00 49.38  ? 150  PHE A CA  1 
ATOM   1084 C  C   . PHE A 1 144 ? -8.283  6.250   -9.292  1.00 49.06  ? 150  PHE A C   1 
ATOM   1085 O  O   . PHE A 1 144 ? -8.099  7.079   -10.161 1.00 51.75  ? 150  PHE A O   1 
ATOM   1086 C  CB  . PHE A 1 144 ? -6.153  5.050   -9.964  1.00 48.90  ? 150  PHE A CB  1 
ATOM   1087 C  CG  . PHE A 1 144 ? -4.954  4.236   -9.551  1.00 44.44  ? 150  PHE A CG  1 
ATOM   1088 C  CD1 . PHE A 1 144 ? -5.098  2.911   -9.169  1.00 38.71  ? 150  PHE A CD1 1 
ATOM   1089 C  CD2 . PHE A 1 144 ? -3.686  4.813   -9.523  1.00 39.45  ? 150  PHE A CD2 1 
ATOM   1090 C  CE1 . PHE A 1 144 ? -3.992  2.167   -8.794  1.00 41.97  ? 150  PHE A CE1 1 
ATOM   1091 C  CE2 . PHE A 1 144 ? -2.585  4.081   -9.117  1.00 37.42  ? 150  PHE A CE2 1 
ATOM   1092 C  CZ  . PHE A 1 144 ? -2.739  2.759   -8.754  1.00 45.90  ? 150  PHE A CZ  1 
ATOM   1093 N  N   . THR A 1 145 ? -9.478  6.046   -8.728  1.00 50.49  ? 151  THR A N   1 
ATOM   1094 C  CA  . THR A 1 145 ? -10.682 6.755   -9.211  1.00 55.90  ? 151  THR A CA  1 
ATOM   1095 C  C   . THR A 1 145 ? -11.285 7.616   -8.098  1.00 55.01  ? 151  THR A C   1 
ATOM   1096 O  O   . THR A 1 145 ? -12.296 8.254   -8.326  1.00 57.06  ? 151  THR A O   1 
ATOM   1097 C  CB  . THR A 1 145 ? -11.792 5.825   -9.756  1.00 50.04  ? 151  THR A CB  1 
ATOM   1098 O  OG1 . THR A 1 145 ? -12.250 4.937   -8.740  1.00 49.52  ? 151  THR A OG1 1 
ATOM   1099 C  CG2 . THR A 1 145 ? -11.383 5.016   -10.966 1.00 47.92  ? 151  THR A CG2 1 
ATOM   1100 N  N   . GLY A 1 146 ? -10.684 7.619   -6.906  1.00 57.86  ? 152  GLY A N   1 
ATOM   1101 C  CA  . GLY A 1 146 ? -11.238 8.355   -5.774  1.00 58.74  ? 152  GLY A CA  1 
ATOM   1102 C  C   . GLY A 1 146 ? -12.210 7.521   -4.954  1.00 57.42  ? 152  GLY A C   1 
ATOM   1103 O  O   . GLY A 1 146 ? -12.887 8.037   -4.053  1.00 56.57  ? 152  GLY A O   1 
ATOM   1104 N  N   . GLU A 1 147 ? -12.258 6.221   -5.244  1.00 59.23  ? 153  GLU A N   1 
ATOM   1105 C  CA  . GLU A 1 147 ? -13.134 5.297   -4.542  1.00 61.63  ? 153  GLU A CA  1 
ATOM   1106 C  C   . GLU A 1 147 ? -12.307 4.471   -3.552  1.00 61.79  ? 153  GLU A C   1 
ATOM   1107 O  O   . GLU A 1 147 ? -11.100 4.223   -3.752  1.00 59.15  ? 153  GLU A O   1 
ATOM   1108 C  CB  . GLU A 1 147 ? -13.879 4.409   -5.531  1.00 66.28  ? 153  GLU A CB  1 
ATOM   1109 C  CG  . GLU A 1 147 ? -15.125 5.053   -6.094  1.00 74.44  ? 153  GLU A CG  1 
ATOM   1110 C  CD  . GLU A 1 147 ? -15.741 4.198   -7.183  1.00 89.57  ? 153  GLU A CD  1 
ATOM   1111 O  OE1 . GLU A 1 147 ? -15.027 3.938   -8.174  1.00 89.77  ? 153  GLU A OE1 1 
ATOM   1112 O  OE2 . GLU A 1 147 ? -16.909 3.750   -7.014  1.00 105.59 ? 153  GLU A OE2 1 
ATOM   1113 N  N   . GLU A 1 148 ? -12.971 4.069   -2.467  1.00 55.37  ? 154  GLU A N   1 
ATOM   1114 C  CA  . GLU A 1 148 ? -12.326 3.364   -1.405  1.00 57.39  ? 154  GLU A CA  1 
ATOM   1115 C  C   . GLU A 1 148 ? -13.354 2.411   -0.781  1.00 56.70  ? 154  GLU A C   1 
ATOM   1116 O  O   . GLU A 1 148 ? -14.544 2.567   -0.978  1.00 53.18  ? 154  GLU A O   1 
ATOM   1117 C  CB  . GLU A 1 148 ? -11.686 4.350   -0.414  1.00 58.44  ? 154  GLU A CB  1 
ATOM   1118 C  CG  . GLU A 1 148 ? -12.639 5.366   0.209   1.00 56.62  ? 154  GLU A CG  1 
ATOM   1119 C  CD  . GLU A 1 148 ? -12.093 6.200   1.372   1.00 57.93  ? 154  GLU A CD  1 
ATOM   1120 O  OE1 . GLU A 1 148 ? -11.034 5.838   1.966   1.00 59.75  ? 154  GLU A OE1 1 
ATOM   1121 O  OE2 . GLU A 1 148 ? -12.722 7.220   1.692   1.00 49.77  ? 154  GLU A OE2 1 
ATOM   1122 N  N   . MET A 1 149 ? -12.860 1.365   -0.116  1.00 52.74  ? 155  MET A N   1 
ATOM   1123 C  CA  . MET A 1 149 ? -13.718 0.440   0.586   1.00 53.89  ? 155  MET A CA  1 
ATOM   1124 C  C   . MET A 1 149 ? -12.926 -0.120  1.765   1.00 48.54  ? 155  MET A C   1 
ATOM   1125 O  O   . MET A 1 149 ? -11.771 -0.441  1.614   1.00 50.53  ? 155  MET A O   1 
ATOM   1126 C  CB  . MET A 1 149 ? -14.220 -0.714  -0.292  1.00 51.87  ? 155  MET A CB  1 
ATOM   1127 C  CG  . MET A 1 149 ? -15.192 -1.596  0.459   1.00 54.40  ? 155  MET A CG  1 
ATOM   1128 S  SD  . MET A 1 149 ? -16.005 -2.871  -0.517  1.00 68.35  ? 155  MET A SD  1 
ATOM   1129 C  CE  . MET A 1 149 ? -17.174 -1.836  -1.407  1.00 73.89  ? 155  MET A CE  1 
ATOM   1130 N  N   . ALA A 1 150 ? -13.583 -0.218  2.921   1.00 50.11  ? 156  ALA A N   1 
ATOM   1131 C  CA  . ALA A 1 150 ? -12.950 -0.613  4.157   1.00 51.14  ? 156  ALA A CA  1 
ATOM   1132 C  C   . ALA A 1 150 ? -13.939 -1.440  4.979   1.00 53.01  ? 156  ALA A C   1 
ATOM   1133 O  O   . ALA A 1 150 ? -15.148 -1.183  4.917   1.00 54.37  ? 156  ALA A O   1 
ATOM   1134 C  CB  . ALA A 1 150 ? -12.520 0.633   4.888   1.00 56.95  ? 156  ALA A CB  1 
ATOM   1135 N  N   . THR A 1 151 ? -13.423 -2.387  5.772   1.00 54.59  ? 157  THR A N   1 
ATOM   1136 C  CA  . THR A 1 151 ? -14.289 -3.317  6.486   1.00 57.83  ? 157  THR A CA  1 
ATOM   1137 C  C   . THR A 1 151 ? -15.217 -2.523  7.424   1.00 58.16  ? 157  THR A C   1 
ATOM   1138 O  O   . THR A 1 151 ? -14.823 -1.467  7.971   1.00 54.76  ? 157  THR A O   1 
ATOM   1139 C  CB  . THR A 1 151 ? -13.524 -4.406  7.245   1.00 57.52  ? 157  THR A CB  1 
ATOM   1140 O  OG1 . THR A 1 151 ? -13.211 -3.891  8.530   1.00 65.78  ? 157  THR A OG1 1 
ATOM   1141 C  CG2 . THR A 1 151 ? -12.247 -4.853  6.579   1.00 56.94  ? 157  THR A CG2 1 
ATOM   1142 N  N   . LYS A 1 152 ? -16.449 -3.050  7.576   1.00 61.23  ? 158  LYS A N   1 
ATOM   1143 C  CA  . LYS A 1 152 ? -17.562 -2.439  8.311   1.00 61.33  ? 158  LYS A CA  1 
ATOM   1144 C  C   . LYS A 1 152 ? -17.645 -0.948  7.975   1.00 66.22  ? 158  LYS A C   1 
ATOM   1145 O  O   . LYS A 1 152 ? -18.192 -0.191  8.759   1.00 68.58  ? 158  LYS A O   1 
ATOM   1146 C  CB  . LYS A 1 152 ? -17.418 -2.645  9.821   1.00 62.67  ? 158  LYS A CB  1 
ATOM   1147 C  CG  . LYS A 1 152 ? -17.562 -4.090  10.266  1.00 69.49  ? 158  LYS A CG  1 
ATOM   1148 C  CD  . LYS A 1 152 ? -16.663 -4.485  11.426  1.00 77.21  ? 158  LYS A CD  1 
ATOM   1149 C  CE  . LYS A 1 152 ? -16.555 -5.991  11.585  1.00 83.95  ? 158  LYS A CE  1 
ATOM   1150 N  NZ  . LYS A 1 152 ? -15.974 -6.383  12.888  1.00 83.95  ? 158  LYS A NZ  1 
ATOM   1151 N  N   . ALA A 1 153 ? -17.108 -0.555  6.805   1.00 64.94  ? 159  ALA A N   1 
ATOM   1152 C  CA  . ALA A 1 153 ? -17.144 0.825   6.289   1.00 63.48  ? 159  ALA A CA  1 
ATOM   1153 C  C   . ALA A 1 153 ? -16.468 1.803   7.254   1.00 61.22  ? 159  ALA A C   1 
ATOM   1154 O  O   . ALA A 1 153 ? -16.701 3.000   7.146   1.00 60.67  ? 159  ALA A O   1 
ATOM   1155 C  CB  . ALA A 1 153 ? -18.570 1.250   6.020   1.00 59.99  ? 159  ALA A CB  1 
ATOM   1156 N  N   . ASP A 1 154 ? -15.639 1.292   8.170   1.00 55.99  ? 160  ASP A N   1 
ATOM   1157 C  CA  . ASP A 1 154 ? -14.888 2.126   9.070   1.00 56.28  ? 160  ASP A CA  1 
ATOM   1158 C  C   . ASP A 1 154 ? -13.591 2.516   8.348   1.00 54.62  ? 160  ASP A C   1 
ATOM   1159 O  O   . ASP A 1 154 ? -12.690 1.713   8.170   1.00 53.99  ? 160  ASP A O   1 
ATOM   1160 C  CB  . ASP A 1 154 ? -14.640 1.417   10.403  1.00 59.21  ? 160  ASP A CB  1 
ATOM   1161 C  CG  . ASP A 1 154 ? -13.678 2.155   11.324  1.00 60.09  ? 160  ASP A CG  1 
ATOM   1162 O  OD1 . ASP A 1 154 ? -13.173 3.227   10.928  1.00 65.25  ? 160  ASP A OD1 1 
ATOM   1163 O  OD2 . ASP A 1 154 ? -13.440 1.654   12.429  1.00 65.29  ? 160  ASP A OD2 1 
ATOM   1164 N  N   . TYR A 1 155 ? -13.506 3.778   7.951   1.00 54.93  ? 161  TYR A N   1 
ATOM   1165 C  CA  . TYR A 1 155 ? -12.429 4.258   7.101   1.00 60.47  ? 161  TYR A CA  1 
ATOM   1166 C  C   . TYR A 1 155 ? -11.211 4.732   7.918   1.00 54.78  ? 161  TYR A C   1 
ATOM   1167 O  O   . TYR A 1 155 ? -10.276 5.273   7.330   1.00 56.00  ? 161  TYR A O   1 
ATOM   1168 C  CB  . TYR A 1 155 ? -12.994 5.335   6.167   1.00 60.85  ? 161  TYR A CB  1 
ATOM   1169 C  CG  . TYR A 1 155 ? -13.938 4.774   5.138   1.00 64.19  ? 161  TYR A CG  1 
ATOM   1170 C  CD1 . TYR A 1 155 ? -13.446 4.088   4.036   1.00 67.05  ? 161  TYR A CD1 1 
ATOM   1171 C  CD2 . TYR A 1 155 ? -15.316 4.870   5.279   1.00 61.51  ? 161  TYR A CD2 1 
ATOM   1172 C  CE1 . TYR A 1 155 ? -14.290 3.539   3.082   1.00 67.02  ? 161  TYR A CE1 1 
ATOM   1173 C  CE2 . TYR A 1 155 ? -16.174 4.327   4.333   1.00 63.34  ? 161  TYR A CE2 1 
ATOM   1174 C  CZ  . TYR A 1 155 ? -15.659 3.665   3.226   1.00 65.16  ? 161  TYR A CZ  1 
ATOM   1175 O  OH  . TYR A 1 155 ? -16.466 3.117   2.275   1.00 61.32  ? 161  TYR A OH  1 
ATOM   1176 N  N   . THR A 1 156 ? -11.231 4.556   9.249   1.00 54.33  ? 162  THR A N   1 
ATOM   1177 C  CA  . THR A 1 156 ? -10.071 4.765   10.125  1.00 56.33  ? 162  THR A CA  1 
ATOM   1178 C  C   . THR A 1 156 ? -9.653  6.251   10.201  1.00 57.93  ? 162  THR A C   1 
ATOM   1179 O  O   . THR A 1 156 ? -9.477  6.760   11.284  1.00 59.84  ? 162  THR A O   1 
ATOM   1180 C  CB  . THR A 1 156 ? -8.888  3.895   9.674   1.00 59.06  ? 162  THR A CB  1 
ATOM   1181 O  OG1 . THR A 1 156 ? -9.273  2.520   9.682   1.00 58.41  ? 162  THR A OG1 1 
ATOM   1182 C  CG2 . THR A 1 156 ? -7.663  4.058   10.549  1.00 61.50  ? 162  THR A CG2 1 
ATOM   1183 N  N   . LEU A 1 157 ? -9.415  6.909   9.056   1.00 58.11  ? 163  LEU A N   1 
ATOM   1184 C  CA  . LEU A 1 157 ? -8.835  8.264   8.969   1.00 56.06  ? 163  LEU A CA  1 
ATOM   1185 C  C   . LEU A 1 157 ? -9.924  9.320   8.791   1.00 50.28  ? 163  LEU A C   1 
ATOM   1186 O  O   . LEU A 1 157 ? -11.053 9.006   8.435   1.00 46.76  ? 163  LEU A O   1 
ATOM   1187 C  CB  . LEU A 1 157 ? -7.922  8.316   7.747   1.00 58.15  ? 163  LEU A CB  1 
ATOM   1188 C  CG  . LEU A 1 157 ? -6.643  7.506   7.861   1.00 57.68  ? 163  LEU A CG  1 
ATOM   1189 C  CD1 . LEU A 1 157 ? -5.976  7.418   6.507   1.00 56.98  ? 163  LEU A CD1 1 
ATOM   1190 C  CD2 . LEU A 1 157 ? -5.705  8.113   8.893   1.00 60.10  ? 163  LEU A CD2 1 
ATOM   1191 N  N   . ASP A 1 158 ? -9.544  10.584  8.955   1.00 50.44  ? 164  ASP A N   1 
ATOM   1192 C  CA  . ASP A 1 158 ? -10.456 11.682  8.623   1.00 62.42  ? 164  ASP A CA  1 
ATOM   1193 C  C   . ASP A 1 158 ? -10.531 11.825  7.097   1.00 61.63  ? 164  ASP A C   1 
ATOM   1194 O  O   . ASP A 1 158 ? -9.796  11.165  6.364   1.00 57.17  ? 164  ASP A O   1 
ATOM   1195 C  CB  . ASP A 1 158 ? -10.068 12.984  9.327   1.00 66.81  ? 164  ASP A CB  1 
ATOM   1196 C  CG  . ASP A 1 158 ? -8.657  13.455  9.041   1.00 71.11  ? 164  ASP A CG  1 
ATOM   1197 O  OD1 . ASP A 1 158 ? -8.120  13.104  7.974   1.00 76.01  ? 164  ASP A OD1 1 
ATOM   1198 O  OD2 . ASP A 1 158 ? -8.109  14.160  9.898   1.00 78.72  ? 164  ASP A OD2 1 
ATOM   1199 N  N   . GLU A 1 159 ? -11.427 12.703  6.646   1.00 66.42  ? 165  GLU A N   1 
ATOM   1200 C  CA  . GLU A 1 159 ? -11.733 12.883  5.221   1.00 72.62  ? 165  GLU A CA  1 
ATOM   1201 C  C   . GLU A 1 159 ? -10.549 13.522  4.483   1.00 64.09  ? 165  GLU A C   1 
ATOM   1202 O  O   . GLU A 1 159 ? -10.317 13.209  3.319   1.00 66.32  ? 165  GLU A O   1 
ATOM   1203 C  CB  . GLU A 1 159 ? -12.954 13.776  4.963   1.00 79.07  ? 165  GLU A CB  1 
ATOM   1204 C  CG  . GLU A 1 159 ? -13.608 14.374  6.198   1.00 93.86  ? 165  GLU A CG  1 
ATOM   1205 C  CD  . GLU A 1 159 ? -14.357 13.372  7.053   1.00 97.26  ? 165  GLU A CD  1 
ATOM   1206 O  OE1 . GLU A 1 159 ? -14.215 13.445  8.304   1.00 95.08  ? 165  GLU A OE1 1 
ATOM   1207 O  OE2 . GLU A 1 159 ? -15.064 12.516  6.463   1.00 87.07  ? 165  GLU A OE2 1 
ATOM   1208 N  N   . GLU A 1 160 ? -9.867  14.453  5.157   1.00 63.88  ? 166  GLU A N   1 
ATOM   1209 C  CA  . GLU A 1 160 ? -8.763  15.247  4.605   1.00 65.04  ? 166  GLU A CA  1 
ATOM   1210 C  C   . GLU A 1 160 ? -7.596  14.327  4.241   1.00 63.15  ? 166  GLU A C   1 
ATOM   1211 O  O   . GLU A 1 160 ? -7.078  14.431  3.119   1.00 60.22  ? 166  GLU A O   1 
ATOM   1212 C  CB  . GLU A 1 160 ? -8.286  16.295  5.615   1.00 70.56  ? 166  GLU A CB  1 
ATOM   1213 C  CG  . GLU A 1 160 ? -7.100  17.125  5.151   1.00 74.68  ? 166  GLU A CG  1 
ATOM   1214 C  CD  . GLU A 1 160 ? -6.660  18.173  6.157   1.00 86.19  ? 166  GLU A CD  1 
ATOM   1215 O  OE1 . GLU A 1 160 ? -6.380  19.317  5.740   1.00 94.86  ? 166  GLU A OE1 1 
ATOM   1216 O  OE2 . GLU A 1 160 ? -6.595  17.839  7.358   1.00 88.58  ? 166  GLU A OE2 1 
ATOM   1217 N  N   . SER A 1 161 ? -7.206  13.471  5.205   1.00 53.56  ? 167  SER A N   1 
ATOM   1218 C  CA  . SER A 1 161 ? -6.177  12.445  5.050   1.00 54.98  ? 167  SER A CA  1 
ATOM   1219 C  C   . SER A 1 161 ? -6.521  11.500  3.878   1.00 52.77  ? 167  SER A C   1 
ATOM   1220 O  O   . SER A 1 161 ? -5.675  11.191  3.024   1.00 50.47  ? 167  SER A O   1 
ATOM   1221 C  CB  . SER A 1 161 ? -5.998  11.686  6.341   1.00 57.65  ? 167  SER A CB  1 
ATOM   1222 O  OG  . SER A 1 161 ? -5.762  12.571  7.431   1.00 55.47  ? 167  SER A OG  1 
ATOM   1223 N  N   . ARG A 1 162 ? -7.780  11.067  3.815   1.00 47.72  ? 168  ARG A N   1 
ATOM   1224 C  CA  . ARG A 1 162 ? -8.271  10.204  2.746   1.00 47.87  ? 168  ARG A CA  1 
ATOM   1225 C  C   . ARG A 1 162 ? -8.286  10.953  1.404   1.00 48.08  ? 168  ARG A C   1 
ATOM   1226 O  O   . ARG A 1 162 ? -7.902  10.394  0.368   1.00 41.36  ? 168  ARG A O   1 
ATOM   1227 C  CB  . ARG A 1 162 ? -9.666  9.689   3.093   1.00 51.73  ? 168  ARG A CB  1 
ATOM   1228 C  CG  . ARG A 1 162 ? -9.675  8.677   4.230   1.00 54.07  ? 168  ARG A CG  1 
ATOM   1229 C  CD  . ARG A 1 162 ? -10.998 7.948   4.293   1.00 55.37  ? 168  ARG A CD  1 
ATOM   1230 N  NE  . ARG A 1 162 ? -11.944 8.618   5.160   1.00 59.81  ? 168  ARG A NE  1 
ATOM   1231 C  CZ  . ARG A 1 162 ? -13.248 8.742   4.930   1.00 61.26  ? 168  ARG A CZ  1 
ATOM   1232 N  NH1 . ARG A 1 162 ? -13.825 8.131   3.912   1.00 61.23  ? 168  ARG A NH1 1 
ATOM   1233 N  NH2 . ARG A 1 162 ? -13.970 9.519   5.714   1.00 74.99  ? 168  ARG A NH2 1 
ATOM   1234 N  N   . ALA A 1 163 ? -8.676  12.229  1.428   1.00 47.42  ? 169  ALA A N   1 
ATOM   1235 C  CA  . ALA A 1 163 ? -8.717  13.037  0.217   1.00 52.31  ? 169  ALA A CA  1 
ATOM   1236 C  C   . ALA A 1 163 ? -7.311  13.162  -0.359  1.00 49.46  ? 169  ALA A C   1 
ATOM   1237 O  O   . ALA A 1 163 ? -7.118  13.164  -1.592  1.00 49.89  ? 169  ALA A O   1 
ATOM   1238 C  CB  . ALA A 1 163 ? -9.323  14.402  0.487   1.00 59.97  ? 169  ALA A CB  1 
ATOM   1239 N  N   . ARG A 1 164 ? -6.326  13.256  0.537   1.00 49.26  ? 170  ARG A N   1 
ATOM   1240 C  CA  . ARG A 1 164 ? -4.959  13.416  0.090   1.00 53.11  ? 170  ARG A CA  1 
ATOM   1241 C  C   . ARG A 1 164 ? -4.452  12.123  -0.568  1.00 47.78  ? 170  ARG A C   1 
ATOM   1242 O  O   . ARG A 1 164 ? -3.797  12.165  -1.625  1.00 44.67  ? 170  ARG A O   1 
ATOM   1243 C  CB  . ARG A 1 164 ? -4.064  13.858  1.244   1.00 60.57  ? 170  ARG A CB  1 
ATOM   1244 C  CG  . ARG A 1 164 ? -4.041  15.365  1.386   1.00 69.46  ? 170  ARG A CG  1 
ATOM   1245 C  CD  . ARG A 1 164 ? -2.853  15.797  2.192   1.00 82.20  ? 170  ARG A CD  1 
ATOM   1246 N  NE  . ARG A 1 164 ? -3.293  16.540  3.362   1.00 95.62  ? 170  ARG A NE  1 
ATOM   1247 C  CZ  . ARG A 1 164 ? -2.543  16.705  4.434   1.00 103.45 ? 170  ARG A CZ  1 
ATOM   1248 N  NH1 . ARG A 1 164 ? -1.274  16.329  4.388   1.00 103.17 ? 170  ARG A NH1 1 
ATOM   1249 N  NH2 . ARG A 1 164 ? -3.061  17.222  5.536   1.00 100.40 ? 170  ARG A NH2 1 
ATOM   1250 N  N   . ILE A 1 165 ? -4.776  10.974  0.019   1.00 43.00  ? 171  ILE A N   1 
ATOM   1251 C  CA  . ILE A 1 165 ? -4.404  9.743   -0.631  1.00 44.72  ? 171  ILE A CA  1 
ATOM   1252 C  C   . ILE A 1 165 ? -5.077  9.661   -2.006  1.00 45.93  ? 171  ILE A C   1 
ATOM   1253 O  O   . ILE A 1 165 ? -4.395  9.405   -3.019  1.00 40.83  ? 171  ILE A O   1 
ATOM   1254 C  CB  . ILE A 1 165 ? -4.681  8.524   0.258   1.00 45.26  ? 171  ILE A CB  1 
ATOM   1255 C  CG1 . ILE A 1 165 ? -3.645  8.461   1.378   1.00 42.24  ? 171  ILE A CG1 1 
ATOM   1256 C  CG2 . ILE A 1 165 ? -4.679  7.243   -0.567  1.00 43.89  ? 171  ILE A CG2 1 
ATOM   1257 C  CD1 . ILE A 1 165 ? -4.194  7.970   2.663   1.00 46.65  ? 171  ILE A CD1 1 
ATOM   1258 N  N   . LYS A 1 166 ? -6.381  9.939   -2.065  1.00 42.87  ? 172  LYS A N   1 
ATOM   1259 C  CA  . LYS A 1 166 ? -7.101  9.778   -3.315  1.00 42.20  ? 172  LYS A CA  1 
ATOM   1260 C  C   . LYS A 1 166 ? -6.507  10.738  -4.335  1.00 42.30  ? 172  LYS A C   1 
ATOM   1261 O  O   . LYS A 1 166 ? -6.304  10.390  -5.496  1.00 46.49  ? 172  LYS A O   1 
ATOM   1262 C  CB  . LYS A 1 166 ? -8.612  9.997   -3.140  1.00 48.18  ? 172  LYS A CB  1 
ATOM   1263 C  CG  . LYS A 1 166 ? -9.346  8.970   -2.273  1.00 43.98  ? 172  LYS A CG  1 
ATOM   1264 C  CD  . LYS A 1 166 ? -10.707 9.439   -1.819  1.00 46.21  ? 172  LYS A CD  1 
ATOM   1265 C  CE  . LYS A 1 166 ? -11.458 8.376   -1.045  1.00 47.87  ? 172  LYS A CE  1 
ATOM   1266 N  NZ  . LYS A 1 166 ? -12.567 8.962   -0.271  1.00 48.70  ? 172  LYS A NZ  1 
ATOM   1267 N  N   . THR A 1 167 ? -6.197  11.955  -3.899  1.00 46.24  ? 173  THR A N   1 
ATOM   1268 C  CA  . THR A 1 167 ? -5.655  12.926  -4.865  1.00 46.33  ? 173  THR A CA  1 
ATOM   1269 C  C   . THR A 1 167 ? -4.306  12.437  -5.429  1.00 47.76  ? 173  THR A C   1 
ATOM   1270 O  O   . THR A 1 167 ? -4.003  12.690  -6.618  1.00 46.31  ? 173  THR A O   1 
ATOM   1271 C  CB  . THR A 1 167 ? -5.528  14.320  -4.249  1.00 41.14  ? 173  THR A CB  1 
ATOM   1272 O  OG1 . THR A 1 167 ? -6.804  14.628  -3.672  1.00 41.46  ? 173  THR A OG1 1 
ATOM   1273 C  CG2 . THR A 1 167 ? -5.070  15.338  -5.273  1.00 36.38  ? 173  THR A CG2 1 
ATOM   1274 N  N   . ARG A 1 168 ? -3.480  11.789  -4.580  1.00 45.15  ? 174  ARG A N   1 
ATOM   1275 C  CA  . ARG A 1 168 ? -2.128  11.389  -4.976  1.00 44.17  ? 174  ARG A CA  1 
ATOM   1276 C  C   . ARG A 1 168 ? -2.235  10.253  -6.007  1.00 45.10  ? 174  ARG A C   1 
ATOM   1277 O  O   . ARG A 1 168 ? -1.526  10.261  -7.061  1.00 48.22  ? 174  ARG A O   1 
ATOM   1278 C  CB  . ARG A 1 168 ? -1.284  11.031  -3.748  1.00 42.54  ? 174  ARG A CB  1 
ATOM   1279 C  CG  . ARG A 1 168 ? 0.106   10.503  -4.077  1.00 42.03  ? 174  ARG A CG  1 
ATOM   1280 C  CD  . ARG A 1 168 ? 0.950   11.483  -4.875  1.00 43.53  ? 174  ARG A CD  1 
ATOM   1281 N  NE  . ARG A 1 168 ? 2.322   11.009  -5.019  1.00 48.82  ? 174  ARG A NE  1 
ATOM   1282 C  CZ  . ARG A 1 168 ? 3.003   10.838  -6.169  1.00 46.30  ? 174  ARG A CZ  1 
ATOM   1283 N  NH1 . ARG A 1 168 ? 2.682   11.478  -7.273  1.00 43.54  ? 174  ARG A NH1 1 
ATOM   1284 N  NH2 . ARG A 1 168 ? 4.026   10.006  -6.209  1.00 45.30  ? 174  ARG A NH2 1 
ATOM   1285 N  N   . LEU A 1 169 ? -3.174  9.332   -5.760  1.00 41.45  ? 175  LEU A N   1 
ATOM   1286 C  CA  . LEU A 1 169 ? -3.430  8.197   -6.676  1.00 41.33  ? 175  LEU A CA  1 
ATOM   1287 C  C   . LEU A 1 169 ? -4.021  8.691   -8.007  1.00 39.38  ? 175  LEU A C   1 
ATOM   1288 O  O   . LEU A 1 169 ? -3.521  8.309   -9.079  1.00 47.09  ? 175  LEU A O   1 
ATOM   1289 C  CB  . LEU A 1 169 ? -4.348  7.192   -5.977  1.00 39.57  ? 175  LEU A CB  1 
ATOM   1290 C  CG  . LEU A 1 169 ? -3.704  6.425   -4.835  1.00 41.13  ? 175  LEU A CG  1 
ATOM   1291 C  CD1 . LEU A 1 169 ? -4.743  5.782   -3.941  1.00 44.27  ? 175  LEU A CD1 1 
ATOM   1292 C  CD2 . LEU A 1 169 ? -2.736  5.382   -5.370  1.00 48.26  ? 175  LEU A CD2 1 
ATOM   1293 N  N   . PHE A 1 170 ? -5.036  9.565   -7.971  1.00 37.93  ? 176  PHE A N   1 
ATOM   1294 C  CA  . PHE A 1 170 ? -5.587  10.109  -9.244  1.00 41.02  ? 176  PHE A CA  1 
ATOM   1295 C  C   . PHE A 1 170 ? -4.442  10.764  -10.049 1.00 40.75  ? 176  PHE A C   1 
ATOM   1296 O  O   . PHE A 1 170 ? -4.286  10.546  -11.253 1.00 41.83  ? 176  PHE A O   1 
ATOM   1297 C  CB  . PHE A 1 170 ? -6.772  11.041  -8.975  1.00 40.09  ? 176  PHE A CB  1 
ATOM   1298 C  CG  . PHE A 1 170 ? -7.498  11.525  -10.200 1.00 39.37  ? 176  PHE A CG  1 
ATOM   1299 C  CD1 . PHE A 1 170 ? -7.066  12.647  -10.879 1.00 41.40  ? 176  PHE A CD1 1 
ATOM   1300 C  CD2 . PHE A 1 170 ? -8.625  10.863  -10.681 1.00 42.79  ? 176  PHE A CD2 1 
ATOM   1301 C  CE1 . PHE A 1 170 ? -7.726  13.073  -12.034 1.00 48.73  ? 176  PHE A CE1 1 
ATOM   1302 C  CE2 . PHE A 1 170 ? -9.281  11.274  -11.842 1.00 38.67  ? 176  PHE A CE2 1 
ATOM   1303 C  CZ  . PHE A 1 170 ? -8.835  12.388  -12.518 1.00 45.30  ? 176  PHE A CZ  1 
ATOM   1304 N  N   . THR A 1 171 ? -3.589  11.512  -9.362  1.00 37.62  ? 177  THR A N   1 
ATOM   1305 C  CA  . THR A 1 171 ? -2.506  12.237  -9.995  1.00 42.38  ? 177  THR A CA  1 
ATOM   1306 C  C   . THR A 1 171 ? -1.509  11.273  -10.659 1.00 39.90  ? 177  THR A C   1 
ATOM   1307 O  O   . THR A 1 171 ? -1.005  11.560  -11.779 1.00 38.11  ? 177  THR A O   1 
ATOM   1308 C  CB  . THR A 1 171 ? -1.762  13.117  -8.973  1.00 45.88  ? 177  THR A CB  1 
ATOM   1309 O  OG1 . THR A 1 171 ? -2.708  13.971  -8.319  1.00 47.44  ? 177  THR A OG1 1 
ATOM   1310 C  CG2 . THR A 1 171 ? -0.668  13.957  -9.599  1.00 39.06  ? 177  THR A CG2 1 
ATOM   1311 N  N   . ILE A 1 172 ? -1.178  10.181  -9.961  1.00 37.95  ? 178  ILE A N   1 
ATOM   1312 C  CA  . ILE A 1 172 ? -0.268  9.174   -10.536 1.00 40.79  ? 178  ILE A CA  1 
ATOM   1313 C  C   . ILE A 1 172 ? -0.902  8.620   -11.813 1.00 39.49  ? 178  ILE A C   1 
ATOM   1314 O  O   . ILE A 1 172 ? -0.207  8.371   -12.808 1.00 39.29  ? 178  ILE A O   1 
ATOM   1315 C  CB  . ILE A 1 172 ? 0.060   8.029   -9.557  1.00 41.71  ? 178  ILE A CB  1 
ATOM   1316 C  CG1 . ILE A 1 172 ? 1.051   8.472   -8.470  1.00 39.93  ? 178  ILE A CG1 1 
ATOM   1317 C  CG2 . ILE A 1 172 ? 0.569   6.814   -10.336 1.00 39.38  ? 178  ILE A CG2 1 
ATOM   1318 C  CD1 . ILE A 1 172 ? 1.070   7.580   -7.226  1.00 42.14  ? 178  ILE A CD1 1 
ATOM   1319 N  N   . ARG A 1 173 ? -2.221  8.427   -11.757 1.00 39.40  ? 179  ARG A N   1 
ATOM   1320 C  CA  . ARG A 1 173 ? -2.922  7.876   -12.876 1.00 43.01  ? 179  ARG A CA  1 
ATOM   1321 C  C   . ARG A 1 173 ? -2.801  8.853   -14.039 1.00 43.59  ? 179  ARG A C   1 
ATOM   1322 O  O   . ARG A 1 173 ? -2.530  8.434   -15.167 1.00 45.97  ? 179  ARG A O   1 
ATOM   1323 C  CB  . ARG A 1 173 ? -4.377  7.564   -12.528 1.00 44.40  ? 179  ARG A CB  1 
ATOM   1324 C  CG  . ARG A 1 173 ? -5.255  7.399   -13.758 1.00 49.29  ? 179  ARG A CG  1 
ATOM   1325 C  CD  . ARG A 1 173 ? -6.678  6.979   -13.432 1.00 53.04  ? 179  ARG A CD  1 
ATOM   1326 N  NE  . ARG A 1 173 ? -7.627  7.343   -14.480 1.00 53.41  ? 179  ARG A NE  1 
ATOM   1327 C  CZ  . ARG A 1 173 ? -8.924  7.481   -14.268 1.00 49.19  ? 179  ARG A CZ  1 
ATOM   1328 N  NH1 . ARG A 1 173 ? -9.431  7.256   -13.064 1.00 50.34  ? 179  ARG A NH1 1 
ATOM   1329 N  NH2 . ARG A 1 173 ? -9.700  7.865   -15.252 1.00 42.96  ? 179  ARG A NH2 1 
ATOM   1330 N  N   . GLN A 1 174 ? -2.967  10.145  -13.747 1.00 40.87  ? 180  GLN A N   1 
ATOM   1331 C  CA  . GLN A 1 174 ? -3.055  11.107  -14.820 1.00 43.47  ? 180  GLN A CA  1 
ATOM   1332 C  C   . GLN A 1 174 ? -1.645  11.349  -15.363 1.00 45.48  ? 180  GLN A C   1 
ATOM   1333 O  O   . GLN A 1 174 ? -1.505  11.673  -16.545 1.00 37.80  ? 180  GLN A O   1 
ATOM   1334 C  CB  . GLN A 1 174 ? -3.772  12.389  -14.386 1.00 41.91  ? 180  GLN A CB  1 
ATOM   1335 C  CG  . GLN A 1 174 ? -5.278  12.219  -14.215 1.00 41.46  ? 180  GLN A CG  1 
ATOM   1336 C  CD  . GLN A 1 174 ? -5.968  11.835  -15.499 1.00 42.14  ? 180  GLN A CD  1 
ATOM   1337 O  OE1 . GLN A 1 174 ? -5.567  12.295  -16.577 1.00 44.10  ? 180  GLN A OE1 1 
ATOM   1338 N  NE2 . GLN A 1 174 ? -7.007  11.004  -15.388 1.00 32.96  ? 180  GLN A NE2 1 
ATOM   1339 N  N   . GLU A 1 175 ? -0.623  11.216  -14.507 1.00 43.51  ? 181  GLU A N   1 
ATOM   1340 C  CA  . GLU A 1 175 ? 0.738   11.372  -15.008 1.00 52.05  ? 181  GLU A CA  1 
ATOM   1341 C  C   . GLU A 1 175 ? 1.046   10.189  -15.940 1.00 51.81  ? 181  GLU A C   1 
ATOM   1342 O  O   . GLU A 1 175 ? 1.538   10.378  -17.072 1.00 44.07  ? 181  GLU A O   1 
ATOM   1343 C  CB  . GLU A 1 175 ? 1.788   11.505  -13.893 1.00 57.94  ? 181  GLU A CB  1 
ATOM   1344 C  CG  . GLU A 1 175 ? 2.276   12.935  -13.647 1.00 63.98  ? 181  GLU A CG  1 
ATOM   1345 C  CD  . GLU A 1 175 ? 2.824   13.691  -14.856 1.00 71.05  ? 181  GLU A CD  1 
ATOM   1346 O  OE1 . GLU A 1 175 ? 3.600   13.084  -15.656 1.00 75.77  ? 181  GLU A OE1 1 
ATOM   1347 O  OE2 . GLU A 1 175 ? 2.440   14.876  -15.028 1.00 71.84  ? 181  GLU A OE2 1 
ATOM   1348 N  N   . MET A 1 176 ? 0.740   8.971   -15.480 1.00 47.97  ? 182  MET A N   1 
ATOM   1349 C  CA  . MET A 1 176 ? 0.895   7.812   -16.363 1.00 48.29  ? 182  MET A CA  1 
ATOM   1350 C  C   . MET A 1 176 ? 0.142   8.103   -17.660 1.00 48.20  ? 182  MET A C   1 
ATOM   1351 O  O   . MET A 1 176 ? 0.685   7.909   -18.739 1.00 44.33  ? 182  MET A O   1 
ATOM   1352 C  CB  . MET A 1 176 ? 0.376   6.511   -15.741 1.00 45.82  ? 182  MET A CB  1 
ATOM   1353 C  CG  . MET A 1 176 ? 1.362   5.868   -14.789 1.00 45.46  ? 182  MET A CG  1 
ATOM   1354 S  SD  . MET A 1 176 ? 0.631   4.497   -13.878 1.00 49.53  ? 182  MET A SD  1 
ATOM   1355 C  CE  . MET A 1 176 ? 1.853   4.204   -12.610 1.00 48.95  ? 182  MET A CE  1 
ATOM   1356 N  N   . ALA A 1 177 ? -1.098  8.598   -17.539 1.00 50.42  ? 183  ALA A N   1 
ATOM   1357 C  CA  . ALA A 1 177 ? -1.951  8.758   -18.730 1.00 51.89  ? 183  ALA A CA  1 
ATOM   1358 C  C   . ALA A 1 177 ? -1.263  9.718   -19.696 1.00 52.32  ? 183  ALA A C   1 
ATOM   1359 O  O   . ALA A 1 177 ? -1.204  9.458   -20.896 1.00 59.81  ? 183  ALA A O   1 
ATOM   1360 C  CB  . ALA A 1 177 ? -3.328  9.236   -18.352 1.00 56.21  ? 183  ALA A CB  1 
ATOM   1361 N  N   . SER A 1 178 ? -0.725  10.798  -19.123 1.00 57.13  ? 184  SER A N   1 
ATOM   1362 C  CA  . SER A 1 178 ? 0.003   11.871  -19.813 1.00 58.46  ? 184  SER A CA  1 
ATOM   1363 C  C   . SER A 1 178 ? 1.134   11.304  -20.691 1.00 64.18  ? 184  SER A C   1 
ATOM   1364 O  O   . SER A 1 178 ? 1.375   11.821  -21.798 1.00 54.06  ? 184  SER A O   1 
ATOM   1365 C  CB  . SER A 1 178 ? 0.555   12.837  -18.815 1.00 51.51  ? 184  SER A CB  1 
ATOM   1366 O  OG  . SER A 1 178 ? 1.011   13.987  -19.480 1.00 62.96  ? 184  SER A OG  1 
ATOM   1367 N  N   . ARG A 1 179 ? 1.783   10.232  -20.194 1.00 59.84  ? 185  ARG A N   1 
ATOM   1368 C  CA  . ARG A 1 179 ? 2.921   9.558   -20.837 1.00 57.66  ? 185  ARG A CA  1 
ATOM   1369 C  C   . ARG A 1 179 ? 2.493   8.286   -21.588 1.00 53.90  ? 185  ARG A C   1 
ATOM   1370 O  O   . ARG A 1 179 ? 3.287   7.396   -21.788 1.00 51.87  ? 185  ARG A O   1 
ATOM   1371 C  CB  . ARG A 1 179 ? 3.957   9.182   -19.768 1.00 54.79  ? 185  ARG A CB  1 
ATOM   1372 C  CG  . ARG A 1 179 ? 4.582   10.390  -19.093 1.00 55.92  ? 185  ARG A CG  1 
ATOM   1373 C  CD  . ARG A 1 179 ? 5.569   9.978   -18.035 1.00 62.38  ? 185  ARG A CD  1 
ATOM   1374 N  NE  . ARG A 1 179 ? 5.914   11.079  -17.147 1.00 68.22  ? 185  ARG A NE  1 
ATOM   1375 C  CZ  . ARG A 1 179 ? 7.121   11.254  -16.615 1.00 82.39  ? 185  ARG A CZ  1 
ATOM   1376 N  NH1 . ARG A 1 179 ? 8.145   10.540  -17.067 1.00 88.57  ? 185  ARG A NH1 1 
ATOM   1377 N  NH2 . ARG A 1 179 ? 7.296   12.134  -15.641 1.00 79.75  ? 185  ARG A NH2 1 
ATOM   1378 N  N   . SER A 1 180 ? 1.223   8.181   -21.961 1.00 57.08  ? 186  SER A N   1 
ATOM   1379 C  CA  . SER A 1 180 ? 0.700   6.996   -22.641 1.00 58.75  ? 186  SER A CA  1 
ATOM   1380 C  C   . SER A 1 180 ? 1.151   5.714   -21.933 1.00 57.72  ? 186  SER A C   1 
ATOM   1381 O  O   . SER A 1 180 ? 1.540   4.765   -22.598 1.00 56.53  ? 186  SER A O   1 
ATOM   1382 C  CB  . SER A 1 180 ? 1.102   7.009   -24.100 1.00 55.67  ? 186  SER A CB  1 
ATOM   1383 O  OG  . SER A 1 180 ? 0.257   7.889   -24.842 1.00 63.64  ? 186  SER A OG  1 
ATOM   1384 N  N   . LEU A 1 181 ? 1.088   5.691   -20.589 1.00 57.86  ? 187  LEU A N   1 
ATOM   1385 C  CA  . LEU A 1 181 ? 1.562   4.537   -19.792 1.00 52.78  ? 187  LEU A CA  1 
ATOM   1386 C  C   . LEU A 1 181 ? 0.426   3.878   -19.012 1.00 48.77  ? 187  LEU A C   1 
ATOM   1387 O  O   . LEU A 1 181 ? 0.630   2.837   -18.377 1.00 49.61  ? 187  LEU A O   1 
ATOM   1388 C  CB  . LEU A 1 181 ? 2.652   5.004   -18.832 1.00 52.76  ? 187  LEU A CB  1 
ATOM   1389 C  CG  . LEU A 1 181 ? 4.031   5.227   -19.450 1.00 56.26  ? 187  LEU A CG  1 
ATOM   1390 C  CD1 . LEU A 1 181 ? 5.053   5.557   -18.363 1.00 57.93  ? 187  LEU A CD1 1 
ATOM   1391 C  CD2 . LEU A 1 181 ? 4.482   4.013   -20.239 1.00 57.70  ? 187  LEU A CD2 1 
ATOM   1392 N  N   . TRP A 1 182 ? -0.763  4.482   -19.069 1.00 48.90  ? 188  TRP A N   1 
ATOM   1393 C  CA  . TRP A 1 182 ? -1.808  4.130   -18.146 1.00 49.90  ? 188  TRP A CA  1 
ATOM   1394 C  C   . TRP A 1 182 ? -2.554  2.879   -18.631 1.00 51.82  ? 188  TRP A C   1 
ATOM   1395 O  O   . TRP A 1 182 ? -2.966  2.083   -17.774 1.00 45.82  ? 188  TRP A O   1 
ATOM   1396 C  CB  . TRP A 1 182 ? -2.756  5.311   -17.898 1.00 48.80  ? 188  TRP A CB  1 
ATOM   1397 C  CG  . TRP A 1 182 ? -3.981  4.911   -17.133 1.00 47.60  ? 188  TRP A CG  1 
ATOM   1398 C  CD1 . TRP A 1 182 ? -5.251  4.810   -17.627 1.00 42.78  ? 188  TRP A CD1 1 
ATOM   1399 C  CD2 . TRP A 1 182 ? -4.045  4.456   -15.767 1.00 45.64  ? 188  TRP A CD2 1 
ATOM   1400 N  NE1 . TRP A 1 182 ? -6.099  4.345   -16.659 1.00 47.41  ? 188  TRP A NE1 1 
ATOM   1401 C  CE2 . TRP A 1 182 ? -5.395  4.133   -15.504 1.00 45.06  ? 188  TRP A CE2 1 
ATOM   1402 C  CE3 . TRP A 1 182 ? -3.106  4.295   -14.743 1.00 47.49  ? 188  TRP A CE3 1 
ATOM   1403 C  CZ2 . TRP A 1 182 ? -5.829  3.705   -14.256 1.00 43.01  ? 188  TRP A CZ2 1 
ATOM   1404 C  CZ3 . TRP A 1 182 ? -3.528  3.865   -13.504 1.00 43.38  ? 188  TRP A CZ3 1 
ATOM   1405 C  CH2 . TRP A 1 182 ? -4.875  3.574   -13.266 1.00 47.69  ? 188  TRP A CH2 1 
ATOM   1406 N  N   . ASP A 1 183 ? -2.711  2.694   -19.958 1.00 51.93  ? 189  ASP A N   1 
ATOM   1407 C  CA  . ASP A 1 183 ? -3.474  1.521   -20.480 1.00 60.25  ? 189  ASP A CA  1 
ATOM   1408 C  C   . ASP A 1 183 ? -2.746  0.209   -20.172 1.00 54.92  ? 189  ASP A C   1 
ATOM   1409 O  O   . ASP A 1 183 ? -3.384  -0.766  -19.819 1.00 55.21  ? 189  ASP A O   1 
ATOM   1410 C  CB  . ASP A 1 183 ? -3.824  1.633   -21.968 1.00 68.62  ? 189  ASP A CB  1 
ATOM   1411 C  CG  . ASP A 1 183 ? -5.179  2.288   -22.194 1.00 75.31  ? 189  ASP A CG  1 
ATOM   1412 O  OD1 . ASP A 1 183 ? -6.190  1.768   -21.666 1.00 81.19  ? 189  ASP A OD1 1 
ATOM   1413 O  OD2 . ASP A 1 183 ? -5.211  3.334   -22.856 1.00 83.78  ? 189  ASP A OD2 1 
ATOM   1414 N  N   . SER A 1 184 ? -1.421  0.208   -20.301 1.00 53.31  ? 190  SER A N   1 
ATOM   1415 C  CA  . SER A 1 184 ? -0.604  -0.933  -19.941 1.00 51.74  ? 190  SER A CA  1 
ATOM   1416 C  C   . SER A 1 184 ? -0.843  -1.229  -18.467 1.00 55.00  ? 190  SER A C   1 
ATOM   1417 O  O   . SER A 1 184 ? -1.115  -2.356  -18.074 1.00 56.15  ? 190  SER A O   1 
ATOM   1418 C  CB  . SER A 1 184 ? 0.876   -0.654  -20.236 1.00 53.74  ? 190  SER A CB  1 
ATOM   1419 O  OG  . SER A 1 184 ? 1.747   -1.662  -19.711 1.00 53.87  ? 190  SER A OG  1 
ATOM   1420 N  N   . PHE A 1 185 ? -0.736  -0.167  -17.667 1.00 58.10  ? 191  PHE A N   1 
ATOM   1421 C  CA  . PHE A 1 185 ? -0.667  -0.303  -16.234 1.00 58.37  ? 191  PHE A CA  1 
ATOM   1422 C  C   . PHE A 1 185 ? -2.040  -0.755  -15.699 1.00 56.18  ? 191  PHE A C   1 
ATOM   1423 O  O   . PHE A 1 185 ? -2.128  -1.632  -14.820 1.00 57.39  ? 191  PHE A O   1 
ATOM   1424 C  CB  . PHE A 1 185 ? -0.133  1.004   -15.634 1.00 54.59  ? 191  PHE A CB  1 
ATOM   1425 C  CG  . PHE A 1 185 ? 0.026   0.928   -14.138 1.00 58.88  ? 191  PHE A CG  1 
ATOM   1426 C  CD1 . PHE A 1 185 ? 0.956   0.068   -13.566 1.00 55.81  ? 191  PHE A CD1 1 
ATOM   1427 C  CD2 . PHE A 1 185 ? -0.824  1.632   -13.297 1.00 55.47  ? 191  PHE A CD2 1 
ATOM   1428 C  CE1 . PHE A 1 185 ? 1.067   -0.034  -12.186 1.00 56.20  ? 191  PHE A CE1 1 
ATOM   1429 C  CE2 . PHE A 1 185 ? -0.724  1.508   -11.918 1.00 54.24  ? 191  PHE A CE2 1 
ATOM   1430 C  CZ  . PHE A 1 185 ? 0.226   0.683   -11.363 1.00 54.54  ? 191  PHE A CZ  1 
ATOM   1431 N  N   . ARG A 1 186 ? -3.100  -0.128  -16.230 1.00 56.31  ? 192  ARG A N   1 
ATOM   1432 C  CA  . ARG A 1 186 ? -4.502  -0.472  -15.963 1.00 60.64  ? 192  ARG A CA  1 
ATOM   1433 C  C   . ARG A 1 186 ? -4.721  -1.980  -16.098 1.00 60.47  ? 192  ARG A C   1 
ATOM   1434 O  O   . ARG A 1 186 ? -5.333  -2.562  -15.235 1.00 49.56  ? 192  ARG A O   1 
ATOM   1435 C  CB  . ARG A 1 186 ? -5.466  0.203   -16.944 1.00 56.91  ? 192  ARG A CB  1 
ATOM   1436 C  CG  . ARG A 1 186 ? -6.927  0.039   -16.553 1.00 64.78  ? 192  ARG A CG  1 
ATOM   1437 C  CD  . ARG A 1 186 ? -7.819  -0.584  -17.622 1.00 76.91  ? 192  ARG A CD  1 
ATOM   1438 N  NE  . ARG A 1 186 ? -7.657  0.022   -18.952 1.00 82.98  ? 192  ARG A NE  1 
ATOM   1439 C  CZ  . ARG A 1 186 ? -8.048  -0.550  -20.091 1.00 79.38  ? 192  ARG A CZ  1 
ATOM   1440 N  NH1 . ARG A 1 186 ? -7.887  0.064   -21.253 1.00 79.60  ? 192  ARG A NH1 1 
ATOM   1441 N  NH2 . ARG A 1 186 ? -8.599  -1.750  -20.057 1.00 96.97  ? 192  ARG A NH2 1 
ATOM   1442 N  N   . GLN A 1 187 ? -4.210  -2.568  -17.197 1.00 62.44  ? 193  GLN A N   1 
ATOM   1443 C  CA  . GLN A 1 187 ? -4.608  -3.890  -17.673 1.00 55.91  ? 193  GLN A CA  1 
ATOM   1444 C  C   . GLN A 1 187 ? -3.683  -4.963  -17.089 1.00 57.05  ? 193  GLN A C   1 
ATOM   1445 O  O   . GLN A 1 187 ? -3.805  -6.136  -17.473 1.00 63.00  ? 193  GLN A O   1 
ATOM   1446 C  CB  . GLN A 1 187 ? -4.578  -3.956  -19.205 1.00 56.83  ? 193  GLN A CB  1 
ATOM   1447 C  CG  . GLN A 1 187 ? -5.688  -3.189  -19.905 1.00 54.79  ? 193  GLN A CG  1 
ATOM   1448 C  CD  . GLN A 1 187 ? -5.643  -3.369  -21.406 1.00 59.18  ? 193  GLN A CD  1 
ATOM   1449 O  OE1 . GLN A 1 187 ? -5.922  -4.449  -21.917 1.00 56.71  ? 193  GLN A OE1 1 
ATOM   1450 N  NE2 . GLN A 1 187 ? -5.278  -2.314  -22.124 1.00 54.51  ? 193  GLN A NE2 1 
ATOM   1451 N  N   . SER A 1 188 ? -2.832  -4.588  -16.121 1.00 55.12  ? 194  SER A N   1 
ATOM   1452 C  CA  . SER A 1 188 ? -1.666  -5.391  -15.696 1.00 55.71  ? 194  SER A CA  1 
ATOM   1453 C  C   . SER A 1 188 ? -1.789  -5.866  -14.242 1.00 57.99  ? 194  SER A C   1 
ATOM   1454 O  O   . SER A 1 188 ? -0.794  -6.304  -13.624 1.00 54.70  ? 194  SER A O   1 
ATOM   1455 C  CB  . SER A 1 188 ? -0.399  -4.594  -15.931 1.00 59.90  ? 194  SER A CB  1 
ATOM   1456 O  OG  . SER A 1 188 ? 0.728   -5.154  -15.285 1.00 62.70  ? 194  SER A OG  1 
ATOM   1457 N  N   . GLU A 1 189 ? -3.010  -5.835  -13.699 1.00 59.61  ? 195  GLU A N   1 
ATOM   1458 C  CA  . GLU A 1 189 ? -3.208  -6.224  -12.306 1.00 67.70  ? 195  GLU A CA  1 
ATOM   1459 C  C   . GLU A 1 189 ? -3.645  -7.698  -12.241 1.00 76.91  ? 195  GLU A C   1 
ATOM   1460 O  O   . GLU A 1 189 ? -4.568  -8.133  -12.926 1.00 76.13  ? 195  GLU A O   1 
ATOM   1461 C  CB  . GLU A 1 189 ? -4.201  -5.283  -11.605 1.00 64.60  ? 195  GLU A CB  1 
ATOM   1462 C  CG  . GLU A 1 189 ? -4.261  -5.506  -10.096 1.00 61.21  ? 195  GLU A CG  1 
ATOM   1463 C  CD  . GLU A 1 189 ? -5.021  -4.474  -9.273  1.00 56.41  ? 195  GLU A CD  1 
ATOM   1464 O  OE1 . GLU A 1 189 ? -4.558  -3.352  -9.194  1.00 53.47  ? 195  GLU A OE1 1 
ATOM   1465 O  OE2 . GLU A 1 189 ? -6.070  -4.801  -8.706  1.00 55.79  ? 195  GLU A OE2 1 
ATOM   1466 N  N   . ARG A 1 190 ? -3.054  -8.427  -11.291 1.00 97.54  ? 196  ARG A N   1 
ATOM   1467 C  CA  . ARG A 1 190 ? -3.097  -9.896  -11.226 1.00 98.18  ? 196  ARG A CA  1 
ATOM   1468 C  C   . ARG A 1 190 ? -4.157  -10.332 -10.195 1.00 92.19  ? 196  ARG A C   1 
ATOM   1469 O  O   . ARG A 1 190 ? -4.078  -10.024 -8.992  1.00 84.51  ? 196  ARG A O   1 
ATOM   1470 C  CB  . ARG A 1 190 ? -1.686  -10.437 -10.947 1.00 98.05  ? 196  ARG A CB  1 
ATOM   1471 C  CG  . ARG A 1 190 ? -0.761  -9.487  -10.190 1.00 103.61 ? 196  ARG A CG  1 
ATOM   1472 C  CD  . ARG A 1 190 ? -0.222  -8.252  -10.933 1.00 105.80 ? 196  ARG A CD  1 
ATOM   1473 N  NE  . ARG A 1 190 ? -0.298  -7.053  -10.085 1.00 109.08 ? 196  ARG A NE  1 
ATOM   1474 C  CZ  . ARG A 1 190 ? 0.627   -6.098  -9.977  1.00 90.35  ? 196  ARG A CZ  1 
ATOM   1475 N  NH1 . ARG A 1 190 ? 0.954   -5.662  -8.776  1.00 73.36  ? 196  ARG A NH1 1 
ATOM   1476 N  NH2 . ARG A 1 190 ? 1.201   -5.560  -11.041 1.00 85.36  ? 196  ARG A NH2 1 
HETATM 1477 MN MN  . MN  B 2 .   ? -1.049  -3.989  1.267   1.00 51.46  ? 901  MN  A MN  1 
HETATM 1478 MN MN  . MN  C 2 .   ? 2.029   -5.353  2.948   1.00 72.22  ? 902  MN  A MN  1 
HETATM 1479 C  C1  . EDO D 3 .   ? 7.363   -13.433 5.289   0.50 55.43  ? 903  EDO A C1  1 
HETATM 1480 O  O1  . EDO D 3 .   ? 6.575   -12.298 4.954   0.50 55.68  ? 903  EDO A O1  1 
HETATM 1481 C  C2  . EDO D 3 .   ? 6.515   -14.466 6.017   0.50 54.79  ? 903  EDO A C2  1 
HETATM 1482 O  O2  . EDO D 3 .   ? 7.292   -15.673 6.242   0.50 52.25  ? 903  EDO A O2  1 
HETATM 1483 O  OAA . HOG E 4 .   ? 0.059   -9.273  -7.132  1.00 134.53 ? 904  HOG A OAA 1 
HETATM 1484 C  CAM . HOG E 4 .   ? -0.582  -8.946  -6.109  1.00 132.19 ? 904  HOG A CAM 1 
HETATM 1485 O  OAC . HOG E 4 .   ? -1.620  -8.232  -6.200  1.00 122.00 ? 904  HOG A OAC 1 
HETATM 1486 C  CAP . HOG E 4 .   ? -0.150  -9.368  -4.855  1.00 135.34 ? 904  HOG A CAP 1 
HETATM 1487 C  CAK . HOG E 4 .   ? 0.078   -8.390  -3.891  1.00 119.80 ? 904  HOG A CAK 1 
HETATM 1488 C  CAH . HOG E 4 .   ? 0.038   -10.729 -4.559  1.00 138.96 ? 904  HOG A CAH 1 
HETATM 1489 C  CAG . HOG E 4 .   ? 0.453   -11.105 -3.280  1.00 131.84 ? 904  HOG A CAG 1 
HETATM 1490 C  CAI . HOG E 4 .   ? 0.678   -10.117 -2.317  1.00 121.09 ? 904  HOG A CAI 1 
HETATM 1491 C  CAQ . HOG E 4 .   ? 0.537   -8.752  -2.631  1.00 114.00 ? 904  HOG A CAQ 1 
HETATM 1492 C  CAR . HOG E 4 .   ? 0.700   -7.810  -1.619  1.00 105.05 ? 904  HOG A CAR 1 
HETATM 1493 C  CAJ . HOG E 4 .   ? -0.207  -6.744  -1.584  1.00 94.38  ? 904  HOG A CAJ 1 
HETATM 1494 N  NAL . HOG E 4 .   ? 1.615   -7.966  -0.628  1.00 95.97  ? 904  HOG A NAL 1 
HETATM 1495 C  CAT . HOG E 4 .   ? 1.721   -7.114  0.415   1.00 87.84  ? 904  HOG A CAT 1 
HETATM 1496 C  CAN . HOG E 4 .   ? 2.746   -7.389  1.356   1.00 87.36  ? 904  HOG A CAN 1 
HETATM 1497 O  OAD . HOG E 4 .   ? 3.691   -8.130  1.045   1.00 86.29  ? 904  HOG A OAD 1 
HETATM 1498 O  OAB . HOG E 4 .   ? 2.777   -6.900  2.502   1.00 84.51  ? 904  HOG A OAB 1 
HETATM 1499 C  CAS . HOG E 4 .   ? 0.807   -6.034  0.449   1.00 78.38  ? 904  HOG A CAS 1 
HETATM 1500 O  OAF . HOG E 4 .   ? 0.835   -5.137  1.447   1.00 67.00  ? 904  HOG A OAF 1 
HETATM 1501 C  CAO . HOG E 4 .   ? -0.145  -5.836  -0.548  1.00 84.01  ? 904  HOG A CAO 1 
HETATM 1502 O  OAE . HOG E 4 .   ? -1.005  -4.770  -0.490  1.00 72.05  ? 904  HOG A OAE 1 
HETATM 1503 O  O   . HOH F 5 .   ? 0.248   -6.726  3.919   1.00 53.41  ? 1001 HOH A O   1 
HETATM 1504 O  O   . HOH F 5 .   ? 2.104   -9.345  -8.081  1.00 77.50  ? 1002 HOH A O   1 
HETATM 1505 O  O   . HOH F 5 .   ? -10.082 1.722   7.593   1.00 52.87  ? 1003 HOH A O   1 
HETATM 1506 O  O   . HOH F 5 .   ? 3.517   -5.711  4.843   1.00 50.88  ? 1004 HOH A O   1 
HETATM 1507 O  O   . HOH F 5 .   ? -3.034  -6.220  -7.344  1.00 57.61  ? 1005 HOH A O   1 
HETATM 1508 O  O   . HOH F 5 .   ? -2.194  -3.895  -2.785  1.00 48.08  ? 1006 HOH A O   1 
HETATM 1509 O  O   . HOH F 5 .   ? -8.066  1.127   11.749  1.00 43.01  ? 1007 HOH A O   1 
HETATM 1510 O  O   . HOH F 5 .   ? -12.077 4.943   12.871  1.00 55.39  ? 1008 HOH A O   1 
HETATM 1511 O  O   . HOH F 5 .   ? -2.494  -0.717  -8.102  1.00 40.64  ? 1009 HOH A O   1 
HETATM 1512 O  O   . HOH F 5 .   ? 6.025   -6.836  2.444   1.00 65.82  ? 1010 HOH A O   1 
HETATM 1513 O  O   . HOH F 5 .   ? -12.451 11.811  0.447   1.00 46.36  ? 1011 HOH A O   1 
HETATM 1514 O  O   . HOH F 5 .   ? 1.379   -8.347  -13.345 1.00 67.29  ? 1012 HOH A O   1 
HETATM 1515 O  O   . HOH F 5 .   ? -6.887  11.213  10.207  1.00 64.53  ? 1013 HOH A O   1 
HETATM 1516 O  O   . HOH F 5 .   ? -0.514  -0.680  -6.451  1.00 47.12  ? 1014 HOH A O   1 
HETATM 1517 O  O   . HOH F 5 .   ? -2.395  5.710   -21.360 1.00 40.14  ? 1015 HOH A O   1 
HETATM 1518 O  O   . HOH F 5 .   ? 7.491   -2.775  -0.410  1.00 47.43  ? 1016 HOH A O   1 
HETATM 1519 O  O   . HOH F 5 .   ? -4.660  -10.301 13.322  1.00 45.93  ? 1017 HOH A O   1 
HETATM 1520 O  O   . HOH F 5 .   ? -1.552  -9.345  2.049   1.00 62.08  ? 1018 HOH A O   1 
HETATM 1521 O  O   . HOH F 5 .   ? -7.052  8.214   -17.657 1.00 43.84  ? 1019 HOH A O   1 
HETATM 1522 O  O   . HOH F 5 .   ? -0.847  15.920  -14.778 1.00 53.26  ? 1020 HOH A O   1 
HETATM 1523 O  O   . HOH F 5 .   ? -3.099  -9.823  -2.627  1.00 62.99  ? 1021 HOH A O   1 
HETATM 1524 O  O   . HOH F 5 .   ? -0.518  -2.737  -4.734  1.00 50.84  ? 1022 HOH A O   1 
HETATM 1525 O  O   . HOH F 5 .   ? 3.756   -4.933  -1.714  1.00 59.43  ? 1023 HOH A O   1 
HETATM 1526 O  O   . HOH F 5 .   ? 2.092   -4.159  -3.606  1.00 65.70  ? 1024 HOH A O   1 
HETATM 1527 O  O   . HOH F 5 .   ? 8.018   -7.853  -4.655  1.00 57.78  ? 1025 HOH A O   1 
# 
